data_8WTA
#
_entry.id   8WTA
#
_cell.length_a   1.00
_cell.length_b   1.00
_cell.length_c   1.00
_cell.angle_alpha   90.00
_cell.angle_beta   90.00
_cell.angle_gamma   90.00
#
_symmetry.space_group_name_H-M   'P 1'
#
loop_
_entity.id
_entity.type
_entity.pdbx_description
1 polymer 'Toll-like receptor 4'
2 polymer 'Lymphocyte antigen 96'
3 branched beta-D-mannopyranose-(1-4)-2-acetamido-2-deoxy-beta-D-glucopyranose-(1-4)-2-acetamido-2-deoxy-beta-D-glucopyranose
4 branched 2-acetamido-2-deoxy-beta-D-glucopyranose-(1-4)-2-acetamido-2-deoxy-beta-D-glucopyranose
5 non-polymer 2-amino-2-deoxy-4-O-phosphono-alpha-D-glucopyranose
6 non-polymer 2-acetamido-2-deoxy-beta-D-glucopyranose
7 non-polymer '(3R)-3-(dodecanoyloxy)tetradecanoic acid'
8 non-polymer '(3R)-3-(tetradecanoyloxy)tetradecanoic acid'
9 non-polymer 2-(hydroxymethyl)-5-methoxy-3,6-bis(oxidanyl)pyran-4-one
#
loop_
_entity_poly.entity_id
_entity_poly.type
_entity_poly.pdbx_seq_one_letter_code
_entity_poly.pdbx_strand_id
1 'polypeptide(L)'
;EPCVEVVPNITYQCMELNFYKIPDNLPFSTKNLDLSFNPLRHLGSYSFFSFPELQVLDLSRCEIQTIEDGAYQSLSHLST
LILTGNPIQSLALGAFSGLSSLQKLVAVETNLASLENFPIGHLKTLKELNVAHNLIQSFKLPEYFSNLTNLEHLDLSSNK
IQSIYCTDLRVLHQMPLLNLSLDLSLNPMNFIQPGAFKEIRLHKLTLRNNFDSLNVMKTCIQGLAGLEVHRLVLGEFRNE
GNLEKFDKSALEGLCNLTIEEFRLAYLDYYLDDIIDLFNCLTNVSSFSLVSVTIERVKDFSYNFGWQHLELVNCKFGQFP
TLKLKSLKRLTFTSNKGGNAFSEVDLPSLEFLDLSRNGLSFKGCCSQSDFGTTSLKYLDLSFNGVITMSSNFLGLEQLEH
LDFQHSNLKQMSEFSVFLSLRNLIYLDISHTHTRVAFNGIFNGLSSLEVLKMAGNSFQENFLPDIFTELRNLTFLDLSQC
QLEQLSPTAFNSLSSLQVLNMSHNNFFSLDTFPYKCLNSLQVLDYSLNHIMTSKKQELQHFPSSLAFLNLTQNDFACTCE
HQSFLQWIKDQRQLLVEVERMECATPSDKQGMPVLSLNITCQMNK
;
A,B
2 'polypeptide(L)'
;QKQYWVCNSSDASISYTYCDKMQYPISINVNPCIELKGSKGLLHIFYIPRRDLKQLYFNLYITVNTMNLPKRKEVICRGS
DDDYSFCRALKGETVNTTISFSFKGIKFSKGKYKCVVEAISGSPEEMLFCLEFVILHQPNSN
;
C,D
#
loop_
_chem_comp.id
_chem_comp.type
_chem_comp.name
_chem_comp.formula
0IL non-polymer '(3R)-3-(tetradecanoyloxy)tetradecanoic acid' 'C28 H54 O4'
2IL non-polymer '(3R)-3-(dodecanoyloxy)tetradecanoic acid' 'C26 H50 O4'
BMA D-saccharide, beta linking beta-D-mannopyranose 'C6 H12 O6'
GP4 D-saccharide, alpha linking 2-amino-2-deoxy-4-O-phosphono-alpha-D-glucopyranose 'C6 H14 N O8 P'
NAG D-saccharide, beta linking 2-acetamido-2-deoxy-beta-D-glucopyranose 'C8 H15 N O6'
XIQ D-saccharide, alpha linking 2-(hydroxymethyl)-5-methoxy-3,6-bis(oxidanyl)pyran-4-one 'C7 H8 O6'
#
# COMPACT_ATOMS: atom_id res chain seq x y z
N GLU A 1 -10.22 -58.47 13.07
CA GLU A 1 -9.03 -58.29 12.24
C GLU A 1 -8.15 -57.19 12.79
N PRO A 2 -7.07 -57.58 13.49
CA PRO A 2 -6.13 -56.56 14.00
C PRO A 2 -5.52 -55.71 12.90
N CYS A 3 -5.09 -56.33 11.80
CA CYS A 3 -4.59 -55.55 10.67
C CYS A 3 -5.72 -54.73 10.07
N VAL A 4 -5.53 -53.41 10.05
CA VAL A 4 -6.59 -52.51 9.61
C VAL A 4 -6.84 -52.67 8.12
N GLU A 5 -8.12 -52.78 7.77
CA GLU A 5 -8.56 -52.74 6.38
C GLU A 5 -8.87 -51.28 6.06
N VAL A 6 -8.07 -50.68 5.18
CA VAL A 6 -8.32 -49.30 4.80
C VAL A 6 -9.17 -49.23 3.53
N VAL A 7 -8.95 -50.17 2.61
CA VAL A 7 -9.81 -50.33 1.43
C VAL A 7 -10.08 -51.82 1.30
N PRO A 8 -11.34 -52.25 1.14
CA PRO A 8 -11.66 -53.67 1.29
C PRO A 8 -11.13 -54.50 0.12
N ASN A 9 -10.54 -55.65 0.46
CA ASN A 9 -10.19 -56.73 -0.45
C ASN A 9 -9.12 -56.36 -1.46
N ILE A 10 -8.49 -55.19 -1.35
CA ILE A 10 -7.37 -54.87 -2.22
C ILE A 10 -6.15 -54.44 -1.42
N THR A 11 -6.31 -53.48 -0.51
CA THR A 11 -5.20 -52.97 0.28
C THR A 11 -5.47 -53.16 1.76
N TYR A 12 -4.51 -53.74 2.47
CA TYR A 12 -4.61 -53.99 3.90
C TYR A 12 -3.29 -53.56 4.53
N GLN A 13 -3.33 -52.54 5.39
CA GLN A 13 -2.15 -52.09 6.08
C GLN A 13 -2.24 -52.43 7.56
N CYS A 14 -1.10 -52.72 8.18
CA CYS A 14 -1.02 -52.83 9.63
C CYS A 14 0.43 -52.65 10.06
N MET A 15 0.69 -51.55 10.75
CA MET A 15 2.00 -51.22 11.28
C MET A 15 1.96 -51.19 12.80
N GLU A 16 3.12 -51.48 13.42
CA GLU A 16 3.32 -51.38 14.86
C GLU A 16 2.53 -52.43 15.63
N LEU A 17 1.73 -53.23 14.94
CA LEU A 17 1.12 -54.40 15.56
C LEU A 17 2.20 -55.42 15.88
N ASN A 18 2.35 -55.78 17.15
CA ASN A 18 3.52 -56.54 17.56
C ASN A 18 3.43 -57.98 17.06
N PHE A 19 3.68 -58.17 15.77
CA PHE A 19 3.64 -59.50 15.16
C PHE A 19 4.99 -60.21 15.35
N TYR A 20 5.01 -61.47 14.93
CA TYR A 20 6.26 -62.21 14.83
C TYR A 20 6.33 -63.07 13.57
N LYS A 21 5.33 -63.00 12.70
CA LYS A 21 5.30 -63.76 11.47
C LYS A 21 4.26 -63.13 10.54
N ILE A 22 4.26 -63.59 9.30
CA ILE A 22 3.37 -63.00 8.29
C ILE A 22 1.92 -63.35 8.62
N PRO A 23 1.00 -62.39 8.64
CA PRO A 23 -0.41 -62.72 8.87
C PRO A 23 -1.02 -63.37 7.64
N ASP A 24 -1.82 -64.41 7.87
CA ASP A 24 -2.39 -65.20 6.78
C ASP A 24 -3.89 -65.02 6.62
N ASN A 25 -4.62 -64.72 7.69
CA ASN A 25 -6.07 -64.59 7.61
C ASN A 25 -6.53 -63.48 6.67
N LEU A 26 -5.61 -62.66 6.18
CA LEU A 26 -5.95 -61.65 5.18
C LEU A 26 -6.52 -62.32 3.94
N PRO A 27 -7.32 -61.60 3.15
CA PRO A 27 -7.88 -62.20 1.93
C PRO A 27 -6.80 -62.70 0.99
N PHE A 28 -7.23 -63.53 0.04
CA PHE A 28 -6.27 -64.23 -0.80
C PHE A 28 -5.71 -63.33 -1.90
N SER A 29 -6.57 -62.66 -2.65
CA SER A 29 -6.16 -61.78 -3.75
C SER A 29 -6.02 -60.37 -3.19
N THR A 30 -4.96 -60.14 -2.43
CA THR A 30 -4.66 -58.83 -1.85
C THR A 30 -3.44 -58.24 -2.55
N LYS A 31 -3.40 -56.91 -2.59
CA LYS A 31 -2.28 -56.20 -3.17
C LYS A 31 -1.69 -55.26 -2.13
N ASN A 32 -0.55 -54.67 -2.48
CA ASN A 32 0.15 -53.61 -1.74
C ASN A 32 0.02 -53.75 -0.23
N LEU A 33 0.43 -54.90 0.30
CA LEU A 33 0.46 -55.11 1.74
C LEU A 33 1.51 -54.22 2.38
N ASP A 34 1.12 -53.53 3.46
CA ASP A 34 2.08 -52.78 4.26
C ASP A 34 2.46 -53.61 5.48
N LEU A 35 3.71 -53.47 5.91
CA LEU A 35 4.21 -54.18 7.07
C LEU A 35 5.41 -53.40 7.59
N SER A 36 5.24 -52.74 8.74
CA SER A 36 6.28 -51.86 9.26
C SER A 36 6.35 -51.97 10.77
N PHE A 37 7.56 -51.81 11.30
CA PHE A 37 7.81 -51.76 12.74
C PHE A 37 7.33 -53.03 13.46
N ASN A 38 7.35 -54.15 12.75
CA ASN A 38 6.96 -55.44 13.31
C ASN A 38 8.21 -56.32 13.36
N PRO A 39 8.76 -56.62 14.53
CA PRO A 39 10.04 -57.34 14.59
C PRO A 39 9.99 -58.72 13.95
N LEU A 40 10.74 -58.90 12.85
CA LEU A 40 10.87 -60.18 12.17
C LEU A 40 12.37 -60.48 12.11
N ARG A 41 12.88 -61.14 13.14
CA ARG A 41 14.32 -61.28 13.31
C ARG A 41 14.98 -62.02 12.16
N HIS A 42 14.22 -62.82 11.42
CA HIS A 42 14.77 -63.54 10.27
C HIS A 42 13.63 -63.96 9.35
N LEU A 43 13.88 -63.95 8.05
CA LEU A 43 12.89 -64.33 7.06
C LEU A 43 13.17 -65.73 6.55
N GLY A 44 12.10 -66.48 6.30
CA GLY A 44 12.21 -67.87 5.88
C GLY A 44 11.86 -68.08 4.42
N SER A 45 12.30 -69.20 3.85
CA SER A 45 12.00 -69.51 2.47
C SER A 45 10.49 -69.53 2.26
N TYR A 46 10.05 -68.96 1.13
CA TYR A 46 8.64 -68.90 0.76
C TYR A 46 7.81 -68.24 1.86
N SER A 47 8.35 -67.17 2.45
CA SER A 47 7.64 -66.49 3.52
C SER A 47 6.33 -65.89 3.02
N PHE A 48 6.20 -65.69 1.72
CA PHE A 48 5.04 -65.04 1.14
C PHE A 48 4.48 -65.94 0.04
N PHE A 49 3.53 -66.79 0.41
CA PHE A 49 2.91 -67.70 -0.55
C PHE A 49 1.41 -67.50 -0.70
N SER A 50 0.69 -67.21 0.38
CA SER A 50 -0.76 -67.03 0.33
C SER A 50 -1.17 -65.78 -0.44
N PHE A 51 -0.21 -64.98 -0.91
CA PHE A 51 -0.48 -63.81 -1.72
C PHE A 51 0.20 -64.00 -3.08
N PRO A 52 -0.39 -64.83 -3.95
CA PRO A 52 0.23 -65.06 -5.26
C PRO A 52 0.24 -63.82 -6.12
N GLU A 53 -0.81 -63.01 -6.08
CA GLU A 53 -0.83 -61.71 -6.73
C GLU A 53 -0.45 -60.66 -5.70
N LEU A 54 0.47 -59.77 -6.07
CA LEU A 54 0.95 -58.75 -5.15
C LEU A 54 1.68 -57.68 -5.95
N GLN A 55 1.32 -56.42 -5.73
CA GLN A 55 1.93 -55.29 -6.41
C GLN A 55 3.04 -54.65 -5.60
N VAL A 56 2.76 -54.24 -4.36
CA VAL A 56 3.71 -53.49 -3.55
C VAL A 56 3.94 -54.25 -2.25
N LEU A 57 5.18 -54.22 -1.77
CA LEU A 57 5.52 -54.74 -0.46
C LEU A 57 6.24 -53.64 0.32
N ASP A 58 6.51 -53.91 1.60
CA ASP A 58 7.24 -52.97 2.43
C ASP A 58 7.75 -53.70 3.66
N LEU A 59 9.03 -53.52 3.97
CA LEU A 59 9.61 -53.96 5.23
C LEU A 59 10.47 -52.80 5.74
N SER A 60 9.85 -51.90 6.47
CA SER A 60 10.49 -50.69 6.95
C SER A 60 10.76 -50.81 8.45
N ARG A 61 12.03 -50.82 8.81
CA ARG A 61 12.48 -50.86 10.21
C ARG A 61 12.04 -52.15 10.91
N CYS A 62 11.41 -53.06 10.18
CA CYS A 62 11.18 -54.40 10.70
C CYS A 62 12.54 -55.05 10.83
N GLU A 63 13.04 -55.16 12.06
CA GLU A 63 14.43 -55.54 12.28
C GLU A 63 14.73 -56.90 11.67
N ILE A 64 15.48 -56.91 10.57
CA ILE A 64 15.81 -58.12 9.83
C ILE A 64 17.30 -58.38 10.01
N GLN A 65 17.66 -59.66 10.16
CA GLN A 65 19.05 -60.06 10.26
C GLN A 65 19.57 -60.75 9.01
N THR A 66 18.87 -61.76 8.51
CA THR A 66 19.33 -62.52 7.35
C THR A 66 18.15 -62.93 6.50
N ILE A 67 18.23 -62.67 5.20
CA ILE A 67 17.26 -63.12 4.22
C ILE A 67 17.88 -64.28 3.47
N GLU A 68 17.25 -65.44 3.53
CA GLU A 68 17.81 -66.63 2.91
C GLU A 68 17.33 -66.76 1.46
N ASP A 69 17.74 -67.85 0.82
CA ASP A 69 17.41 -68.09 -0.57
C ASP A 69 15.93 -68.37 -0.74
N GLY A 70 15.52 -68.50 -2.00
CA GLY A 70 14.16 -68.88 -2.33
C GLY A 70 13.09 -67.89 -1.96
N ALA A 71 13.45 -66.79 -1.30
CA ALA A 71 12.46 -65.80 -0.92
C ALA A 71 11.79 -65.22 -2.16
N TYR A 72 10.55 -64.74 -1.98
CA TYR A 72 9.75 -64.15 -3.04
C TYR A 72 9.55 -65.07 -4.23
N GLN A 73 9.76 -66.38 -4.05
CA GLN A 73 9.70 -67.31 -5.16
C GLN A 73 8.30 -67.33 -5.79
N SER A 74 7.31 -67.78 -5.01
CA SER A 74 5.93 -67.85 -5.49
C SER A 74 5.30 -66.46 -5.51
N LEU A 75 5.86 -65.62 -6.39
CA LEU A 75 5.52 -64.19 -6.35
C LEU A 75 5.90 -63.55 -7.68
N SER A 76 4.90 -63.04 -8.39
CA SER A 76 5.14 -62.27 -9.60
C SER A 76 4.38 -60.96 -9.52
N HIS A 77 4.50 -60.11 -10.55
CA HIS A 77 3.82 -58.83 -10.63
C HIS A 77 4.25 -57.87 -9.51
N LEU A 78 5.25 -58.27 -8.72
CA LEU A 78 5.73 -57.44 -7.63
C LEU A 78 6.64 -56.36 -8.19
N SER A 79 6.18 -55.12 -8.17
CA SER A 79 6.88 -54.02 -8.82
C SER A 79 7.71 -53.17 -7.87
N THR A 80 7.62 -53.39 -6.56
CA THR A 80 8.26 -52.46 -5.63
C THR A 80 8.76 -53.21 -4.40
N LEU A 81 9.97 -52.89 -3.97
CA LEU A 81 10.53 -53.37 -2.72
C LEU A 81 11.05 -52.18 -1.94
N ILE A 82 10.89 -52.22 -0.62
CA ILE A 82 11.39 -51.17 0.27
C ILE A 82 12.04 -51.87 1.46
N LEU A 83 13.34 -52.09 1.38
CA LEU A 83 14.11 -52.71 2.45
C LEU A 83 14.83 -51.68 3.31
N THR A 84 14.10 -50.75 3.90
CA THR A 84 14.74 -49.64 4.60
C THR A 84 15.05 -49.99 6.05
N GLY A 85 16.20 -49.52 6.52
CA GLY A 85 16.55 -49.53 7.93
C GLY A 85 16.93 -50.87 8.51
N ASN A 86 16.58 -51.98 7.86
CA ASN A 86 16.86 -53.30 8.41
C ASN A 86 18.35 -53.59 8.29
N PRO A 87 19.09 -53.68 9.39
CA PRO A 87 20.53 -53.95 9.27
C PRO A 87 20.80 -55.39 8.85
N ILE A 88 21.17 -55.58 7.59
CA ILE A 88 21.39 -56.90 7.02
C ILE A 88 22.88 -57.19 7.11
N GLN A 89 23.25 -58.23 7.87
CA GLN A 89 24.63 -58.63 7.98
C GLN A 89 25.02 -59.71 6.97
N SER A 90 24.05 -60.35 6.32
CA SER A 90 24.34 -61.37 5.33
C SER A 90 23.16 -61.47 4.37
N LEU A 91 23.31 -60.91 3.18
CA LEU A 91 22.35 -61.09 2.10
C LEU A 91 22.75 -62.36 1.35
N ALA A 92 21.93 -63.40 1.48
CA ALA A 92 22.24 -64.67 0.84
C ALA A 92 22.24 -64.52 -0.67
N LEU A 93 23.31 -65.03 -1.30
CA LEU A 93 23.36 -65.05 -2.75
C LEU A 93 22.17 -65.81 -3.31
N GLY A 94 21.79 -65.50 -4.54
CA GLY A 94 20.62 -66.08 -5.15
C GLY A 94 19.31 -65.49 -4.69
N ALA A 95 19.33 -64.60 -3.70
CA ALA A 95 18.12 -63.91 -3.27
C ALA A 95 17.52 -63.12 -4.43
N PHE A 96 16.28 -62.66 -4.23
CA PHE A 96 15.51 -62.03 -5.29
C PHE A 96 15.44 -62.93 -6.52
N SER A 97 15.32 -64.23 -6.29
CA SER A 97 15.50 -65.23 -7.34
C SER A 97 14.49 -65.08 -8.47
N GLY A 98 13.21 -65.31 -8.19
CA GLY A 98 12.21 -65.17 -9.22
C GLY A 98 11.45 -63.86 -9.14
N LEU A 99 11.86 -62.88 -9.94
CA LEU A 99 11.20 -61.57 -10.00
C LEU A 99 11.10 -61.19 -11.48
N SER A 100 9.97 -61.55 -12.10
CA SER A 100 9.82 -61.34 -13.53
C SER A 100 9.73 -59.87 -13.89
N SER A 101 8.97 -59.08 -13.12
CA SER A 101 8.71 -57.68 -13.42
C SER A 101 8.93 -56.85 -12.16
N LEU A 102 10.17 -56.39 -11.96
CA LEU A 102 10.50 -55.47 -10.88
C LEU A 102 11.04 -54.19 -11.50
N GLN A 103 10.59 -53.05 -10.98
CA GLN A 103 11.01 -51.77 -11.54
C GLN A 103 11.73 -50.88 -10.54
N LYS A 104 11.25 -50.79 -9.30
CA LYS A 104 11.85 -49.93 -8.29
C LYS A 104 12.47 -50.79 -7.21
N LEU A 105 13.55 -50.30 -6.61
CA LEU A 105 14.20 -50.98 -5.49
C LEU A 105 14.84 -49.93 -4.62
N VAL A 106 14.69 -50.07 -3.30
CA VAL A 106 15.18 -49.10 -2.34
C VAL A 106 15.88 -49.87 -1.23
N ALA A 107 17.14 -49.54 -0.97
CA ALA A 107 17.92 -50.14 0.12
C ALA A 107 18.71 -49.01 0.79
N VAL A 108 18.11 -48.43 1.83
CA VAL A 108 18.71 -47.30 2.54
C VAL A 108 19.10 -47.74 3.94
N GLU A 109 20.26 -47.25 4.40
CA GLU A 109 20.75 -47.47 5.76
C GLU A 109 21.16 -48.93 5.95
N THR A 110 20.98 -49.75 4.93
CA THR A 110 21.51 -51.10 4.96
C THR A 110 23.03 -51.04 4.89
N ASN A 111 23.68 -51.73 5.83
CA ASN A 111 25.14 -51.63 5.97
C ASN A 111 25.80 -52.43 4.85
N LEU A 112 25.79 -51.84 3.65
CA LEU A 112 26.49 -52.41 2.51
C LEU A 112 27.96 -52.05 2.57
N ALA A 113 28.74 -52.70 1.70
CA ALA A 113 30.16 -52.45 1.60
C ALA A 113 30.65 -52.20 0.18
N SER A 114 29.93 -52.69 -0.84
CA SER A 114 30.33 -52.47 -2.22
C SER A 114 29.10 -52.66 -3.11
N LEU A 115 29.34 -52.68 -4.41
CA LEU A 115 28.26 -52.80 -5.38
C LEU A 115 28.29 -54.11 -6.16
N GLU A 116 29.44 -54.74 -6.31
CA GLU A 116 29.51 -56.01 -7.04
C GLU A 116 29.01 -57.19 -6.20
N ASN A 117 29.06 -57.08 -4.88
CA ASN A 117 28.44 -58.08 -4.02
C ASN A 117 26.95 -57.77 -3.83
N PHE A 118 26.25 -57.55 -4.93
CA PHE A 118 24.83 -57.22 -4.91
C PHE A 118 24.19 -58.04 -6.02
N PRO A 119 23.35 -59.03 -5.67
CA PRO A 119 23.11 -60.14 -6.60
C PRO A 119 22.18 -59.85 -7.78
N ILE A 120 21.91 -58.60 -8.10
CA ILE A 120 20.96 -58.28 -9.19
C ILE A 120 21.77 -58.33 -10.48
N GLY A 121 21.85 -59.53 -11.04
CA GLY A 121 22.47 -59.69 -12.34
C GLY A 121 21.48 -60.23 -13.35
N HIS A 122 20.50 -60.98 -12.85
CA HIS A 122 19.42 -61.53 -13.65
C HIS A 122 18.28 -60.55 -13.87
N LEU A 123 18.33 -59.38 -13.24
CA LEU A 123 17.21 -58.46 -13.30
C LEU A 123 17.12 -57.80 -14.68
N LYS A 124 15.97 -57.17 -14.92
CA LYS A 124 15.70 -56.44 -16.15
C LYS A 124 14.52 -55.51 -15.89
N THR A 125 14.43 -54.47 -16.71
CA THR A 125 13.37 -53.46 -16.62
C THR A 125 13.40 -52.71 -15.29
N LEU A 126 14.44 -52.93 -14.48
CA LEU A 126 14.65 -52.13 -13.27
C LEU A 126 14.97 -50.69 -13.70
N LYS A 127 14.16 -49.75 -13.23
CA LYS A 127 14.30 -48.36 -13.68
C LYS A 127 15.04 -47.50 -12.65
N GLU A 128 14.55 -47.45 -11.43
CA GLU A 128 15.21 -46.72 -10.36
C GLU A 128 15.97 -47.67 -9.45
N LEU A 129 17.06 -47.17 -8.87
CA LEU A 129 17.80 -47.88 -7.84
C LEU A 129 18.39 -46.88 -6.88
N ASN A 130 17.77 -46.72 -5.72
CA ASN A 130 18.21 -45.78 -4.70
C ASN A 130 18.99 -46.56 -3.65
N VAL A 131 20.25 -46.19 -3.45
CA VAL A 131 21.10 -46.81 -2.45
C VAL A 131 21.91 -45.68 -1.81
N ALA A 132 21.48 -45.23 -0.64
CA ALA A 132 22.05 -44.05 0.00
C ALA A 132 22.29 -44.29 1.48
N HIS A 133 23.04 -43.38 2.10
CA HIS A 133 23.35 -43.39 3.52
C HIS A 133 24.06 -44.67 3.95
N ASN A 134 24.74 -45.34 3.03
CA ASN A 134 25.43 -46.59 3.31
C ASN A 134 26.89 -46.30 3.67
N LEU A 135 27.71 -47.35 3.72
CA LEU A 135 29.16 -47.23 3.92
C LEU A 135 29.86 -47.83 2.71
N ILE A 136 30.04 -47.02 1.67
CA ILE A 136 30.70 -47.41 0.44
C ILE A 136 32.01 -46.64 0.34
N GLN A 137 32.98 -47.19 -0.38
CA GLN A 137 34.31 -46.59 -0.45
C GLN A 137 34.71 -46.18 -1.86
N SER A 138 34.45 -47.01 -2.86
CA SER A 138 34.90 -46.76 -4.23
C SER A 138 33.72 -46.61 -5.17
N PHE A 139 33.83 -45.65 -6.08
CA PHE A 139 32.83 -45.45 -7.12
C PHE A 139 33.17 -46.26 -8.37
N LYS A 140 33.36 -47.56 -8.19
CA LYS A 140 33.72 -48.47 -9.27
C LYS A 140 32.47 -49.24 -9.69
N LEU A 141 31.86 -48.84 -10.80
CA LEU A 141 30.65 -49.51 -11.26
C LEU A 141 30.94 -50.95 -11.63
N PRO A 142 30.19 -51.91 -11.11
CA PRO A 142 30.38 -53.30 -11.52
C PRO A 142 30.02 -53.56 -12.97
N GLU A 143 30.13 -54.81 -13.40
CA GLU A 143 30.10 -55.12 -14.82
C GLU A 143 28.71 -55.50 -15.31
N TYR A 144 27.87 -56.08 -14.44
CA TYR A 144 26.54 -56.50 -14.87
C TYR A 144 25.69 -55.35 -15.39
N PHE A 145 26.14 -54.11 -15.22
CA PHE A 145 25.46 -52.99 -15.85
C PHE A 145 25.35 -53.17 -17.35
N SER A 146 26.35 -53.82 -17.96
CA SER A 146 26.23 -54.15 -19.38
C SER A 146 24.96 -54.94 -19.66
N ASN A 147 24.68 -55.94 -18.82
CA ASN A 147 23.39 -56.64 -18.91
C ASN A 147 22.23 -55.71 -18.61
N LEU A 148 22.40 -54.79 -17.67
CA LEU A 148 21.33 -53.91 -17.26
C LEU A 148 20.94 -52.97 -18.40
N THR A 149 19.64 -52.70 -18.48
CA THR A 149 19.11 -51.78 -19.49
C THR A 149 17.89 -51.09 -18.88
N ASN A 150 17.55 -49.93 -19.45
CA ASN A 150 16.44 -49.09 -19.04
C ASN A 150 16.63 -48.50 -17.65
N LEU A 151 17.82 -48.61 -17.06
CA LEU A 151 18.09 -47.95 -15.80
C LEU A 151 18.09 -46.44 -16.01
N GLU A 152 17.41 -45.71 -15.13
CA GLU A 152 17.30 -44.26 -15.26
C GLU A 152 18.01 -43.50 -14.16
N HIS A 153 17.70 -43.77 -12.89
CA HIS A 153 18.36 -43.10 -11.78
C HIS A 153 19.38 -44.02 -11.13
N LEU A 154 20.38 -43.42 -10.51
CA LEU A 154 21.32 -44.13 -9.65
C LEU A 154 21.78 -43.10 -8.61
N ASP A 155 21.15 -43.15 -7.45
CA ASP A 155 21.30 -42.10 -6.45
C ASP A 155 22.09 -42.67 -5.27
N LEU A 156 23.40 -42.43 -5.27
CA LEU A 156 24.30 -42.88 -4.22
C LEU A 156 24.95 -41.64 -3.62
N SER A 157 24.31 -41.08 -2.60
CA SER A 157 24.74 -39.84 -1.98
C SER A 157 24.98 -40.04 -0.49
N SER A 158 25.81 -39.16 0.07
CA SER A 158 26.10 -39.13 1.50
C SER A 158 26.83 -40.38 1.97
N ASN A 159 27.79 -40.83 1.18
CA ASN A 159 28.59 -42.01 1.50
C ASN A 159 30.03 -41.58 1.80
N LYS A 160 30.87 -42.57 2.10
CA LYS A 160 32.29 -42.32 2.35
C LYS A 160 33.12 -42.58 1.10
N ILE A 161 32.79 -41.90 0.01
CA ILE A 161 33.55 -41.99 -1.24
C ILE A 161 34.60 -40.89 -1.23
N GLN A 162 35.78 -41.18 -1.75
CA GLN A 162 36.90 -40.26 -1.64
C GLN A 162 37.42 -39.72 -2.97
N SER A 163 37.50 -40.54 -4.02
CA SER A 163 38.05 -40.06 -5.29
C SER A 163 37.58 -40.97 -6.41
N ILE A 164 38.02 -40.62 -7.63
CA ILE A 164 37.63 -41.32 -8.84
C ILE A 164 38.88 -41.61 -9.66
N TYR A 165 38.75 -42.50 -10.64
CA TYR A 165 39.85 -42.86 -11.53
C TYR A 165 39.30 -43.20 -12.92
N CYS A 166 40.14 -42.98 -13.93
CA CYS A 166 39.73 -43.22 -15.31
C CYS A 166 39.30 -44.67 -15.54
N THR A 167 39.86 -45.61 -14.78
CA THR A 167 39.44 -46.99 -14.88
C THR A 167 37.96 -47.15 -14.58
N ASP A 168 37.45 -46.36 -13.63
CA ASP A 168 36.02 -46.32 -13.40
C ASP A 168 35.30 -45.80 -14.64
N LEU A 169 34.06 -46.26 -14.82
CA LEU A 169 33.25 -45.90 -15.98
C LEU A 169 33.91 -46.30 -17.30
N ARG A 170 34.83 -47.26 -17.26
CA ARG A 170 35.25 -47.90 -18.49
C ARG A 170 34.11 -48.72 -19.08
N VAL A 171 33.32 -49.36 -18.22
CA VAL A 171 32.01 -49.87 -18.57
C VAL A 171 31.15 -48.64 -18.83
N LEU A 172 30.00 -48.83 -19.48
CA LEU A 172 29.07 -47.79 -19.89
C LEU A 172 29.61 -47.03 -21.11
N HIS A 173 30.85 -47.30 -21.54
CA HIS A 173 31.28 -46.83 -22.85
C HIS A 173 30.49 -47.50 -23.96
N GLN A 174 30.15 -48.76 -23.78
CA GLN A 174 29.48 -49.57 -24.80
C GLN A 174 27.96 -49.52 -24.66
N MET A 175 27.40 -48.31 -24.59
CA MET A 175 25.95 -48.10 -24.49
C MET A 175 25.56 -47.07 -25.54
N PRO A 176 25.25 -47.49 -26.76
CA PRO A 176 24.84 -46.53 -27.80
C PRO A 176 23.65 -45.68 -27.38
N LEU A 177 22.68 -46.27 -26.71
CA LEU A 177 21.52 -45.56 -26.19
C LEU A 177 21.50 -45.69 -24.67
N LEU A 178 21.37 -44.56 -23.98
CA LEU A 178 21.39 -44.57 -22.53
C LEU A 178 20.92 -43.22 -21.99
N ASN A 179 20.01 -43.25 -21.03
CA ASN A 179 19.68 -42.10 -20.20
C ASN A 179 19.98 -42.48 -18.76
N LEU A 180 20.86 -41.72 -18.12
CA LEU A 180 21.22 -41.96 -16.72
C LEU A 180 21.24 -40.61 -16.00
N SER A 181 20.34 -40.45 -15.03
CA SER A 181 20.30 -39.23 -14.22
C SER A 181 21.10 -39.49 -12.95
N LEU A 182 22.42 -39.60 -13.13
CA LEU A 182 23.32 -39.90 -12.03
C LEU A 182 23.27 -38.78 -11.00
N ASP A 183 23.75 -39.09 -9.80
CA ASP A 183 23.71 -38.13 -8.70
C ASP A 183 24.64 -38.62 -7.60
N LEU A 184 25.32 -37.68 -6.93
CA LEU A 184 26.14 -37.97 -5.75
C LEU A 184 26.36 -36.65 -5.02
N SER A 185 25.86 -36.57 -3.79
CA SER A 185 25.97 -35.35 -3.01
C SER A 185 26.58 -35.65 -1.64
N LEU A 186 26.89 -34.59 -0.90
CA LEU A 186 27.34 -34.66 0.49
C LEU A 186 28.55 -35.60 0.66
N ASN A 187 29.26 -35.88 -0.42
CA ASN A 187 30.38 -36.81 -0.37
C ASN A 187 31.64 -36.05 0.00
N PRO A 188 32.39 -36.44 1.04
CA PRO A 188 33.69 -35.81 1.27
C PRO A 188 34.71 -36.32 0.28
N MET A 189 35.04 -35.51 -0.73
CA MET A 189 35.94 -35.89 -1.79
C MET A 189 36.84 -34.70 -2.13
N ASN A 190 38.06 -35.00 -2.57
CA ASN A 190 39.04 -33.94 -2.77
C ASN A 190 39.88 -34.03 -4.03
N PHE A 191 39.72 -35.04 -4.88
CA PHE A 191 40.57 -35.18 -6.05
C PHE A 191 39.89 -36.04 -7.11
N ILE A 192 40.07 -35.65 -8.37
CA ILE A 192 39.66 -36.44 -9.53
C ILE A 192 40.78 -36.33 -10.54
N GLN A 193 41.36 -37.46 -10.94
CA GLN A 193 42.38 -37.41 -11.96
C GLN A 193 41.74 -37.09 -13.31
N PRO A 194 42.42 -36.33 -14.17
CA PRO A 194 41.77 -35.88 -15.41
C PRO A 194 41.47 -37.04 -16.34
N GLY A 195 40.50 -36.81 -17.23
CA GLY A 195 40.11 -37.81 -18.20
C GLY A 195 39.06 -38.80 -17.74
N ALA A 196 38.67 -38.77 -16.46
CA ALA A 196 37.70 -39.73 -15.95
C ALA A 196 36.38 -39.63 -16.70
N PHE A 197 35.71 -38.49 -16.60
CA PHE A 197 34.49 -38.24 -17.37
C PHE A 197 34.89 -37.82 -18.78
N LYS A 198 34.68 -38.72 -19.74
CA LYS A 198 35.07 -38.45 -21.12
C LYS A 198 34.16 -39.23 -22.05
N GLU A 199 33.62 -38.54 -23.05
CA GLU A 199 32.69 -39.09 -24.03
C GLU A 199 31.45 -39.70 -23.39
N ILE A 200 31.13 -39.31 -22.16
CA ILE A 200 29.93 -39.77 -21.47
C ILE A 200 28.81 -38.77 -21.72
N ARG A 201 27.57 -39.22 -21.57
CA ARG A 201 26.40 -38.36 -21.73
C ARG A 201 25.41 -38.67 -20.61
N LEU A 202 25.19 -37.71 -19.72
CA LEU A 202 24.23 -37.85 -18.63
C LEU A 202 22.95 -37.08 -18.98
N HIS A 203 22.06 -37.02 -18.00
CA HIS A 203 20.86 -36.20 -18.10
C HIS A 203 20.61 -35.36 -16.86
N LYS A 204 21.46 -35.48 -15.84
CA LYS A 204 21.44 -34.60 -14.69
C LYS A 204 22.69 -34.90 -13.87
N LEU A 205 23.06 -33.97 -13.01
CA LEU A 205 24.18 -34.17 -12.11
C LEU A 205 24.10 -33.12 -11.02
N THR A 206 24.11 -33.57 -9.77
CA THR A 206 23.90 -32.73 -8.60
C THR A 206 25.08 -32.89 -7.66
N LEU A 207 25.75 -31.78 -7.34
CA LEU A 207 26.88 -31.79 -6.41
C LEU A 207 26.72 -30.60 -5.47
N ARG A 208 26.10 -30.83 -4.32
CA ARG A 208 25.83 -29.79 -3.34
C ARG A 208 26.54 -30.11 -2.04
N ASN A 209 27.38 -29.18 -1.57
CA ASN A 209 28.06 -29.29 -0.28
C ASN A 209 28.94 -30.54 -0.22
N ASN A 210 29.78 -30.70 -1.24
CA ASN A 210 30.72 -31.82 -1.26
C ASN A 210 32.16 -31.34 -1.39
N PHE A 211 32.39 -30.06 -1.16
CA PHE A 211 33.75 -29.49 -1.19
C PHE A 211 33.96 -28.67 0.07
N ASP A 212 35.22 -28.54 0.48
CA ASP A 212 35.54 -27.88 1.74
C ASP A 212 36.18 -26.52 1.57
N SER A 213 36.76 -26.22 0.42
CA SER A 213 37.37 -24.92 0.18
C SER A 213 37.36 -24.64 -1.32
N LEU A 214 37.77 -23.42 -1.69
CA LEU A 214 37.63 -22.96 -3.06
C LEU A 214 38.60 -23.67 -4.00
N ASN A 215 39.87 -23.79 -3.60
CA ASN A 215 40.86 -24.44 -4.46
C ASN A 215 40.48 -25.88 -4.77
N VAL A 216 39.91 -26.58 -3.78
CA VAL A 216 39.40 -27.94 -4.03
C VAL A 216 38.35 -27.90 -5.13
N MET A 217 37.44 -26.92 -5.07
CA MET A 217 36.42 -26.81 -6.10
C MET A 217 37.02 -26.54 -7.47
N LYS A 218 38.05 -25.69 -7.52
CA LYS A 218 38.71 -25.41 -8.79
C LYS A 218 39.33 -26.68 -9.37
N THR A 219 40.07 -27.42 -8.54
CA THR A 219 40.66 -28.67 -8.98
C THR A 219 39.59 -29.65 -9.46
N CYS A 220 38.49 -29.77 -8.71
CA CYS A 220 37.46 -30.74 -9.07
C CYS A 220 36.77 -30.36 -10.38
N ILE A 221 36.55 -29.06 -10.60
CA ILE A 221 36.00 -28.62 -11.87
C ILE A 221 36.99 -28.90 -12.99
N GLN A 222 38.29 -28.74 -12.72
CA GLN A 222 39.28 -29.15 -13.70
C GLN A 222 39.20 -30.64 -13.98
N GLY A 223 38.75 -31.42 -12.99
CA GLY A 223 38.59 -32.85 -13.17
C GLY A 223 37.53 -33.24 -14.17
N LEU A 224 36.56 -32.37 -14.42
CA LEU A 224 35.50 -32.63 -15.39
C LEU A 224 35.95 -32.04 -16.72
N ALA A 225 35.91 -32.86 -17.78
CA ALA A 225 36.34 -32.41 -19.09
C ALA A 225 35.55 -33.17 -20.15
N GLY A 226 34.58 -32.51 -20.77
CA GLY A 226 33.79 -33.13 -21.81
C GLY A 226 32.61 -33.92 -21.31
N LEU A 227 31.91 -33.44 -20.28
CA LEU A 227 30.84 -34.22 -19.69
C LEU A 227 29.58 -34.22 -20.55
N GLU A 228 29.20 -33.06 -21.08
CA GLU A 228 28.02 -32.92 -21.93
C GLU A 228 26.75 -33.35 -21.20
N VAL A 229 26.45 -32.62 -20.13
CA VAL A 229 25.26 -32.87 -19.31
C VAL A 229 24.13 -32.00 -19.80
N HIS A 230 22.88 -32.42 -19.55
CA HIS A 230 21.73 -31.63 -19.94
C HIS A 230 21.23 -30.74 -18.80
N ARG A 231 21.68 -30.97 -17.58
CA ARG A 231 21.24 -30.18 -16.44
C ARG A 231 22.22 -30.39 -15.29
N LEU A 232 22.73 -29.30 -14.73
CA LEU A 232 23.70 -29.36 -13.65
C LEU A 232 23.24 -28.53 -12.46
N VAL A 233 23.55 -29.02 -11.26
CA VAL A 233 23.09 -28.39 -10.03
C VAL A 233 24.25 -28.33 -9.04
N LEU A 234 24.53 -27.14 -8.54
CA LEU A 234 25.59 -26.90 -7.57
C LEU A 234 25.05 -26.06 -6.41
N GLY A 235 25.84 -25.97 -5.36
CA GLY A 235 25.46 -25.21 -4.19
C GLY A 235 25.89 -25.86 -2.90
N GLU A 236 24.99 -25.91 -1.92
CA GLU A 236 25.30 -26.46 -0.60
C GLU A 236 24.00 -26.60 0.16
N PHE A 237 24.11 -26.96 1.44
CA PHE A 237 22.97 -27.08 2.33
C PHE A 237 23.19 -26.22 3.55
N ARG A 238 22.14 -25.52 3.99
CA ARG A 238 22.25 -24.61 5.11
C ARG A 238 22.59 -25.32 6.42
N ASN A 239 22.10 -26.54 6.59
CA ASN A 239 22.16 -27.20 7.89
C ASN A 239 23.57 -27.47 8.36
N GLU A 240 24.54 -27.54 7.44
CA GLU A 240 25.88 -28.02 7.79
C GLU A 240 26.94 -26.95 7.54
N GLY A 241 28.21 -27.35 7.51
CA GLY A 241 29.26 -26.41 7.17
C GLY A 241 29.29 -26.11 5.69
N ASN A 242 29.64 -24.87 5.35
CA ASN A 242 29.72 -24.42 3.97
C ASN A 242 31.03 -23.70 3.70
N LEU A 243 31.06 -23.02 2.55
CA LEU A 243 32.27 -22.38 2.04
C LEU A 243 32.43 -20.98 2.65
N GLU A 244 33.65 -20.45 2.53
CA GLU A 244 33.97 -19.16 3.13
C GLU A 244 34.12 -18.03 2.11
N LYS A 245 34.48 -18.34 0.87
CA LYS A 245 34.77 -17.29 -0.10
C LYS A 245 34.37 -17.77 -1.48
N PHE A 246 34.00 -16.81 -2.33
CA PHE A 246 33.44 -17.14 -3.64
C PHE A 246 33.59 -15.93 -4.54
N ASP A 247 34.31 -16.09 -5.66
CA ASP A 247 34.53 -15.00 -6.60
C ASP A 247 34.59 -15.55 -8.02
N LYS A 248 34.97 -14.68 -8.95
CA LYS A 248 35.11 -15.10 -10.36
C LYS A 248 36.20 -16.14 -10.52
N SER A 249 37.19 -16.16 -9.63
CA SER A 249 38.21 -17.20 -9.69
C SER A 249 37.61 -18.58 -9.49
N ALA A 250 36.69 -18.73 -8.55
CA ALA A 250 35.93 -19.96 -8.43
C ALA A 250 35.03 -20.14 -9.64
N LEU A 251 34.63 -21.38 -9.88
CA LEU A 251 33.63 -21.72 -10.89
C LEU A 251 34.12 -21.44 -12.30
N GLU A 252 35.34 -20.92 -12.43
CA GLU A 252 35.88 -20.68 -13.76
C GLU A 252 36.19 -22.02 -14.43
N GLY A 253 36.35 -21.98 -15.75
CA GLY A 253 36.59 -23.17 -16.52
C GLY A 253 35.42 -24.12 -16.62
N LEU A 254 34.31 -23.86 -15.92
CA LEU A 254 33.12 -24.70 -16.02
C LEU A 254 32.60 -24.82 -17.45
N CYS A 255 33.03 -23.92 -18.33
CA CYS A 255 32.64 -23.97 -19.73
C CYS A 255 33.62 -24.73 -20.60
N ASN A 256 34.32 -25.72 -20.06
CA ASN A 256 34.92 -26.77 -20.88
C ASN A 256 33.93 -27.88 -21.20
N LEU A 257 32.75 -27.85 -20.59
CA LEU A 257 31.70 -28.83 -20.81
C LEU A 257 30.78 -28.35 -21.92
N THR A 258 29.65 -29.05 -22.07
CA THR A 258 28.59 -28.65 -23.00
C THR A 258 27.28 -28.74 -22.23
N ILE A 259 26.90 -27.65 -21.58
CA ILE A 259 25.76 -27.61 -20.69
C ILE A 259 24.60 -26.92 -21.40
N GLU A 260 23.38 -27.17 -20.92
CA GLU A 260 22.21 -26.48 -21.42
C GLU A 260 21.26 -26.01 -20.34
N GLU A 261 21.51 -26.33 -19.07
CA GLU A 261 20.76 -25.79 -17.94
C GLU A 261 21.71 -25.62 -16.77
N PHE A 262 21.38 -24.72 -15.86
CA PHE A 262 22.18 -24.50 -14.68
C PHE A 262 21.28 -24.25 -13.48
N ARG A 263 21.77 -24.61 -12.28
CA ARG A 263 21.00 -24.30 -11.03
C ARG A 263 21.91 -24.20 -9.80
N LEU A 264 22.23 -22.98 -9.34
CA LEU A 264 22.97 -22.79 -8.10
C LEU A 264 21.96 -22.63 -6.98
N ALA A 265 22.25 -23.21 -5.82
CA ALA A 265 21.31 -23.21 -4.71
C ALA A 265 22.02 -22.82 -3.41
N TYR A 266 21.51 -21.77 -2.77
CA TYR A 266 21.88 -21.39 -1.40
C TYR A 266 23.37 -21.15 -1.18
N LEU A 267 23.89 -20.13 -1.84
CA LEU A 267 25.15 -19.59 -1.37
C LEU A 267 24.99 -18.90 -0.02
N ASP A 268 26.01 -19.03 0.82
CA ASP A 268 26.02 -18.40 2.13
C ASP A 268 26.95 -17.19 2.19
N TYR A 269 27.49 -16.77 1.05
CA TYR A 269 28.39 -15.63 1.00
C TYR A 269 27.72 -14.48 0.27
N TYR A 270 28.19 -13.26 0.54
CA TYR A 270 27.58 -12.06 -0.03
C TYR A 270 28.30 -11.72 -1.34
N LEU A 271 27.95 -12.47 -2.38
CA LEU A 271 28.49 -12.21 -3.70
C LEU A 271 28.18 -10.78 -4.13
N ASP A 272 29.08 -10.19 -4.93
CA ASP A 272 29.00 -8.76 -5.22
C ASP A 272 29.11 -8.38 -6.70
N ASP A 273 29.37 -9.31 -7.60
CA ASP A 273 29.39 -8.99 -9.03
C ASP A 273 28.96 -10.22 -9.82
N ILE A 274 28.04 -10.01 -10.77
CA ILE A 274 27.56 -11.13 -11.58
C ILE A 274 28.12 -11.09 -12.99
N ILE A 275 28.79 -10.01 -13.38
CA ILE A 275 29.39 -9.94 -14.70
C ILE A 275 30.87 -10.32 -14.59
N ASP A 276 31.34 -11.07 -15.58
CA ASP A 276 32.64 -11.72 -15.63
C ASP A 276 32.66 -12.89 -14.65
N LEU A 277 31.60 -12.99 -13.86
CA LEU A 277 31.18 -14.22 -13.20
C LEU A 277 30.02 -14.78 -14.00
N PHE A 278 29.83 -16.09 -13.93
CA PHE A 278 28.87 -16.77 -14.81
C PHE A 278 29.18 -16.45 -16.26
N ASN A 279 30.43 -16.08 -16.54
CA ASN A 279 30.76 -15.37 -17.77
C ASN A 279 30.52 -16.22 -19.01
N CYS A 280 31.23 -17.35 -19.11
CA CYS A 280 30.98 -18.23 -20.24
C CYS A 280 29.84 -19.21 -19.99
N LEU A 281 28.96 -18.90 -19.04
CA LEU A 281 27.69 -19.60 -18.96
C LEU A 281 26.64 -18.89 -19.81
N THR A 282 27.02 -18.59 -21.04
CA THR A 282 26.10 -18.11 -22.05
C THR A 282 25.76 -19.27 -22.98
N ASN A 283 24.76 -19.04 -23.83
CA ASN A 283 24.14 -20.05 -24.68
C ASN A 283 23.41 -21.11 -23.86
N VAL A 284 23.43 -20.99 -22.53
CA VAL A 284 22.67 -21.89 -21.68
C VAL A 284 21.19 -21.54 -21.78
N SER A 285 20.39 -22.46 -22.33
CA SER A 285 19.02 -22.13 -22.67
C SER A 285 18.11 -21.99 -21.46
N SER A 286 18.67 -21.99 -20.25
CA SER A 286 17.87 -21.75 -19.04
C SER A 286 18.83 -21.29 -17.95
N PHE A 287 18.29 -20.61 -16.95
CA PHE A 287 19.09 -20.11 -15.83
C PHE A 287 18.19 -19.90 -14.63
N SER A 288 18.74 -20.13 -13.43
CA SER A 288 17.92 -19.99 -12.24
C SER A 288 18.81 -19.76 -11.03
N LEU A 289 18.25 -19.09 -10.03
CA LEU A 289 18.93 -18.88 -8.76
C LEU A 289 17.92 -19.04 -7.63
N VAL A 290 18.37 -19.66 -6.53
CA VAL A 290 17.50 -19.99 -5.41
C VAL A 290 18.24 -19.64 -4.12
N SER A 291 17.70 -18.71 -3.34
CA SER A 291 18.17 -18.41 -1.99
C SER A 291 19.59 -17.88 -1.96
N VAL A 292 19.99 -17.09 -2.98
CA VAL A 292 21.28 -16.43 -3.01
C VAL A 292 21.07 -14.97 -2.61
N THR A 293 22.03 -14.43 -1.86
CA THR A 293 21.92 -13.06 -1.37
C THR A 293 23.01 -12.22 -2.02
N ILE A 294 22.72 -11.73 -3.23
CA ILE A 294 23.57 -10.74 -3.86
C ILE A 294 23.00 -9.36 -3.57
N GLU A 295 23.39 -8.80 -2.42
CA GLU A 295 22.73 -7.61 -1.90
C GLU A 295 23.32 -6.31 -2.44
N ARG A 296 24.41 -6.38 -3.21
CA ARG A 296 25.03 -5.18 -3.76
C ARG A 296 25.73 -5.55 -5.07
N VAL A 297 25.04 -5.33 -6.19
CA VAL A 297 25.62 -5.44 -7.51
C VAL A 297 25.06 -4.32 -8.36
N LYS A 298 25.88 -3.74 -9.23
CA LYS A 298 25.51 -2.52 -9.93
C LYS A 298 25.00 -2.74 -11.34
N ASP A 299 25.79 -3.38 -12.21
CA ASP A 299 25.42 -3.57 -13.60
C ASP A 299 24.94 -5.01 -13.80
N PHE A 300 23.68 -5.25 -13.48
CA PHE A 300 23.00 -6.49 -13.84
C PHE A 300 22.83 -6.63 -15.35
N SER A 301 22.83 -5.52 -16.09
CA SER A 301 22.61 -5.56 -17.53
C SER A 301 23.85 -6.08 -18.26
N TYR A 302 23.61 -6.91 -19.27
CA TYR A 302 24.66 -7.46 -20.13
C TYR A 302 23.97 -8.20 -21.27
N ASN A 303 24.78 -8.71 -22.19
CA ASN A 303 24.27 -9.43 -23.36
C ASN A 303 24.58 -10.91 -23.21
N PHE A 304 23.67 -11.63 -22.53
CA PHE A 304 23.69 -13.08 -22.54
C PHE A 304 22.61 -13.60 -23.48
N GLY A 305 22.80 -14.83 -23.96
CA GLY A 305 21.72 -15.52 -24.62
C GLY A 305 21.05 -16.49 -23.68
N TRP A 306 19.94 -16.07 -23.07
CA TRP A 306 19.21 -16.87 -22.10
C TRP A 306 17.75 -16.87 -22.51
N GLN A 307 17.18 -18.04 -22.78
CA GLN A 307 15.80 -18.13 -23.21
C GLN A 307 14.83 -18.42 -22.06
N HIS A 308 15.32 -18.45 -20.82
CA HIS A 308 14.45 -18.73 -19.67
C HIS A 308 15.23 -18.41 -18.41
N LEU A 309 14.58 -17.72 -17.47
CA LEU A 309 15.26 -17.21 -16.29
C LEU A 309 14.34 -17.32 -15.08
N GLU A 310 14.92 -17.66 -13.93
CA GLU A 310 14.18 -17.75 -12.67
C GLU A 310 15.01 -17.17 -11.53
N LEU A 311 14.37 -16.34 -10.71
CA LEU A 311 14.98 -15.74 -9.52
C LEU A 311 14.04 -16.00 -8.34
N VAL A 312 14.22 -17.12 -7.65
CA VAL A 312 13.29 -17.55 -6.62
C VAL A 312 13.94 -17.37 -5.25
N ASN A 313 13.29 -16.66 -4.20
CA ASN A 313 13.68 -16.49 -2.81
C ASN A 313 15.03 -15.84 -2.63
N CYS A 314 15.39 -15.03 -3.73
CA CYS A 314 16.65 -14.32 -3.60
C CYS A 314 16.51 -13.11 -2.68
N LYS A 315 17.59 -12.34 -2.59
CA LYS A 315 17.58 -11.04 -1.94
C LYS A 315 18.24 -10.01 -2.85
N PHE A 316 17.89 -8.75 -2.66
CA PHE A 316 18.37 -7.71 -3.57
C PHE A 316 18.36 -6.36 -2.87
N GLY A 317 19.15 -5.44 -3.41
CA GLY A 317 19.11 -4.06 -2.99
C GLY A 317 18.32 -3.22 -3.97
N GLN A 318 18.59 -3.41 -5.26
CA GLN A 318 17.87 -2.74 -6.33
C GLN A 318 17.05 -3.75 -7.11
N PHE A 319 16.04 -3.26 -7.80
CA PHE A 319 15.39 -4.09 -8.80
C PHE A 319 16.34 -4.24 -9.99
N PRO A 320 16.58 -5.45 -10.47
CA PRO A 320 17.59 -5.64 -11.53
C PRO A 320 17.18 -4.97 -12.83
N THR A 321 18.17 -4.44 -13.54
CA THR A 321 17.96 -3.89 -14.88
C THR A 321 18.40 -4.94 -15.89
N LEU A 322 17.53 -5.20 -16.88
CA LEU A 322 17.73 -6.30 -17.81
C LEU A 322 17.74 -5.78 -19.23
N LYS A 323 18.60 -6.38 -20.07
CA LYS A 323 18.62 -6.12 -21.51
C LYS A 323 19.00 -7.44 -22.17
N LEU A 324 18.00 -8.22 -22.56
CA LEU A 324 18.21 -9.52 -23.20
C LEU A 324 17.53 -9.47 -24.56
N LYS A 325 18.21 -10.00 -25.59
CA LYS A 325 17.68 -9.88 -26.94
C LYS A 325 16.75 -11.03 -27.28
N SER A 326 16.90 -12.18 -26.62
CA SER A 326 16.01 -13.33 -26.84
C SER A 326 15.75 -13.97 -25.48
N LEU A 327 14.67 -13.55 -24.83
CA LEU A 327 14.25 -14.10 -23.54
C LEU A 327 12.73 -14.21 -23.60
N LYS A 328 12.22 -15.43 -23.73
CA LYS A 328 10.80 -15.61 -23.99
C LYS A 328 9.97 -15.73 -22.72
N ARG A 329 10.58 -16.08 -21.59
CA ARG A 329 9.85 -16.22 -20.34
C ARG A 329 10.68 -15.69 -19.19
N LEU A 330 10.02 -15.10 -18.21
CA LEU A 330 10.66 -14.62 -17.00
C LEU A 330 9.79 -15.01 -15.81
N THR A 331 10.42 -15.27 -14.67
CA THR A 331 9.70 -15.62 -13.45
C THR A 331 10.46 -15.01 -12.29
N PHE A 332 9.88 -14.01 -11.64
CA PHE A 332 10.54 -13.24 -10.60
C PHE A 332 9.59 -13.22 -9.39
N THR A 333 9.66 -14.27 -8.56
CA THR A 333 8.68 -14.48 -7.52
C THR A 333 9.35 -14.63 -6.15
N SER A 334 8.55 -14.41 -5.12
CA SER A 334 8.87 -14.69 -3.72
C SER A 334 10.14 -13.99 -3.23
N ASN A 335 10.64 -13.00 -3.94
CA ASN A 335 11.81 -12.28 -3.49
C ASN A 335 11.47 -11.38 -2.31
N LYS A 336 12.49 -10.87 -1.63
CA LYS A 336 12.31 -10.17 -0.37
C LYS A 336 12.94 -8.79 -0.31
N GLY A 337 14.09 -8.57 -0.94
CA GLY A 337 14.93 -7.46 -0.58
C GLY A 337 14.42 -6.06 -0.88
N GLY A 338 14.29 -5.72 -2.15
CA GLY A 338 13.94 -4.35 -2.52
C GLY A 338 12.47 -4.15 -2.83
N ASN A 339 11.98 -2.92 -2.69
CA ASN A 339 10.59 -2.57 -2.96
C ASN A 339 10.56 -1.34 -3.86
N ALA A 340 10.78 -1.56 -5.16
CA ALA A 340 10.74 -0.53 -6.17
C ALA A 340 10.49 -1.22 -7.51
N PHE A 341 10.68 -0.49 -8.60
CA PHE A 341 10.59 -1.07 -9.93
C PHE A 341 11.23 -0.11 -10.91
N SER A 342 11.66 -0.63 -12.06
CA SER A 342 12.34 0.17 -13.06
C SER A 342 12.00 -0.35 -14.45
N GLU A 343 12.54 0.34 -15.45
CA GLU A 343 12.26 -0.04 -16.83
C GLU A 343 13.16 -1.19 -17.25
N VAL A 344 12.63 -2.04 -18.13
CA VAL A 344 13.38 -3.12 -18.73
C VAL A 344 13.13 -3.08 -20.24
N ASP A 345 14.00 -3.76 -20.98
CA ASP A 345 13.92 -3.78 -22.45
C ASP A 345 14.11 -5.22 -22.91
N LEU A 346 13.01 -5.92 -23.14
CA LEU A 346 13.01 -7.32 -23.56
C LEU A 346 12.27 -7.42 -24.88
N PRO A 347 12.96 -7.20 -26.00
CA PRO A 347 12.26 -7.00 -27.28
C PRO A 347 11.43 -8.18 -27.76
N SER A 348 11.65 -9.38 -27.24
CA SER A 348 10.89 -10.56 -27.66
C SER A 348 10.60 -11.38 -26.41
N LEU A 349 9.44 -11.12 -25.82
CA LEU A 349 9.08 -11.70 -24.53
C LEU A 349 7.59 -12.02 -24.55
N GLU A 350 7.20 -13.13 -23.92
CA GLU A 350 5.82 -13.59 -23.96
C GLU A 350 5.28 -14.12 -22.64
N PHE A 351 5.90 -13.78 -21.51
CA PHE A 351 5.39 -14.26 -20.22
C PHE A 351 6.04 -13.46 -19.10
N LEU A 352 5.22 -12.97 -18.18
CA LEU A 352 5.70 -12.35 -16.96
C LEU A 352 5.05 -13.00 -15.74
N ASP A 353 5.75 -12.91 -14.61
CA ASP A 353 5.17 -13.31 -13.34
C ASP A 353 5.97 -12.58 -12.25
N LEU A 354 5.35 -11.56 -11.65
CA LEU A 354 5.97 -10.82 -10.56
C LEU A 354 5.02 -10.90 -9.38
N SER A 355 5.14 -11.97 -8.61
CA SER A 355 4.19 -12.28 -7.56
C SER A 355 4.88 -12.35 -6.21
N ARG A 356 4.17 -11.89 -5.18
CA ARG A 356 4.54 -12.03 -3.78
C ARG A 356 5.81 -11.29 -3.40
N ASN A 357 6.37 -10.49 -4.31
CA ASN A 357 7.58 -9.73 -3.99
C ASN A 357 7.31 -8.61 -3.00
N GLY A 358 6.25 -7.84 -3.21
CA GLY A 358 5.93 -6.72 -2.33
C GLY A 358 6.47 -5.39 -2.78
N LEU A 359 6.79 -5.25 -4.06
CA LEU A 359 7.34 -4.01 -4.59
C LEU A 359 6.24 -3.07 -5.06
N SER A 360 6.65 -1.88 -5.49
CA SER A 360 5.73 -0.80 -5.80
C SER A 360 5.96 -0.24 -7.19
N PHE A 361 4.93 0.44 -7.71
CA PHE A 361 4.93 0.96 -9.07
C PHE A 361 4.61 2.45 -9.09
N LYS A 362 4.73 3.04 -10.27
CA LYS A 362 4.29 4.40 -10.54
C LYS A 362 4.22 4.56 -12.06
N GLY A 363 3.06 5.03 -12.55
CA GLY A 363 2.84 4.99 -13.98
C GLY A 363 2.92 3.56 -14.46
N CYS A 364 1.98 2.74 -14.01
CA CYS A 364 2.15 1.28 -14.02
C CYS A 364 2.43 0.74 -15.41
N CYS A 365 1.48 0.94 -16.32
CA CYS A 365 1.28 0.02 -17.44
C CYS A 365 1.34 0.78 -18.76
N SER A 366 2.30 0.42 -19.60
CA SER A 366 2.46 0.93 -20.95
C SER A 366 3.53 0.11 -21.63
N GLN A 367 3.54 0.14 -22.96
CA GLN A 367 4.51 -0.65 -23.70
C GLN A 367 5.94 -0.12 -23.56
N SER A 368 6.13 1.03 -22.92
CA SER A 368 7.45 1.61 -22.73
C SER A 368 8.12 1.15 -21.45
N ASP A 369 7.41 0.45 -20.58
CA ASP A 369 8.02 -0.08 -19.37
C ASP A 369 8.61 -1.47 -19.57
N PHE A 370 8.20 -2.18 -20.61
CA PHE A 370 8.73 -3.50 -20.90
C PHE A 370 9.33 -3.62 -22.30
N GLY A 371 9.29 -2.55 -23.10
CA GLY A 371 9.96 -2.53 -24.38
C GLY A 371 9.50 -3.55 -25.39
N THR A 372 8.50 -4.37 -25.07
CA THR A 372 8.05 -5.44 -25.95
C THR A 372 6.93 -4.95 -26.86
N THR A 373 6.43 -5.88 -27.67
CA THR A 373 5.30 -5.60 -28.55
C THR A 373 4.23 -6.67 -28.55
N SER A 374 4.51 -7.87 -28.01
CA SER A 374 3.55 -8.97 -27.98
C SER A 374 3.72 -9.71 -26.65
N LEU A 375 2.90 -9.35 -25.67
CA LEU A 375 2.97 -9.94 -24.33
C LEU A 375 1.64 -10.62 -24.05
N LYS A 376 1.67 -11.95 -23.89
CA LYS A 376 0.45 -12.73 -23.81
C LYS A 376 -0.05 -12.97 -22.39
N TYR A 377 0.84 -12.96 -21.41
CA TYR A 377 0.46 -13.29 -20.04
C TYR A 377 1.09 -12.26 -19.12
N LEU A 378 0.46 -12.03 -17.97
CA LEU A 378 0.93 -11.00 -17.05
C LEU A 378 0.22 -11.19 -15.72
N ASP A 379 0.99 -11.12 -14.63
CA ASP A 379 0.43 -11.34 -13.29
C ASP A 379 1.18 -10.41 -12.34
N LEU A 380 0.44 -9.70 -11.48
CA LEU A 380 1.01 -8.69 -10.60
C LEU A 380 0.42 -8.78 -9.20
N SER A 381 0.08 -9.98 -8.76
CA SER A 381 -0.67 -10.13 -7.52
C SER A 381 0.25 -10.07 -6.31
N PHE A 382 -0.34 -9.66 -5.18
CA PHE A 382 0.32 -9.69 -3.86
C PHE A 382 1.50 -8.72 -3.78
N ASN A 383 1.42 -7.58 -4.45
CA ASN A 383 2.44 -6.55 -4.35
C ASN A 383 1.96 -5.44 -3.43
N GLY A 384 2.77 -4.38 -3.28
CA GLY A 384 2.44 -3.33 -2.33
C GLY A 384 1.44 -2.29 -2.79
N VAL A 385 1.80 -1.48 -3.78
CA VAL A 385 0.99 -0.34 -4.22
C VAL A 385 1.20 -0.10 -5.71
N ILE A 386 0.10 -0.04 -6.47
CA ILE A 386 0.14 0.25 -7.89
C ILE A 386 -0.68 1.51 -8.14
N THR A 387 -0.21 2.34 -9.06
CA THR A 387 -0.89 3.57 -9.46
C THR A 387 -1.11 3.55 -10.96
N MET A 388 -2.34 3.79 -11.38
CA MET A 388 -2.69 3.80 -12.79
C MET A 388 -2.58 5.23 -13.31
N SER A 389 -1.77 5.41 -14.35
CA SER A 389 -1.69 6.69 -15.03
C SER A 389 -1.64 6.57 -16.54
N SER A 390 -1.92 5.39 -17.09
CA SER A 390 -1.95 5.21 -18.54
C SER A 390 -2.71 3.93 -18.84
N ASN A 391 -3.78 4.03 -19.62
CA ASN A 391 -4.42 2.83 -20.12
C ASN A 391 -3.47 2.09 -21.04
N PHE A 392 -3.60 0.77 -21.09
CA PHE A 392 -2.56 -0.07 -21.67
C PHE A 392 -2.42 0.23 -23.15
N LEU A 393 -1.40 1.00 -23.48
CA LEU A 393 -1.22 1.55 -24.83
C LEU A 393 -0.03 0.86 -25.47
N GLY A 394 -0.27 0.19 -26.60
CA GLY A 394 0.75 -0.56 -27.28
C GLY A 394 0.78 -2.03 -26.97
N LEU A 395 -0.17 -2.52 -26.18
CA LEU A 395 -0.23 -3.93 -25.77
C LEU A 395 -1.50 -4.60 -26.30
N GLU A 396 -1.83 -4.36 -27.57
CA GLU A 396 -3.12 -4.78 -28.12
C GLU A 396 -3.29 -6.29 -28.21
N GLN A 397 -2.33 -7.09 -27.75
CA GLN A 397 -2.45 -8.54 -27.72
C GLN A 397 -2.08 -9.02 -26.33
N LEU A 398 -3.05 -9.04 -25.43
CA LEU A 398 -2.83 -9.49 -24.06
C LEU A 398 -4.09 -10.21 -23.61
N GLU A 399 -3.93 -11.45 -23.12
CA GLU A 399 -5.09 -12.30 -22.89
C GLU A 399 -5.26 -12.72 -21.43
N HIS A 400 -4.29 -12.47 -20.57
CA HIS A 400 -4.39 -12.85 -19.17
C HIS A 400 -3.87 -11.70 -18.33
N LEU A 401 -4.51 -11.46 -17.18
CA LEU A 401 -4.20 -10.28 -16.38
C LEU A 401 -4.80 -10.47 -14.99
N ASP A 402 -4.02 -10.22 -13.96
CA ASP A 402 -4.48 -10.39 -12.58
C ASP A 402 -3.88 -9.29 -11.71
N PHE A 403 -4.62 -8.87 -10.69
CA PHE A 403 -4.19 -7.83 -9.78
C PHE A 403 -4.57 -8.09 -8.32
N GLN A 404 -5.03 -9.29 -7.99
CA GLN A 404 -5.69 -9.51 -6.71
C GLN A 404 -4.75 -9.27 -5.53
N HIS A 405 -5.33 -8.79 -4.42
CA HIS A 405 -4.66 -8.55 -3.15
C HIS A 405 -3.53 -7.53 -3.23
N SER A 406 -3.46 -6.77 -4.32
CA SER A 406 -2.59 -5.60 -4.41
C SER A 406 -3.29 -4.42 -3.74
N ASN A 407 -2.78 -3.21 -3.96
CA ASN A 407 -3.41 -1.97 -3.50
C ASN A 407 -3.42 -0.99 -4.67
N LEU A 408 -4.57 -0.84 -5.31
CA LEU A 408 -4.69 -0.01 -6.49
C LEU A 408 -5.03 1.43 -6.12
N LYS A 409 -4.75 2.34 -7.05
CA LYS A 409 -5.01 3.76 -6.86
C LYS A 409 -5.48 4.38 -8.17
N GLN A 410 -6.43 5.30 -8.06
CA GLN A 410 -6.89 6.11 -9.19
C GLN A 410 -7.53 5.26 -10.28
N MET A 411 -8.19 4.18 -9.89
CA MET A 411 -8.74 3.24 -10.85
C MET A 411 -10.01 3.74 -11.52
N SER A 412 -10.68 4.75 -10.96
CA SER A 412 -12.01 5.15 -11.44
C SER A 412 -12.00 6.56 -12.03
N GLU A 413 -10.86 7.03 -12.53
CA GLU A 413 -10.76 8.39 -13.04
C GLU A 413 -10.84 8.47 -14.55
N PHE A 414 -10.77 7.34 -15.26
CA PHE A 414 -10.83 7.31 -16.72
C PHE A 414 -10.92 5.84 -17.15
N SER A 415 -11.07 5.63 -18.44
CA SER A 415 -11.17 4.28 -18.99
C SER A 415 -9.79 3.63 -18.92
N VAL A 416 -9.58 2.76 -17.93
CA VAL A 416 -8.25 2.20 -17.72
C VAL A 416 -8.00 1.03 -18.66
N PHE A 417 -9.03 0.31 -19.06
CA PHE A 417 -8.91 -0.82 -19.99
C PHE A 417 -9.58 -0.41 -21.29
N LEU A 418 -8.83 0.29 -22.14
CA LEU A 418 -9.41 0.86 -23.35
C LEU A 418 -8.82 0.35 -24.65
N SER A 419 -7.57 -0.11 -24.65
CA SER A 419 -6.96 -0.62 -25.87
C SER A 419 -6.99 -2.14 -25.97
N LEU A 420 -7.13 -2.84 -24.85
CA LEU A 420 -7.16 -4.31 -24.84
C LEU A 420 -8.49 -4.77 -25.42
N ARG A 421 -8.47 -5.08 -26.72
CA ARG A 421 -9.67 -5.55 -27.37
C ARG A 421 -9.70 -7.06 -27.58
N ASN A 422 -8.69 -7.78 -27.12
CA ASN A 422 -8.70 -9.24 -27.11
C ASN A 422 -8.27 -9.70 -25.72
N LEU A 423 -9.22 -9.76 -24.79
CA LEU A 423 -8.93 -10.17 -23.42
C LEU A 423 -9.96 -11.21 -23.01
N ILE A 424 -9.54 -12.20 -22.23
CA ILE A 424 -10.42 -13.29 -21.83
C ILE A 424 -10.53 -13.33 -20.31
N TYR A 425 -9.40 -13.22 -19.63
CA TYR A 425 -9.35 -13.33 -18.18
C TYR A 425 -9.05 -11.97 -17.57
N LEU A 426 -9.60 -11.72 -16.38
CA LEU A 426 -9.38 -10.48 -15.67
C LEU A 426 -9.83 -10.66 -14.23
N ASP A 427 -8.97 -10.30 -13.28
CA ASP A 427 -9.26 -10.47 -11.85
C ASP A 427 -8.79 -9.25 -11.08
N ILE A 428 -9.74 -8.56 -10.46
CA ILE A 428 -9.44 -7.47 -9.53
C ILE A 428 -10.18 -7.71 -8.23
N SER A 429 -9.53 -8.39 -7.29
CA SER A 429 -10.19 -8.85 -6.07
C SER A 429 -9.42 -8.37 -4.85
N HIS A 430 -10.15 -7.92 -3.84
CA HIS A 430 -9.61 -7.46 -2.56
C HIS A 430 -8.61 -6.33 -2.71
N THR A 431 -8.63 -5.62 -3.84
CA THR A 431 -7.93 -4.36 -3.94
C THR A 431 -8.83 -3.24 -3.42
N HIS A 432 -8.27 -2.37 -2.58
CA HIS A 432 -9.09 -1.37 -1.92
C HIS A 432 -9.49 -0.27 -2.89
N THR A 433 -10.48 -0.55 -3.73
CA THR A 433 -10.94 0.38 -4.76
C THR A 433 -12.35 0.88 -4.44
N ARG A 434 -12.86 1.78 -5.30
CA ARG A 434 -14.21 2.34 -5.14
C ARG A 434 -14.77 2.65 -6.53
N VAL A 435 -15.67 1.79 -7.04
CA VAL A 435 -16.23 1.98 -8.37
C VAL A 435 -17.25 3.12 -8.29
N ALA A 436 -16.96 4.23 -8.97
CA ALA A 436 -17.85 5.38 -8.99
C ALA A 436 -17.95 6.04 -10.37
N PHE A 437 -17.61 5.32 -11.44
CA PHE A 437 -17.64 5.91 -12.79
C PHE A 437 -18.25 4.88 -13.73
N ASN A 438 -19.50 5.11 -14.13
CA ASN A 438 -20.13 4.26 -15.12
C ASN A 438 -19.30 4.25 -16.41
N GLY A 439 -19.09 3.05 -16.96
CA GLY A 439 -18.28 2.90 -18.14
C GLY A 439 -16.81 2.69 -17.88
N ILE A 440 -16.42 2.25 -16.68
CA ILE A 440 -15.04 1.92 -16.42
C ILE A 440 -14.62 0.69 -17.21
N PHE A 441 -15.57 -0.19 -17.52
CA PHE A 441 -15.31 -1.36 -18.36
C PHE A 441 -15.60 -1.06 -19.82
N ASN A 442 -15.03 0.03 -20.34
CA ASN A 442 -15.27 0.44 -21.71
C ASN A 442 -14.16 -0.05 -22.63
N GLY A 443 -14.54 -0.79 -23.67
CA GLY A 443 -13.61 -1.27 -24.66
C GLY A 443 -13.38 -2.77 -24.63
N LEU A 444 -13.54 -3.41 -23.47
CA LEU A 444 -13.35 -4.86 -23.35
C LEU A 444 -14.52 -5.56 -24.00
N SER A 445 -14.31 -5.98 -25.25
CA SER A 445 -15.37 -6.58 -26.05
C SER A 445 -15.23 -8.09 -26.21
N SER A 446 -14.39 -8.75 -25.41
CA SER A 446 -14.23 -10.19 -25.51
C SER A 446 -14.13 -10.87 -24.15
N LEU A 447 -14.29 -10.13 -23.06
CA LEU A 447 -14.12 -10.71 -21.73
C LEU A 447 -15.15 -11.80 -21.49
N GLU A 448 -14.73 -12.86 -20.81
CA GLU A 448 -15.61 -13.97 -20.46
C GLU A 448 -15.57 -14.29 -18.97
N VAL A 449 -14.43 -14.09 -18.32
CA VAL A 449 -14.28 -14.30 -16.89
C VAL A 449 -14.02 -12.96 -16.23
N LEU A 450 -14.74 -12.67 -15.15
CA LEU A 450 -14.62 -11.41 -14.45
C LEU A 450 -14.77 -11.66 -12.96
N LYS A 451 -13.78 -11.24 -12.18
CA LYS A 451 -13.75 -11.48 -10.74
C LYS A 451 -13.51 -10.16 -10.02
N MET A 452 -14.38 -9.86 -9.05
CA MET A 452 -14.17 -8.72 -8.15
C MET A 452 -14.96 -9.00 -6.87
N ALA A 453 -14.24 -9.28 -5.79
CA ALA A 453 -14.84 -9.58 -4.50
C ALA A 453 -14.11 -8.78 -3.44
N GLY A 454 -14.83 -7.91 -2.76
CA GLY A 454 -14.27 -7.05 -1.75
C GLY A 454 -14.06 -5.61 -2.17
N ASN A 455 -14.74 -5.16 -3.22
CA ASN A 455 -14.57 -3.82 -3.77
C ASN A 455 -15.84 -3.03 -3.57
N SER A 456 -15.76 -1.97 -2.78
CA SER A 456 -16.93 -1.19 -2.42
C SER A 456 -17.57 -0.55 -3.65
N PHE A 457 -18.76 0.01 -3.45
CA PHE A 457 -19.48 0.72 -4.48
C PHE A 457 -19.93 2.07 -3.93
N GLN A 458 -20.08 3.04 -4.81
CA GLN A 458 -20.50 4.38 -4.38
C GLN A 458 -21.90 4.32 -3.80
N GLU A 459 -22.01 4.66 -2.51
CA GLU A 459 -23.28 4.72 -1.77
C GLU A 459 -24.01 3.37 -1.77
N ASN A 460 -23.30 2.31 -2.19
CA ASN A 460 -23.81 0.95 -2.13
C ASN A 460 -25.03 0.74 -3.02
N PHE A 461 -24.95 1.24 -4.25
CA PHE A 461 -26.00 1.03 -5.25
C PHE A 461 -25.34 0.65 -6.56
N LEU A 462 -25.74 -0.49 -7.12
CA LEU A 462 -25.11 -1.00 -8.34
C LEU A 462 -25.52 -0.17 -9.54
N PRO A 463 -24.57 0.45 -10.23
CA PRO A 463 -24.91 1.21 -11.44
C PRO A 463 -24.98 0.32 -12.67
N ASP A 464 -25.22 0.92 -13.83
CA ASP A 464 -25.34 0.18 -15.09
C ASP A 464 -24.01 0.28 -15.83
N ILE A 465 -23.10 -0.62 -15.48
CA ILE A 465 -21.78 -0.65 -16.13
C ILE A 465 -21.60 -1.85 -17.04
N PHE A 466 -22.40 -2.89 -16.89
CA PHE A 466 -22.24 -4.12 -17.67
C PHE A 466 -22.91 -4.00 -19.04
N THR A 467 -22.29 -3.26 -19.94
CA THR A 467 -22.73 -3.16 -21.32
C THR A 467 -21.54 -3.40 -22.25
N GLU A 468 -21.84 -3.95 -23.43
CA GLU A 468 -20.92 -4.33 -24.49
C GLU A 468 -20.14 -5.60 -24.14
N LEU A 469 -20.29 -6.15 -22.93
CA LEU A 469 -19.68 -7.42 -22.57
C LEU A 469 -20.64 -8.54 -23.00
N ARG A 470 -20.62 -8.82 -24.30
CA ARG A 470 -21.61 -9.73 -24.87
C ARG A 470 -21.19 -11.19 -24.85
N ASN A 471 -20.09 -11.54 -24.20
CA ASN A 471 -19.68 -12.94 -24.09
C ASN A 471 -19.53 -13.42 -22.65
N LEU A 472 -19.76 -12.54 -21.67
CA LEU A 472 -19.48 -12.87 -20.27
C LEU A 472 -20.30 -14.08 -19.86
N THR A 473 -19.66 -15.02 -19.16
CA THR A 473 -20.34 -16.22 -18.68
C THR A 473 -20.21 -16.41 -17.18
N PHE A 474 -19.03 -16.13 -16.62
CA PHE A 474 -18.76 -16.33 -15.20
C PHE A 474 -18.53 -14.97 -14.56
N LEU A 475 -19.54 -14.46 -13.86
CA LEU A 475 -19.47 -13.13 -13.25
C LEU A 475 -19.44 -13.29 -11.74
N ASP A 476 -18.41 -12.72 -11.10
CA ASP A 476 -18.22 -12.85 -9.67
C ASP A 476 -18.24 -11.46 -9.04
N LEU A 477 -19.18 -11.24 -8.12
CA LEU A 477 -19.19 -10.02 -7.31
C LEU A 477 -19.88 -10.38 -5.98
N SER A 478 -19.06 -10.64 -4.96
CA SER A 478 -19.54 -10.98 -3.63
C SER A 478 -18.66 -10.29 -2.60
N GLN A 479 -19.15 -10.22 -1.36
CA GLN A 479 -18.53 -9.48 -0.27
C GLN A 479 -18.45 -7.98 -0.53
N CYS A 480 -18.92 -7.54 -1.68
CA CYS A 480 -19.07 -6.11 -1.96
C CYS A 480 -20.33 -5.62 -1.25
N GLN A 481 -20.19 -4.60 -0.41
CA GLN A 481 -21.25 -4.26 0.54
C GLN A 481 -22.38 -3.57 -0.22
N LEU A 482 -23.04 -4.36 -1.07
CA LEU A 482 -24.21 -3.89 -1.79
C LEU A 482 -25.37 -3.75 -0.83
N GLU A 483 -26.31 -2.87 -1.18
CA GLU A 483 -27.57 -2.74 -0.46
C GLU A 483 -28.77 -2.69 -1.38
N GLN A 484 -28.58 -2.61 -2.69
CA GLN A 484 -29.67 -2.52 -3.66
C GLN A 484 -29.07 -2.62 -5.05
N LEU A 485 -29.91 -2.97 -6.03
CA LEU A 485 -29.47 -3.13 -7.41
C LEU A 485 -30.28 -2.23 -8.32
N SER A 486 -29.64 -1.78 -9.40
CA SER A 486 -30.35 -1.05 -10.43
C SER A 486 -31.44 -1.94 -11.04
N PRO A 487 -32.55 -1.35 -11.51
CA PRO A 487 -33.62 -2.18 -12.07
C PRO A 487 -33.23 -2.88 -13.35
N THR A 488 -32.44 -2.25 -14.23
CA THR A 488 -31.99 -2.86 -15.47
C THR A 488 -30.48 -2.75 -15.56
N ALA A 489 -29.79 -3.72 -14.96
CA ALA A 489 -28.33 -3.81 -15.03
C ALA A 489 -27.86 -4.99 -15.87
N PHE A 490 -28.38 -6.18 -15.59
CA PHE A 490 -28.01 -7.38 -16.35
C PHE A 490 -28.84 -7.52 -17.62
N ASN A 491 -28.64 -6.61 -18.56
CA ASN A 491 -29.24 -6.73 -19.87
C ASN A 491 -28.17 -6.97 -20.92
N SER A 492 -28.56 -7.65 -21.99
CA SER A 492 -27.72 -8.06 -23.12
C SER A 492 -26.64 -9.05 -22.72
N LEU A 493 -26.56 -9.46 -21.45
CA LEU A 493 -25.63 -10.49 -21.02
C LEU A 493 -26.32 -11.85 -21.19
N SER A 494 -26.56 -12.20 -22.46
CA SER A 494 -27.34 -13.39 -22.79
C SER A 494 -26.51 -14.66 -22.79
N SER A 495 -25.35 -14.66 -22.14
CA SER A 495 -24.50 -15.84 -22.08
C SER A 495 -23.98 -16.15 -20.69
N LEU A 496 -24.58 -15.59 -19.65
CA LEU A 496 -24.12 -15.86 -18.29
C LEU A 496 -24.65 -17.20 -17.81
N GLN A 497 -23.84 -17.92 -17.05
CA GLN A 497 -24.23 -19.19 -16.45
C GLN A 497 -24.02 -19.23 -14.95
N VAL A 498 -22.94 -18.64 -14.45
CA VAL A 498 -22.64 -18.56 -13.03
C VAL A 498 -22.86 -17.12 -12.58
N LEU A 499 -23.38 -16.94 -11.38
CA LEU A 499 -23.66 -15.61 -10.84
C LEU A 499 -23.57 -15.65 -9.32
N ASN A 500 -22.48 -15.15 -8.76
CA ASN A 500 -22.25 -15.17 -7.33
C ASN A 500 -22.64 -13.84 -6.71
N MET A 501 -23.62 -13.87 -5.83
CA MET A 501 -24.09 -12.65 -5.15
C MET A 501 -24.26 -12.93 -3.66
N SER A 502 -23.29 -13.61 -3.05
CA SER A 502 -23.39 -14.02 -1.67
C SER A 502 -22.66 -13.04 -0.76
N HIS A 503 -22.95 -13.14 0.54
CA HIS A 503 -22.28 -12.43 1.61
C HIS A 503 -22.52 -10.93 1.58
N ASN A 504 -23.54 -10.47 0.87
CA ASN A 504 -23.87 -9.05 0.82
C ASN A 504 -24.88 -8.71 1.91
N ASN A 505 -25.45 -7.51 1.85
CA ASN A 505 -26.48 -7.08 2.79
C ASN A 505 -27.72 -6.67 1.99
N PHE A 506 -28.56 -7.64 1.67
CA PHE A 506 -29.85 -7.40 1.04
C PHE A 506 -30.96 -7.58 2.08
N PHE A 507 -32.15 -7.08 1.74
CA PHE A 507 -33.30 -7.31 2.60
C PHE A 507 -34.47 -7.83 1.79
N SER A 508 -34.56 -7.44 0.53
CA SER A 508 -35.65 -7.83 -0.35
C SER A 508 -35.12 -8.74 -1.44
N LEU A 509 -36.01 -9.53 -2.03
CA LEU A 509 -35.69 -10.40 -3.14
C LEU A 509 -36.71 -10.13 -4.25
N ASP A 510 -36.21 -9.98 -5.48
CA ASP A 510 -37.07 -9.76 -6.63
C ASP A 510 -36.52 -10.51 -7.84
N THR A 511 -37.43 -10.97 -8.70
CA THR A 511 -37.06 -11.73 -9.88
C THR A 511 -36.97 -10.88 -11.14
N PHE A 512 -37.29 -9.58 -11.06
CA PHE A 512 -37.37 -8.78 -12.28
C PHE A 512 -36.00 -8.54 -12.91
N PRO A 513 -34.94 -8.16 -12.17
CA PRO A 513 -33.66 -7.91 -12.84
C PRO A 513 -33.12 -9.09 -13.62
N TYR A 514 -33.41 -10.32 -13.19
CA TYR A 514 -32.96 -11.52 -13.88
C TYR A 514 -34.02 -12.09 -14.82
N LYS A 515 -34.87 -11.24 -15.40
CA LYS A 515 -35.98 -11.73 -16.20
C LYS A 515 -35.48 -12.48 -17.43
N CYS A 516 -34.66 -11.84 -18.26
CA CYS A 516 -34.26 -12.41 -19.56
C CYS A 516 -32.76 -12.73 -19.53
N LEU A 517 -32.44 -13.88 -18.93
CA LEU A 517 -31.09 -14.45 -18.96
C LEU A 517 -31.28 -15.93 -19.29
N ASN A 518 -31.17 -16.26 -20.57
CA ASN A 518 -31.58 -17.58 -21.06
C ASN A 518 -30.51 -18.65 -20.87
N SER A 519 -29.49 -18.43 -20.04
CA SER A 519 -28.42 -19.41 -19.90
C SER A 519 -27.96 -19.60 -18.47
N LEU A 520 -28.76 -19.21 -17.48
CA LEU A 520 -28.32 -19.35 -16.09
C LEU A 520 -28.55 -20.77 -15.59
N GLN A 521 -27.62 -21.24 -14.76
CA GLN A 521 -27.77 -22.54 -14.11
C GLN A 521 -27.60 -22.42 -12.61
N VAL A 522 -26.69 -21.54 -12.18
CA VAL A 522 -26.34 -21.39 -10.77
C VAL A 522 -26.66 -19.97 -10.35
N LEU A 523 -27.21 -19.82 -9.14
CA LEU A 523 -27.56 -18.52 -8.58
C LEU A 523 -27.33 -18.56 -7.08
N ASP A 524 -26.59 -17.60 -6.56
CA ASP A 524 -26.03 -17.70 -5.22
C ASP A 524 -26.49 -16.52 -4.36
N TYR A 525 -27.28 -16.82 -3.31
CA TYR A 525 -27.67 -15.86 -2.28
C TYR A 525 -27.45 -16.54 -0.93
N SER A 526 -26.21 -16.53 -0.42
CA SER A 526 -25.99 -17.32 0.78
C SER A 526 -25.92 -16.51 2.07
N LEU A 527 -24.92 -15.66 2.22
CA LEU A 527 -24.67 -15.03 3.52
C LEU A 527 -25.25 -13.63 3.60
N ASN A 528 -26.52 -13.48 3.25
CA ASN A 528 -27.21 -12.20 3.34
C ASN A 528 -28.12 -12.20 4.58
N HIS A 529 -28.95 -11.17 4.73
CA HIS A 529 -30.02 -11.17 5.74
C HIS A 529 -31.31 -10.82 5.02
N ILE A 530 -31.92 -11.82 4.39
CA ILE A 530 -33.14 -11.63 3.61
C ILE A 530 -34.31 -11.94 4.53
N MET A 531 -35.21 -10.98 4.68
CA MET A 531 -36.38 -11.14 5.54
C MET A 531 -37.67 -11.31 4.76
N THR A 532 -37.80 -10.66 3.61
CA THR A 532 -39.01 -10.77 2.80
C THR A 532 -38.69 -10.29 1.39
N SER A 533 -39.72 -10.22 0.55
CA SER A 533 -39.60 -9.63 -0.78
C SER A 533 -40.26 -8.27 -0.77
N LYS A 534 -40.05 -7.48 -1.83
CA LYS A 534 -40.75 -6.21 -1.95
C LYS A 534 -42.26 -6.42 -1.92
N LYS A 535 -42.72 -7.50 -2.55
CA LYS A 535 -44.10 -7.96 -2.47
C LYS A 535 -44.16 -9.35 -3.08
N GLN A 536 -45.36 -9.87 -3.31
CA GLN A 536 -45.55 -11.21 -3.85
C GLN A 536 -45.62 -11.21 -5.38
N GLU A 537 -45.00 -10.22 -6.02
CA GLU A 537 -44.85 -10.20 -7.47
C GLU A 537 -43.69 -11.07 -7.94
N LEU A 538 -43.23 -11.99 -7.09
CA LEU A 538 -42.10 -12.84 -7.43
C LEU A 538 -42.45 -13.74 -8.60
N GLN A 539 -41.90 -13.43 -9.76
CA GLN A 539 -42.22 -14.10 -11.01
C GLN A 539 -41.53 -15.46 -11.06
N HIS A 540 -41.65 -16.14 -12.20
CA HIS A 540 -40.85 -17.32 -12.48
C HIS A 540 -39.41 -16.91 -12.78
N PHE A 541 -38.49 -17.79 -12.45
CA PHE A 541 -37.13 -17.58 -12.91
C PHE A 541 -36.95 -18.17 -14.29
N PRO A 542 -35.94 -17.73 -15.05
CA PRO A 542 -35.67 -18.34 -16.35
C PRO A 542 -35.53 -19.84 -16.24
N SER A 543 -36.20 -20.57 -17.13
CA SER A 543 -36.31 -22.03 -17.06
C SER A 543 -34.97 -22.72 -16.84
N SER A 544 -33.93 -22.25 -17.52
CA SER A 544 -32.63 -22.89 -17.46
C SER A 544 -32.07 -22.98 -16.04
N LEU A 545 -32.54 -22.15 -15.12
CA LEU A 545 -32.03 -22.19 -13.76
C LEU A 545 -32.32 -23.53 -13.12
N ALA A 546 -31.29 -24.14 -12.54
CA ALA A 546 -31.42 -25.44 -11.88
C ALA A 546 -30.68 -25.51 -10.57
N PHE A 547 -30.17 -24.39 -10.05
CA PHE A 547 -29.40 -24.39 -8.81
C PHE A 547 -29.53 -23.03 -8.15
N LEU A 548 -29.82 -23.04 -6.84
CA LEU A 548 -30.17 -21.82 -6.14
C LEU A 548 -29.91 -21.96 -4.65
N ASN A 549 -28.86 -21.32 -4.14
CA ASN A 549 -28.66 -21.17 -2.71
C ASN A 549 -29.66 -20.17 -2.14
N LEU A 550 -30.27 -20.52 -1.01
CA LEU A 550 -31.05 -19.57 -0.23
C LEU A 550 -30.86 -19.79 1.27
N THR A 551 -29.70 -20.27 1.67
CA THR A 551 -29.47 -20.75 3.03
C THR A 551 -28.75 -19.72 3.89
N GLN A 552 -28.47 -20.12 5.13
CA GLN A 552 -27.54 -19.44 6.03
C GLN A 552 -27.95 -18.01 6.36
N ASN A 553 -29.23 -17.67 6.30
CA ASN A 553 -29.67 -16.33 6.64
C ASN A 553 -30.89 -16.40 7.55
N ASP A 554 -31.00 -15.41 8.43
CA ASP A 554 -32.08 -15.38 9.41
C ASP A 554 -33.39 -14.98 8.76
N PHE A 555 -34.45 -15.71 9.09
CA PHE A 555 -35.79 -15.43 8.61
C PHE A 555 -36.68 -14.98 9.77
N ALA A 556 -37.87 -14.48 9.43
CA ALA A 556 -38.85 -14.03 10.40
C ALA A 556 -40.10 -14.88 10.24
N CYS A 557 -40.49 -15.57 11.31
CA CYS A 557 -41.65 -16.46 11.26
C CYS A 557 -42.80 -15.85 12.04
N THR A 558 -43.54 -14.98 11.36
CA THR A 558 -44.84 -14.50 11.82
C THR A 558 -45.80 -14.59 10.64
N CYS A 559 -47.09 -14.66 10.93
CA CYS A 559 -48.06 -14.87 9.86
C CYS A 559 -48.14 -13.67 8.92
N GLU A 560 -47.52 -12.56 9.29
CA GLU A 560 -47.27 -11.51 8.32
C GLU A 560 -46.44 -12.08 7.16
N HIS A 561 -46.79 -11.64 5.94
CA HIS A 561 -46.19 -12.11 4.69
C HIS A 561 -46.00 -13.62 4.67
N GLN A 562 -46.98 -14.37 5.17
CA GLN A 562 -46.92 -15.82 5.07
C GLN A 562 -46.95 -16.28 3.61
N SER A 563 -47.56 -15.47 2.74
CA SER A 563 -47.54 -15.75 1.32
C SER A 563 -46.12 -15.88 0.78
N PHE A 564 -45.15 -15.19 1.37
CA PHE A 564 -43.77 -15.32 0.94
C PHE A 564 -43.25 -16.74 1.19
N LEU A 565 -43.50 -17.26 2.40
CA LEU A 565 -43.12 -18.65 2.68
C LEU A 565 -43.89 -19.62 1.81
N GLN A 566 -45.17 -19.32 1.52
CA GLN A 566 -45.91 -20.12 0.56
C GLN A 566 -45.21 -20.16 -0.79
N TRP A 567 -44.71 -19.00 -1.25
CA TRP A 567 -44.05 -18.93 -2.54
C TRP A 567 -42.72 -19.68 -2.54
N ILE A 568 -41.99 -19.65 -1.42
CA ILE A 568 -40.70 -20.32 -1.42
C ILE A 568 -40.88 -21.83 -1.31
N LYS A 569 -41.82 -22.29 -0.48
CA LYS A 569 -42.09 -23.72 -0.41
C LYS A 569 -42.82 -24.23 -1.64
N ASP A 570 -43.24 -23.33 -2.54
CA ASP A 570 -43.90 -23.75 -3.78
C ASP A 570 -42.94 -24.42 -4.74
N GLN A 571 -41.65 -24.08 -4.69
CA GLN A 571 -40.68 -24.65 -5.64
C GLN A 571 -39.46 -25.11 -4.84
N ARG A 572 -39.47 -26.38 -4.45
CA ARG A 572 -38.37 -26.99 -3.71
C ARG A 572 -37.37 -27.68 -4.62
N GLN A 573 -37.69 -27.83 -5.91
CA GLN A 573 -36.85 -28.55 -6.85
C GLN A 573 -35.61 -27.76 -7.25
N LEU A 574 -35.34 -26.61 -6.61
CA LEU A 574 -34.15 -25.84 -6.90
C LEU A 574 -33.33 -25.51 -5.66
N LEU A 575 -33.81 -25.81 -4.46
CA LEU A 575 -33.04 -25.54 -3.26
C LEU A 575 -31.87 -26.51 -3.17
N VAL A 576 -31.09 -26.37 -2.09
CA VAL A 576 -29.85 -27.13 -1.93
C VAL A 576 -29.85 -27.95 -0.64
N GLU A 577 -29.92 -27.29 0.52
CA GLU A 577 -29.81 -27.95 1.81
C GLU A 577 -31.00 -27.46 2.64
N VAL A 578 -32.13 -28.16 2.51
CA VAL A 578 -33.36 -27.71 3.15
C VAL A 578 -33.25 -27.73 4.67
N GLU A 579 -32.26 -28.43 5.21
CA GLU A 579 -32.12 -28.52 6.66
C GLU A 579 -31.47 -27.30 7.29
N ARG A 580 -30.82 -26.45 6.50
CA ARG A 580 -30.18 -25.26 7.04
C ARG A 580 -30.92 -23.97 6.70
N MET A 581 -32.21 -24.04 6.39
CA MET A 581 -33.05 -22.85 6.30
C MET A 581 -34.03 -22.86 7.46
N GLU A 582 -33.80 -21.96 8.43
CA GLU A 582 -34.61 -21.93 9.63
C GLU A 582 -34.61 -20.50 10.17
N CYS A 583 -35.72 -20.12 10.79
CA CYS A 583 -35.89 -18.76 11.26
C CYS A 583 -35.56 -18.65 12.75
N ALA A 584 -35.16 -17.45 13.15
CA ALA A 584 -34.85 -17.19 14.56
C ALA A 584 -35.35 -15.82 15.02
N THR A 585 -36.10 -15.09 14.21
CA THR A 585 -36.54 -13.75 14.61
C THR A 585 -37.57 -13.85 15.74
N PRO A 586 -38.69 -14.60 15.59
CA PRO A 586 -39.54 -14.82 16.77
C PRO A 586 -38.88 -15.77 17.76
N SER A 587 -38.94 -15.43 19.04
CA SER A 587 -38.23 -16.22 20.05
C SER A 587 -38.70 -17.67 20.08
N ASP A 588 -40.00 -17.91 19.86
CA ASP A 588 -40.50 -19.28 19.88
C ASP A 588 -39.98 -20.07 18.69
N LYS A 589 -40.15 -19.54 17.48
CA LYS A 589 -39.72 -20.20 16.25
C LYS A 589 -38.22 -19.98 16.11
N GLN A 590 -37.42 -20.92 16.61
CA GLN A 590 -35.98 -20.80 16.58
C GLN A 590 -35.38 -22.17 16.23
N GLY A 591 -34.48 -22.17 15.23
CA GLY A 591 -33.85 -23.40 14.81
C GLY A 591 -34.77 -24.38 14.10
N MET A 592 -36.04 -24.02 13.94
CA MET A 592 -37.00 -24.89 13.30
C MET A 592 -36.95 -24.71 11.79
N PRO A 593 -36.74 -25.75 11.00
CA PRO A 593 -36.66 -25.58 9.55
C PRO A 593 -37.90 -24.91 8.99
N VAL A 594 -37.71 -24.17 7.90
CA VAL A 594 -38.78 -23.32 7.38
C VAL A 594 -39.84 -24.16 6.69
N LEU A 595 -39.45 -24.90 5.65
CA LEU A 595 -40.41 -25.67 4.87
C LEU A 595 -41.19 -26.68 5.70
N SER A 596 -40.70 -27.01 6.90
CA SER A 596 -41.41 -27.95 7.76
C SER A 596 -42.61 -27.28 8.42
N LEU A 597 -42.38 -26.14 9.08
CA LEU A 597 -43.43 -25.48 9.85
C LEU A 597 -44.60 -25.06 8.98
N ASN A 598 -45.78 -25.04 9.57
CA ASN A 598 -46.99 -24.52 8.95
C ASN A 598 -47.59 -23.48 9.87
N ILE A 599 -48.10 -22.38 9.30
CA ILE A 599 -48.47 -21.21 10.08
C ILE A 599 -49.97 -20.97 10.01
N THR A 600 -50.50 -20.40 11.09
CA THR A 600 -51.87 -19.94 11.15
C THR A 600 -51.96 -18.50 10.63
N CYS A 601 -53.16 -17.92 10.74
CA CYS A 601 -53.48 -16.62 10.15
C CYS A 601 -53.59 -16.82 8.64
N GLN B 1 -0.44 -37.46 32.25
CA GLN B 1 0.68 -37.42 31.32
C GLN B 1 1.99 -37.25 32.06
N LYS B 2 3.11 -37.42 31.35
CA LYS B 2 4.43 -37.26 31.92
C LYS B 2 4.96 -35.87 31.60
N GLN B 3 5.87 -35.38 32.44
CA GLN B 3 6.42 -34.04 32.32
C GLN B 3 7.84 -34.13 31.76
N TYR B 4 8.06 -33.54 30.58
CA TYR B 4 9.36 -33.51 29.94
C TYR B 4 9.98 -32.13 30.14
N TRP B 5 11.00 -32.06 30.99
CA TRP B 5 11.72 -30.82 31.23
C TRP B 5 12.84 -30.64 30.21
N VAL B 6 13.22 -29.39 29.97
CA VAL B 6 14.28 -29.12 29.00
C VAL B 6 15.43 -28.35 29.63
N CYS B 7 15.17 -27.13 30.10
CA CYS B 7 16.23 -26.30 30.66
C CYS B 7 15.61 -25.19 31.49
N ASN B 8 16.46 -24.48 32.20
CA ASN B 8 16.07 -23.35 33.04
C ASN B 8 17.02 -22.19 32.80
N SER B 9 16.47 -20.98 32.81
CA SER B 9 17.25 -19.76 32.75
C SER B 9 16.83 -18.83 33.87
N SER B 10 17.33 -17.59 33.82
CA SER B 10 16.89 -16.58 34.78
C SER B 10 15.42 -16.24 34.61
N ASP B 11 14.90 -16.31 33.38
CA ASP B 11 13.50 -15.97 33.14
C ASP B 11 12.81 -16.93 32.17
N ALA B 12 13.13 -18.22 32.21
CA ALA B 12 12.46 -19.17 31.34
C ALA B 12 12.46 -20.54 32.01
N SER B 13 11.35 -21.27 31.82
CA SER B 13 11.15 -22.57 32.42
C SER B 13 10.49 -23.53 31.43
N ILE B 14 11.03 -23.55 30.20
CA ILE B 14 10.43 -24.33 29.12
C ILE B 14 10.16 -25.76 29.54
N SER B 15 9.04 -26.31 29.09
CA SER B 15 8.71 -27.72 29.28
C SER B 15 7.70 -28.11 28.21
N TYR B 16 7.44 -29.41 28.09
CA TYR B 16 6.52 -29.86 27.06
C TYR B 16 6.00 -31.25 27.37
N THR B 17 4.84 -31.55 26.78
CA THR B 17 4.19 -32.86 26.86
C THR B 17 3.59 -33.20 25.50
N TYR B 18 2.97 -34.38 25.42
CA TYR B 18 2.30 -34.81 24.21
C TYR B 18 0.88 -34.26 24.16
N CYS B 19 0.35 -34.13 22.94
CA CYS B 19 -1.02 -33.67 22.76
C CYS B 19 -1.96 -34.81 22.36
N ASP B 20 -1.61 -35.53 21.30
CA ASP B 20 -2.50 -36.53 20.73
C ASP B 20 -2.11 -37.92 21.24
N LYS B 21 -2.74 -38.96 20.68
CA LYS B 21 -2.58 -40.30 21.22
C LYS B 21 -1.24 -40.92 20.83
N MET B 22 -0.78 -40.67 19.61
CA MET B 22 0.52 -41.19 19.20
C MET B 22 1.61 -40.62 20.08
N GLN B 23 2.55 -41.47 20.48
CA GLN B 23 3.58 -41.11 21.45
C GLN B 23 4.96 -41.57 20.99
N TYR B 24 5.28 -41.30 19.73
CA TYR B 24 6.59 -41.62 19.21
C TYR B 24 7.63 -40.72 19.86
N PRO B 25 8.64 -41.28 20.54
CA PRO B 25 9.59 -40.43 21.28
C PRO B 25 10.38 -39.51 20.37
N ILE B 26 11.07 -38.56 20.99
CA ILE B 26 11.83 -37.54 20.30
C ILE B 26 12.80 -36.95 21.31
N SER B 27 13.89 -36.34 20.83
CA SER B 27 14.85 -35.71 21.71
C SER B 27 15.22 -34.32 21.18
N ILE B 28 15.04 -33.32 22.02
CA ILE B 28 15.28 -31.92 21.69
C ILE B 28 16.18 -31.30 22.76
N ASN B 29 17.07 -30.42 22.34
CA ASN B 29 17.90 -29.65 23.28
C ASN B 29 18.24 -28.31 22.67
N VAL B 30 18.43 -27.31 23.53
CA VAL B 30 18.77 -25.96 23.11
C VAL B 30 19.92 -25.48 23.99
N ASN B 31 20.89 -24.79 23.39
CA ASN B 31 21.99 -24.23 24.17
C ASN B 31 22.43 -22.89 23.59
N PRO B 32 22.47 -21.84 24.41
CA PRO B 32 22.10 -21.90 25.83
C PRO B 32 20.61 -21.72 26.05
N CYS B 33 20.13 -21.95 27.27
CA CYS B 33 18.71 -21.85 27.57
C CYS B 33 18.19 -20.46 27.23
N ILE B 34 17.04 -20.43 26.56
CA ILE B 34 16.50 -19.20 26.00
C ILE B 34 16.17 -18.21 27.12
N GLU B 35 16.47 -16.94 26.89
CA GLU B 35 15.98 -15.84 27.69
C GLU B 35 14.98 -15.08 26.83
N LEU B 36 13.77 -14.85 27.36
CA LEU B 36 12.70 -14.28 26.55
C LEU B 36 12.91 -12.78 26.39
N LYS B 37 14.10 -12.44 25.91
CA LYS B 37 14.50 -11.06 25.70
C LYS B 37 15.29 -10.87 24.41
N GLY B 38 15.44 -11.91 23.61
CA GLY B 38 16.32 -11.87 22.46
C GLY B 38 17.62 -12.60 22.75
N SER B 39 17.80 -13.76 22.13
CA SER B 39 18.98 -14.57 22.40
C SER B 39 19.52 -15.12 21.08
N LYS B 40 20.46 -16.04 21.22
CA LYS B 40 21.13 -16.67 20.08
C LYS B 40 21.76 -17.97 20.55
N GLY B 41 21.62 -19.01 19.75
CA GLY B 41 22.19 -20.29 20.14
C GLY B 41 21.92 -21.37 19.13
N LEU B 42 22.13 -22.61 19.57
CA LEU B 42 22.01 -23.80 18.75
C LEU B 42 20.91 -24.71 19.29
N LEU B 43 20.35 -25.52 18.41
CA LEU B 43 19.23 -26.40 18.69
C LEU B 43 19.55 -27.77 18.12
N HIS B 44 19.66 -28.77 18.99
CA HIS B 44 20.00 -30.12 18.60
C HIS B 44 18.75 -30.99 18.65
N ILE B 45 18.53 -31.77 17.59
CA ILE B 45 17.32 -32.56 17.43
C ILE B 45 17.71 -33.96 16.97
N PHE B 46 17.13 -34.97 17.62
CA PHE B 46 17.29 -36.36 17.21
C PHE B 46 15.93 -37.04 17.23
N TYR B 47 15.62 -37.73 16.13
CA TYR B 47 14.27 -38.21 15.87
C TYR B 47 14.34 -39.36 14.87
N ILE B 48 13.26 -40.14 14.81
CA ILE B 48 13.11 -41.22 13.83
C ILE B 48 11.70 -41.15 13.26
N PRO B 49 11.53 -40.58 12.07
CA PRO B 49 10.18 -40.34 11.56
C PRO B 49 9.43 -41.62 11.26
N ARG B 50 8.15 -41.45 10.93
CA ARG B 50 7.30 -42.55 10.51
C ARG B 50 6.61 -42.27 9.19
N ARG B 51 6.78 -41.08 8.63
CA ARG B 51 6.29 -40.74 7.30
C ARG B 51 7.37 -39.93 6.60
N ASP B 52 7.21 -39.78 5.29
CA ASP B 52 8.17 -39.05 4.48
C ASP B 52 8.11 -37.58 4.84
N LEU B 53 9.10 -37.09 5.58
CA LEU B 53 9.14 -35.67 5.91
C LEU B 53 9.56 -34.87 4.69
N LYS B 54 8.67 -34.83 3.70
CA LYS B 54 8.87 -34.07 2.47
C LYS B 54 7.75 -33.05 2.34
N GLN B 55 8.10 -31.88 1.79
CA GLN B 55 7.26 -30.68 1.83
C GLN B 55 6.52 -30.57 3.17
N LEU B 56 7.32 -30.61 4.23
CA LEU B 56 6.80 -30.47 5.58
C LEU B 56 6.39 -29.04 5.84
N TYR B 57 5.48 -28.85 6.80
CA TYR B 57 5.22 -27.51 7.32
C TYR B 57 4.54 -27.61 8.68
N PHE B 58 4.30 -26.45 9.26
CA PHE B 58 3.91 -26.32 10.66
C PHE B 58 2.68 -25.44 10.79
N ASN B 59 1.79 -25.84 11.69
CA ASN B 59 0.69 -25.02 12.14
C ASN B 59 0.88 -24.74 13.63
N LEU B 60 0.59 -23.51 14.03
CA LEU B 60 0.88 -23.03 15.38
C LEU B 60 -0.34 -22.36 15.96
N TYR B 61 -0.76 -22.82 17.15
CA TYR B 61 -1.87 -22.26 17.90
C TYR B 61 -1.31 -21.68 19.19
N ILE B 62 -1.33 -20.37 19.32
CA ILE B 62 -0.67 -19.71 20.43
C ILE B 62 -1.71 -19.31 21.46
N THR B 63 -1.26 -19.09 22.70
CA THR B 63 -2.14 -18.69 23.80
C THR B 63 -1.35 -17.85 24.78
N VAL B 64 -1.76 -16.59 24.93
CA VAL B 64 -1.12 -15.66 25.84
C VAL B 64 -2.00 -15.50 27.07
N ASN B 65 -1.72 -16.28 28.10
CA ASN B 65 -2.45 -16.30 29.38
C ASN B 65 -3.95 -16.15 29.16
N THR B 66 -4.51 -17.13 28.45
CA THR B 66 -5.92 -17.35 28.16
C THR B 66 -6.46 -16.44 27.05
N MET B 67 -5.62 -15.75 26.30
CA MET B 67 -6.06 -15.02 25.11
C MET B 67 -5.46 -15.67 23.88
N ASN B 68 -6.32 -16.25 23.04
CA ASN B 68 -5.86 -16.90 21.83
C ASN B 68 -5.28 -15.89 20.84
N LEU B 69 -4.76 -16.40 19.75
CA LEU B 69 -4.18 -15.63 18.66
C LEU B 69 -4.58 -16.29 17.35
N PRO B 70 -4.34 -15.64 16.22
CA PRO B 70 -4.55 -16.32 14.94
C PRO B 70 -3.64 -17.53 14.79
N LYS B 71 -3.89 -18.30 13.75
CA LYS B 71 -3.13 -19.52 13.51
C LYS B 71 -1.96 -19.24 12.58
N ARG B 72 -0.76 -19.65 13.00
CA ARG B 72 0.44 -19.39 12.23
C ARG B 72 0.78 -20.60 11.36
N LYS B 73 1.27 -20.32 10.15
CA LYS B 73 1.60 -21.37 9.18
C LYS B 73 3.01 -21.13 8.67
N GLU B 74 3.91 -22.08 8.93
CA GLU B 74 5.32 -21.95 8.56
C GLU B 74 5.69 -23.06 7.59
N VAL B 75 6.18 -22.68 6.41
CA VAL B 75 6.66 -23.63 5.42
C VAL B 75 8.14 -23.86 5.67
N ILE B 76 8.51 -25.06 6.09
CA ILE B 76 9.90 -25.36 6.39
C ILE B 76 10.71 -25.57 5.12
N CYS B 77 10.36 -26.59 4.34
CA CYS B 77 11.00 -26.81 3.06
C CYS B 77 9.93 -27.28 2.08
N ARG B 78 10.08 -26.87 0.82
CA ARG B 78 9.03 -27.01 -0.17
C ARG B 78 9.63 -27.36 -1.52
N GLY B 79 8.84 -28.05 -2.33
CA GLY B 79 9.22 -28.30 -3.71
C GLY B 79 10.54 -29.04 -3.82
N SER B 80 11.39 -28.56 -4.72
CA SER B 80 12.70 -29.15 -4.97
C SER B 80 13.80 -28.18 -4.57
N ASP B 81 14.99 -28.73 -4.34
CA ASP B 81 16.19 -27.94 -4.03
C ASP B 81 15.97 -27.09 -2.78
N ASP B 82 15.75 -27.79 -1.68
CA ASP B 82 15.44 -27.15 -0.41
C ASP B 82 16.69 -26.69 0.31
N ASP B 83 16.51 -25.76 1.24
CA ASP B 83 17.64 -25.22 1.98
C ASP B 83 18.18 -26.21 3.00
N TYR B 84 17.30 -26.93 3.68
CA TYR B 84 17.70 -27.85 4.73
C TYR B 84 18.06 -29.21 4.15
N SER B 85 18.99 -29.90 4.82
CA SER B 85 19.45 -31.19 4.34
C SER B 85 18.52 -32.33 4.75
N PHE B 86 17.97 -32.27 5.96
CA PHE B 86 17.31 -33.44 6.53
C PHE B 86 15.97 -33.75 5.87
N CYS B 87 15.36 -32.80 5.15
CA CYS B 87 13.98 -32.95 4.74
C CYS B 87 13.85 -33.67 3.39
N ARG B 88 14.83 -34.50 3.05
CA ARG B 88 14.71 -35.46 1.97
C ARG B 88 14.77 -36.90 2.46
N ALA B 89 14.63 -37.12 3.77
CA ALA B 89 14.74 -38.45 4.34
C ALA B 89 13.47 -39.27 4.08
N LEU B 90 13.50 -40.52 4.52
CA LEU B 90 12.40 -41.45 4.35
C LEU B 90 12.03 -42.07 5.70
N LYS B 91 11.05 -42.95 5.68
CA LYS B 91 10.64 -43.64 6.90
C LYS B 91 11.78 -44.50 7.43
N GLY B 92 11.80 -44.68 8.75
CA GLY B 92 12.81 -45.50 9.39
C GLY B 92 14.20 -44.91 9.44
N GLU B 93 14.48 -43.87 8.68
CA GLU B 93 15.82 -43.28 8.62
C GLU B 93 15.99 -42.27 9.74
N THR B 94 17.02 -42.44 10.55
CA THR B 94 17.25 -41.56 11.69
C THR B 94 17.61 -40.16 11.22
N VAL B 95 17.01 -39.15 11.84
CA VAL B 95 17.36 -37.75 11.59
C VAL B 95 18.05 -37.24 12.84
N ASN B 96 19.17 -36.55 12.66
CA ASN B 96 20.05 -36.12 13.75
C ASN B 96 20.75 -34.85 13.27
N THR B 97 20.26 -33.69 13.71
CA THR B 97 20.77 -32.44 13.17
C THR B 97 20.86 -31.37 14.26
N THR B 98 21.46 -30.24 13.89
CA THR B 98 21.57 -29.05 14.74
C THR B 98 21.41 -27.81 13.88
N ILE B 99 20.65 -26.84 14.39
CA ILE B 99 20.32 -25.63 13.63
C ILE B 99 20.51 -24.43 14.54
N SER B 100 20.94 -23.30 13.96
CA SER B 100 21.20 -22.10 14.72
C SER B 100 20.00 -21.16 14.67
N PHE B 101 19.81 -20.39 15.74
CA PHE B 101 18.67 -19.49 15.84
C PHE B 101 19.05 -18.25 16.65
N SER B 102 18.30 -17.18 16.43
CA SER B 102 18.52 -15.91 17.15
C SER B 102 17.36 -14.96 16.91
N PHE B 103 17.06 -14.16 17.95
CA PHE B 103 15.97 -13.19 17.87
C PHE B 103 16.19 -12.08 18.88
N LYS B 104 15.62 -10.99 18.61
CA LYS B 104 15.63 -9.86 19.53
C LYS B 104 14.63 -8.84 19.05
N GLY B 105 14.09 -7.94 19.98
CA GLY B 105 13.30 -6.78 19.58
C GLY B 105 11.86 -6.66 20.01
N ILE B 106 11.43 -7.45 21.01
CA ILE B 106 10.05 -7.41 21.48
C ILE B 106 10.04 -7.58 22.99
N LYS B 107 9.13 -6.88 23.66
CA LYS B 107 8.94 -7.01 25.10
C LYS B 107 7.71 -7.87 25.38
N PHE B 108 7.89 -8.90 26.19
CA PHE B 108 6.81 -9.76 26.63
C PHE B 108 6.58 -9.58 28.13
N SER B 109 5.31 -9.49 28.50
CA SER B 109 4.95 -9.30 29.91
C SER B 109 4.89 -10.65 30.61
N LYS B 110 4.63 -10.59 31.91
CA LYS B 110 4.51 -11.82 32.69
C LYS B 110 3.31 -12.64 32.21
N GLY B 111 3.38 -13.94 32.43
CA GLY B 111 2.30 -14.82 32.02
C GLY B 111 2.66 -16.29 31.97
N LYS B 112 1.87 -17.05 31.22
CA LYS B 112 1.99 -18.51 31.15
C LYS B 112 1.86 -18.95 29.70
N TYR B 113 2.61 -18.30 28.82
CA TYR B 113 2.48 -18.51 27.37
C TYR B 113 2.48 -19.99 27.04
N LYS B 114 1.59 -20.39 26.13
CA LYS B 114 1.44 -21.79 25.78
C LYS B 114 1.25 -21.92 24.28
N CYS B 115 1.80 -22.99 23.69
CA CYS B 115 1.80 -23.14 22.25
C CYS B 115 1.38 -24.54 21.85
N VAL B 116 0.79 -24.66 20.67
CA VAL B 116 0.35 -25.92 20.11
C VAL B 116 0.98 -26.08 18.73
N VAL B 117 1.69 -27.19 18.53
CA VAL B 117 2.46 -27.43 17.33
C VAL B 117 1.80 -28.57 16.56
N GLU B 118 1.71 -28.40 15.24
CA GLU B 118 1.19 -29.45 14.36
C GLU B 118 2.12 -29.55 13.15
N ALA B 119 2.76 -30.69 12.99
CA ALA B 119 3.61 -30.93 11.83
C ALA B 119 2.83 -31.72 10.79
N ILE B 120 2.82 -31.22 9.56
CA ILE B 120 2.14 -31.89 8.46
C ILE B 120 3.17 -32.19 7.38
N SER B 121 3.03 -33.36 6.74
CA SER B 121 4.01 -33.76 5.73
C SER B 121 3.38 -34.81 4.82
N GLY B 122 4.20 -35.35 3.93
CA GLY B 122 3.79 -36.41 3.03
C GLY B 122 3.05 -35.91 1.81
N SER B 123 3.06 -36.75 0.78
CA SER B 123 2.36 -36.48 -0.47
C SER B 123 0.84 -36.55 -0.29
N PRO B 124 0.32 -37.42 0.57
CA PRO B 124 -1.09 -37.30 0.97
C PRO B 124 -1.34 -36.36 2.14
N GLU B 125 -0.29 -35.70 2.67
CA GLU B 125 -0.42 -34.64 3.67
C GLU B 125 -1.14 -35.12 4.93
N GLU B 126 -0.47 -36.02 5.65
CA GLU B 126 -0.94 -36.42 6.97
C GLU B 126 -0.08 -35.75 8.04
N MET B 127 -0.59 -35.79 9.26
CA MET B 127 0.13 -35.25 10.40
C MET B 127 1.28 -36.19 10.76
N LEU B 128 2.32 -35.62 11.36
CA LEU B 128 3.51 -36.37 11.71
C LEU B 128 3.64 -36.54 13.22
N PHE B 129 3.46 -35.46 13.97
CA PHE B 129 3.48 -35.50 15.42
C PHE B 129 2.88 -34.21 15.94
N CYS B 130 2.84 -34.08 17.26
CA CYS B 130 2.17 -32.96 17.91
C CYS B 130 2.64 -32.87 19.35
N LEU B 131 2.90 -31.64 19.83
CA LEU B 131 3.43 -31.42 21.16
C LEU B 131 2.79 -30.18 21.78
N GLU B 132 2.93 -30.05 23.09
CA GLU B 132 2.38 -28.93 23.85
C GLU B 132 3.48 -28.33 24.71
N PHE B 133 3.76 -27.05 24.51
CA PHE B 133 4.84 -26.35 25.20
C PHE B 133 4.28 -25.48 26.31
N VAL B 134 5.10 -25.27 27.34
CA VAL B 134 4.77 -24.40 28.45
C VAL B 134 5.99 -23.58 28.78
N ILE B 135 5.82 -22.25 28.84
CA ILE B 135 6.91 -21.31 29.07
C ILE B 135 6.44 -20.31 30.11
N LEU B 136 7.02 -20.36 31.30
CA LEU B 136 6.80 -19.29 32.25
C LEU B 136 7.68 -18.11 31.91
N HIS B 137 7.42 -16.98 32.56
CA HIS B 137 8.22 -15.78 32.34
C HIS B 137 8.03 -14.82 33.50
N GLN B 138 9.11 -14.56 34.25
CA GLN B 138 9.07 -13.62 35.36
C GLN B 138 10.31 -12.74 35.25
N PRO B 139 10.20 -11.58 34.58
CA PRO B 139 11.36 -10.70 34.41
C PRO B 139 11.98 -10.33 35.75
N ASN B 140 13.22 -10.79 35.95
CA ASN B 140 13.97 -10.69 37.20
C ASN B 140 13.09 -10.67 38.45
N GLU C 1 -33.32 50.36 -3.13
CA GLU C 1 -31.91 50.66 -2.93
C GLU C 1 -31.04 49.86 -3.89
N PRO C 2 -30.58 50.51 -4.96
CA PRO C 2 -29.68 49.81 -5.90
C PRO C 2 -28.40 49.32 -5.24
N CYS C 3 -27.77 50.15 -4.42
CA CYS C 3 -26.60 49.68 -3.68
C CYS C 3 -27.00 48.60 -2.68
N VAL C 4 -26.40 47.43 -2.84
CA VAL C 4 -26.77 46.28 -2.04
C VAL C 4 -26.39 46.49 -0.57
N GLU C 5 -27.33 46.21 0.32
CA GLU C 5 -27.07 46.17 1.75
C GLU C 5 -26.70 44.73 2.08
N VAL C 6 -25.45 44.51 2.48
CA VAL C 6 -25.02 43.17 2.84
C VAL C 6 -25.15 42.96 4.35
N VAL C 7 -24.88 44.00 5.13
CA VAL C 7 -25.13 43.99 6.56
C VAL C 7 -25.80 45.30 6.91
N PRO C 8 -26.92 45.31 7.63
CA PRO C 8 -27.73 46.53 7.73
C PRO C 8 -27.05 47.60 8.59
N ASN C 9 -27.10 48.84 8.10
CA ASN C 9 -26.76 50.06 8.83
C ASN C 9 -25.30 50.16 9.23
N ILE C 10 -24.44 49.25 8.76
CA ILE C 10 -23.02 49.40 9.03
C ILE C 10 -22.21 49.32 7.74
N THR C 11 -22.41 48.28 6.94
CA THR C 11 -21.67 48.08 5.71
C THR C 11 -22.61 48.02 4.51
N TYR C 12 -22.31 48.82 3.50
CA TYR C 12 -23.10 48.87 2.27
C TYR C 12 -22.14 48.84 1.09
N GLN C 13 -22.21 47.79 0.29
CA GLN C 13 -21.38 47.68 -0.89
C GLN C 13 -22.23 47.83 -2.15
N CYS C 14 -21.64 48.40 -3.19
CA CYS C 14 -22.26 48.40 -4.51
C CYS C 14 -21.17 48.66 -5.56
N MET C 15 -20.89 47.64 -6.36
CA MET C 15 -19.91 47.71 -7.44
C MET C 15 -20.60 47.51 -8.78
N GLU C 16 -20.02 48.11 -9.82
CA GLU C 16 -20.45 47.94 -11.21
C GLU C 16 -21.81 48.59 -11.48
N LEU C 17 -22.43 49.16 -10.45
CA LEU C 17 -23.61 49.99 -10.67
C LEU C 17 -23.17 51.28 -11.37
N ASN C 18 -23.74 51.53 -12.55
CA ASN C 18 -23.21 52.59 -13.39
C ASN C 18 -23.55 53.96 -12.81
N PHE C 19 -22.83 54.36 -11.76
CA PHE C 19 -23.03 55.65 -11.12
C PHE C 19 -22.23 56.73 -11.84
N TYR C 20 -22.46 57.97 -11.41
CA TYR C 20 -21.62 59.08 -11.82
C TYR C 20 -21.29 60.03 -10.68
N LYS C 21 -21.72 59.73 -9.46
CA LYS C 21 -21.46 60.56 -8.29
C LYS C 21 -21.70 59.72 -7.05
N ILE C 22 -21.31 60.27 -5.90
CA ILE C 22 -21.42 59.52 -4.65
C ILE C 22 -22.89 59.35 -4.28
N PRO C 23 -23.33 58.14 -3.95
CA PRO C 23 -24.72 57.97 -3.50
C PRO C 23 -24.90 58.50 -2.08
N ASP C 24 -26.02 59.19 -1.86
CA ASP C 24 -26.28 59.85 -0.59
C ASP C 24 -27.40 59.22 0.21
N ASN C 25 -28.39 58.59 -0.43
CA ASN C 25 -29.52 58.00 0.27
C ASN C 25 -29.11 56.91 1.24
N LEU C 26 -27.86 56.47 1.22
CA LEU C 26 -27.36 55.52 2.20
C LEU C 26 -27.52 56.09 3.61
N PRO C 27 -27.59 55.23 4.62
CA PRO C 27 -27.73 55.71 6.00
C PRO C 27 -26.59 56.63 6.39
N PHE C 28 -26.80 57.36 7.48
CA PHE C 28 -25.86 58.42 7.85
C PHE C 28 -24.62 57.87 8.52
N SER C 29 -24.78 57.03 9.54
CA SER C 29 -23.65 56.44 10.28
C SER C 29 -23.31 55.11 9.63
N THR C 30 -22.69 55.17 8.46
CA THR C 30 -22.25 53.98 7.73
C THR C 30 -20.73 53.89 7.77
N LYS C 31 -20.23 52.66 7.70
CA LYS C 31 -18.80 52.41 7.68
C LYS C 31 -18.45 51.62 6.43
N ASN C 32 -17.14 51.47 6.19
CA ASN C 32 -16.54 50.63 5.17
C ASN C 32 -17.36 50.57 3.88
N LEU C 33 -17.64 51.73 3.29
CA LEU C 33 -18.33 51.80 2.01
C LEU C 33 -17.42 51.23 0.92
N ASP C 34 -17.98 50.37 0.09
CA ASP C 34 -17.29 49.89 -1.10
C ASP C 34 -17.79 50.67 -2.32
N LEU C 35 -16.88 50.90 -3.27
CA LEU C 35 -17.23 51.62 -4.48
C LEU C 35 -16.19 51.24 -5.53
N SER C 36 -16.61 50.45 -6.52
CA SER C 36 -15.68 49.91 -7.50
C SER C 36 -16.33 49.88 -8.88
N PHE C 37 -15.50 50.08 -9.90
CA PHE C 37 -15.91 49.98 -11.30
C PHE C 37 -17.04 50.94 -11.64
N ASN C 38 -17.09 52.07 -10.96
CA ASN C 38 -18.09 53.09 -11.21
C ASN C 38 -17.38 54.33 -11.74
N PRO C 39 -17.53 54.68 -13.02
CA PRO C 39 -16.73 55.77 -13.59
C PRO C 39 -16.95 57.11 -12.91
N LEU C 40 -15.91 57.62 -12.26
CA LEU C 40 -15.92 58.95 -11.63
C LEU C 40 -14.75 59.72 -12.22
N ARG C 41 -15.00 60.42 -13.34
CA ARG C 41 -13.92 60.99 -14.13
C ARG C 41 -13.12 62.02 -13.34
N HIS C 42 -13.69 62.60 -12.29
CA HIS C 42 -12.97 63.56 -11.47
C HIS C 42 -13.66 63.67 -10.11
N LEU C 43 -12.86 63.88 -9.07
CA LEU C 43 -13.38 64.00 -7.71
C LEU C 43 -13.41 65.47 -7.30
N GLY C 44 -14.43 65.84 -6.55
CA GLY C 44 -14.61 67.22 -6.14
C GLY C 44 -14.34 67.45 -4.67
N SER C 45 -14.10 68.71 -4.29
CA SER C 45 -13.84 69.03 -2.90
C SER C 45 -15.02 68.58 -2.02
N TYR C 46 -14.70 68.01 -0.87
CA TYR C 46 -15.69 67.52 0.09
C TYR C 46 -16.64 66.53 -0.56
N SER C 47 -16.09 65.65 -1.40
CA SER C 47 -16.94 64.66 -2.08
C SER C 47 -17.60 63.72 -1.09
N PHE C 48 -17.08 63.63 0.12
CA PHE C 48 -17.57 62.68 1.13
C PHE C 48 -17.85 63.45 2.40
N PHE C 49 -19.08 63.91 2.55
CA PHE C 49 -19.49 64.66 3.74
C PHE C 49 -20.60 64.00 4.53
N SER C 50 -21.58 63.38 3.87
CA SER C 50 -22.70 62.74 4.55
C SER C 50 -22.28 61.51 5.35
N PHE C 51 -21.01 61.12 5.28
CA PHE C 51 -20.48 60.00 6.06
C PHE C 51 -19.40 60.55 6.97
N PRO C 52 -19.78 61.21 8.07
CA PRO C 52 -18.77 61.75 8.98
C PRO C 52 -17.95 60.68 9.67
N GLU C 53 -18.58 59.57 10.05
CA GLU C 53 -17.88 58.41 10.56
C GLU C 53 -17.66 57.44 9.40
N LEU C 54 -16.43 56.95 9.27
CA LEU C 54 -16.09 56.05 8.17
C LEU C 54 -14.78 55.36 8.49
N GLN C 55 -14.77 54.04 8.38
CA GLN C 55 -13.57 53.24 8.65
C GLN C 55 -12.78 52.92 7.38
N VAL C 56 -13.42 52.33 6.38
CA VAL C 56 -12.74 51.86 5.18
C VAL C 56 -13.36 52.51 3.96
N LEU C 57 -12.54 52.84 2.98
CA LEU C 57 -13.00 53.32 1.69
C LEU C 57 -12.38 52.45 0.61
N ASP C 58 -12.82 52.66 -0.63
CA ASP C 58 -12.26 51.93 -1.76
C ASP C 58 -12.61 52.67 -3.04
N LEU C 59 -11.62 52.88 -3.90
CA LEU C 59 -11.83 53.37 -5.25
C LEU C 59 -10.96 52.51 -6.17
N SER C 60 -11.51 51.38 -6.61
CA SER C 60 -10.77 50.41 -7.39
C SER C 60 -11.24 50.46 -8.84
N ARG C 61 -10.34 50.86 -9.74
CA ARG C 61 -10.60 50.90 -11.17
C ARG C 61 -11.71 51.88 -11.52
N CYS C 62 -12.20 52.62 -10.53
CA CYS C 62 -13.08 53.75 -10.81
C CYS C 62 -12.22 54.80 -11.50
N GLU C 63 -12.39 54.94 -12.81
CA GLU C 63 -11.45 55.74 -13.60
C GLU C 63 -11.39 57.17 -13.11
N ILE C 64 -10.28 57.53 -12.47
CA ILE C 64 -10.09 58.85 -11.88
C ILE C 64 -9.02 59.57 -12.69
N GLN C 65 -9.21 60.87 -12.90
CA GLN C 65 -8.23 61.69 -13.59
C GLN C 65 -7.47 62.62 -12.65
N THR C 66 -8.19 63.40 -11.83
CA THR C 66 -7.54 64.37 -10.96
C THR C 66 -8.29 64.46 -9.64
N ILE C 67 -7.55 64.37 -8.54
CA ILE C 67 -8.10 64.57 -7.20
C ILE C 67 -7.63 65.94 -6.74
N GLU C 68 -8.58 66.82 -6.44
CA GLU C 68 -8.24 68.18 -6.05
C GLU C 68 -8.05 68.28 -4.54
N ASP C 69 -7.78 69.51 -4.09
CA ASP C 69 -7.52 69.77 -2.68
C ASP C 69 -8.78 69.56 -1.85
N GLY C 70 -8.61 69.68 -0.54
CA GLY C 70 -9.73 69.62 0.38
C GLY C 70 -10.45 68.30 0.47
N ALA C 71 -10.09 67.32 -0.35
CA ALA C 71 -10.73 66.02 -0.30
C ALA C 71 -10.55 65.38 1.08
N TYR C 72 -11.50 64.52 1.43
CA TYR C 72 -11.51 63.79 2.70
C TYR C 72 -11.45 64.72 3.91
N GLN C 73 -11.80 65.99 3.73
CA GLN C 73 -11.68 66.96 4.82
C GLN C 73 -12.57 66.59 5.99
N SER C 74 -13.89 66.61 5.77
CA SER C 74 -14.85 66.27 6.82
C SER C 74 -14.89 64.76 7.03
N LEU C 75 -13.76 64.23 7.51
CA LEU C 75 -13.59 62.78 7.55
C LEU C 75 -12.48 62.43 8.52
N SER C 76 -12.82 61.69 9.57
CA SER C 76 -11.83 61.16 10.50
C SER C 76 -12.05 59.67 10.68
N HIS C 77 -11.22 59.02 11.49
CA HIS C 77 -11.32 57.59 11.79
C HIS C 77 -11.13 56.73 10.54
N LEU C 78 -10.79 57.36 9.41
CA LEU C 78 -10.58 56.63 8.16
C LEU C 78 -9.21 55.96 8.20
N SER C 79 -9.19 54.64 8.30
CA SER C 79 -7.95 53.90 8.51
C SER C 79 -7.39 53.29 7.22
N THR C 80 -8.12 53.32 6.12
CA THR C 80 -7.69 52.58 4.95
C THR C 80 -8.07 53.32 3.67
N LEU C 81 -7.13 53.38 2.73
CA LEU C 81 -7.38 53.89 1.39
C LEU C 81 -6.88 52.86 0.38
N ILE C 82 -7.62 52.71 -0.72
CA ILE C 82 -7.24 51.80 -1.80
C ILE C 82 -7.45 52.57 -3.10
N LEU C 83 -6.40 53.20 -3.60
CA LEU C 83 -6.45 53.93 -4.86
C LEU C 83 -5.88 53.11 -6.01
N THR C 84 -6.44 51.94 -6.28
CA THR C 84 -5.84 51.03 -7.25
C THR C 84 -6.33 51.33 -8.65
N GLY C 85 -5.42 51.22 -9.63
CA GLY C 85 -5.76 51.20 -11.04
C GLY C 85 -6.14 52.54 -11.65
N ASN C 86 -6.53 53.52 -10.85
CA ASN C 86 -6.98 54.80 -11.37
C ASN C 86 -5.78 55.57 -11.90
N PRO C 87 -5.67 55.79 -13.22
CA PRO C 87 -4.52 56.53 -13.74
C PRO C 87 -4.59 58.01 -13.39
N ILE C 88 -3.79 58.43 -12.42
CA ILE C 88 -3.79 59.80 -11.93
C ILE C 88 -2.69 60.56 -12.67
N GLN C 89 -3.07 61.56 -13.44
CA GLN C 89 -2.10 62.40 -14.13
C GLN C 89 -1.69 63.63 -13.34
N SER C 90 -2.43 63.98 -12.28
CA SER C 90 -2.08 65.14 -11.46
C SER C 90 -2.69 64.92 -10.08
N LEU C 91 -1.85 64.57 -9.12
CA LEU C 91 -2.24 64.55 -7.70
C LEU C 91 -2.00 65.94 -7.15
N ALA C 92 -3.09 66.64 -6.81
CA ALA C 92 -2.98 67.99 -6.31
C ALA C 92 -2.26 68.01 -4.98
N LEU C 93 -1.27 68.88 -4.85
CA LEU C 93 -0.59 69.06 -3.58
C LEU C 93 -1.59 69.45 -2.50
N GLY C 94 -1.26 69.14 -1.25
CA GLY C 94 -2.17 69.37 -0.15
C GLY C 94 -3.27 68.34 -0.02
N ALA C 95 -3.38 67.41 -0.96
CA ALA C 95 -4.35 66.33 -0.85
C ALA C 95 -4.07 65.50 0.41
N PHE C 96 -5.03 64.65 0.74
CA PHE C 96 -5.01 63.91 2.00
C PHE C 96 -4.83 64.84 3.19
N SER C 97 -5.47 66.02 3.11
CA SER C 97 -5.18 67.11 4.03
C SER C 97 -5.47 66.74 5.49
N GLY C 98 -6.74 66.52 5.81
CA GLY C 98 -7.08 66.16 7.17
C GLY C 98 -7.31 64.68 7.36
N LEU C 99 -6.29 63.97 7.84
CA LEU C 99 -6.37 62.53 8.10
C LEU C 99 -5.68 62.28 9.44
N SER C 100 -6.47 62.31 10.52
CA SER C 100 -5.89 62.20 11.86
C SER C 100 -5.31 60.82 12.12
N SER C 101 -6.02 59.77 11.73
CA SER C 101 -5.63 58.39 12.02
C SER C 101 -5.73 57.55 10.75
N LEU C 102 -4.64 57.52 9.98
CA LEU C 102 -4.52 56.65 8.83
C LEU C 102 -3.37 55.68 9.05
N GLN C 103 -3.58 54.42 8.72
CA GLN C 103 -2.57 53.39 8.94
C GLN C 103 -2.10 52.70 7.68
N LYS C 104 -3.01 52.34 6.79
CA LYS C 104 -2.68 51.62 5.57
C LYS C 104 -2.93 52.54 4.37
N LEU C 105 -2.13 52.37 3.32
CA LEU C 105 -2.31 53.11 2.08
C LEU C 105 -1.80 52.25 0.94
N VAL C 106 -2.55 52.20 -0.15
CA VAL C 106 -2.24 51.36 -1.29
C VAL C 106 -2.41 52.20 -2.55
N ALA C 107 -1.36 52.27 -3.36
CA ALA C 107 -1.38 52.98 -4.64
C ALA C 107 -0.65 52.12 -5.66
N VAL C 108 -1.40 51.27 -6.36
CA VAL C 108 -0.84 50.34 -7.33
C VAL C 108 -1.28 50.74 -8.73
N GLU C 109 -0.36 50.61 -9.68
CA GLU C 109 -0.60 50.85 -11.10
C GLU C 109 -0.85 52.33 -11.37
N THR C 110 -0.82 53.15 -10.32
CA THR C 110 -0.84 54.58 -10.50
C THR C 110 0.47 55.03 -11.13
N ASN C 111 0.37 55.80 -12.21
CA ASN C 111 1.55 56.18 -12.99
C ASN C 111 2.34 57.25 -12.23
N LEU C 112 3.05 56.81 -11.20
CA LEU C 112 3.93 57.69 -10.47
C LEU C 112 5.27 57.82 -11.19
N ALA C 113 6.07 58.78 -10.72
CA ALA C 113 7.39 59.01 -11.28
C ALA C 113 8.50 59.07 -10.24
N SER C 114 8.19 59.40 -8.99
CA SER C 114 9.20 59.45 -7.94
C SER C 114 8.50 59.32 -6.60
N LEU C 115 9.26 59.54 -5.52
CA LEU C 115 8.75 59.41 -4.17
C LEU C 115 8.68 60.72 -3.41
N GLU C 116 9.50 61.71 -3.75
CA GLU C 116 9.44 62.98 -3.06
C GLU C 116 8.28 63.85 -3.50
N ASN C 117 7.76 63.64 -4.72
CA ASN C 117 6.53 64.30 -5.14
C ASN C 117 5.31 63.50 -4.68
N PHE C 118 5.28 63.17 -3.39
CA PHE C 118 4.21 62.40 -2.80
C PHE C 118 3.88 63.07 -1.48
N PRO C 119 2.71 63.69 -1.34
CA PRO C 119 2.54 64.75 -0.33
C PRO C 119 2.38 64.28 1.11
N ILE C 120 2.70 63.04 1.44
CA ILE C 120 2.52 62.55 2.82
C ILE C 120 3.73 62.99 3.61
N GLY C 121 3.65 64.19 4.15
CA GLY C 121 4.69 64.67 5.05
C GLY C 121 4.12 64.95 6.42
N HIS C 122 2.83 65.29 6.46
CA HIS C 122 2.11 65.53 7.69
C HIS C 122 1.58 64.26 8.33
N LEU C 123 1.72 63.11 7.68
CA LEU C 123 1.13 61.89 8.17
C LEU C 123 1.87 61.38 9.40
N LYS C 124 1.24 60.42 10.09
CA LYS C 124 1.81 59.78 11.26
C LYS C 124 1.02 58.50 11.50
N THR C 125 1.65 57.55 12.20
CA THR C 125 1.08 56.26 12.54
C THR C 125 0.76 55.44 11.29
N LEU C 126 1.20 55.90 10.12
CA LEU C 126 1.12 55.10 8.90
C LEU C 126 2.04 53.90 9.05
N LYS C 127 1.48 52.70 8.94
CA LYS C 127 2.26 51.49 9.18
C LYS C 127 2.71 50.82 7.89
N GLU C 128 1.78 50.50 7.01
CA GLU C 128 2.10 49.91 5.71
C GLU C 128 2.03 50.96 4.63
N LEU C 129 2.85 50.79 3.58
CA LEU C 129 2.76 51.60 2.38
C LEU C 129 3.18 50.76 1.19
N ASN C 130 2.20 50.29 0.43
CA ASN C 130 2.44 49.45 -0.74
C ASN C 130 2.36 50.34 -1.97
N VAL C 131 3.45 50.37 -2.73
CA VAL C 131 3.50 51.14 -3.98
C VAL C 131 4.28 50.28 -4.97
N ALA C 132 3.55 49.60 -5.85
CA ALA C 132 4.15 48.63 -6.75
C ALA C 132 3.61 48.78 -8.17
N HIS C 133 4.28 48.11 -9.11
CA HIS C 133 3.91 48.08 -10.52
C HIS C 133 3.88 49.48 -11.14
N ASN C 134 4.62 50.42 -10.58
CA ASN C 134 4.66 51.79 -11.06
C ASN C 134 5.81 51.96 -12.04
N LEU C 135 6.12 53.21 -12.40
CA LEU C 135 7.28 53.54 -13.23
C LEU C 135 8.19 54.46 -12.43
N ILE C 136 9.08 53.86 -11.64
CA ILE C 136 10.03 54.57 -10.80
C ILE C 136 11.43 54.28 -11.34
N GLN C 137 12.37 55.18 -11.10
CA GLN C 137 13.72 55.05 -11.67
C GLN C 137 14.80 54.94 -10.61
N SER C 138 14.75 55.73 -9.54
CA SER C 138 15.81 55.79 -8.55
C SER C 138 15.28 55.34 -7.20
N PHE C 139 16.10 54.57 -6.49
CA PHE C 139 15.79 54.15 -5.12
C PHE C 139 16.36 55.15 -4.11
N LYS C 140 15.99 56.42 -4.27
CA LYS C 140 16.46 57.49 -3.40
C LYS C 140 15.34 57.85 -2.44
N LEU C 141 15.46 57.39 -1.20
CA LEU C 141 14.43 57.66 -0.21
C LEU C 141 14.36 59.15 0.10
N PRO C 142 13.18 59.76 0.02
CA PRO C 142 13.05 61.17 0.38
C PRO C 142 13.30 61.43 1.85
N GLU C 143 13.17 62.69 2.27
CA GLU C 143 13.66 63.11 3.57
C GLU C 143 12.59 63.06 4.64
N TYR C 144 11.32 63.24 4.28
CA TYR C 144 10.26 63.26 5.29
C TYR C 144 10.16 61.95 6.06
N PHE C 145 10.87 60.90 5.63
CA PHE C 145 10.96 59.68 6.42
C PHE C 145 11.47 59.97 7.83
N SER C 146 12.35 60.97 7.98
CA SER C 146 12.78 61.38 9.30
C SER C 146 11.57 61.74 10.17
N ASN C 147 10.62 62.50 9.62
CA ASN C 147 9.37 62.74 10.31
C ASN C 147 8.57 61.46 10.51
N LEU C 148 8.61 60.57 9.53
CA LEU C 148 7.82 59.35 9.59
C LEU C 148 8.31 58.44 10.72
N THR C 149 7.37 57.78 11.36
CA THR C 149 7.67 56.84 12.44
C THR C 149 6.63 55.73 12.40
N ASN C 150 6.98 54.59 12.98
CA ASN C 150 6.16 53.38 13.06
C ASN C 150 5.91 52.76 11.70
N LEU C 151 6.59 53.20 10.65
CA LEU C 151 6.49 52.54 9.36
C LEU C 151 7.08 51.14 9.45
N GLU C 152 6.38 50.15 8.92
CA GLU C 152 6.83 48.76 9.00
C GLU C 152 7.20 48.17 7.64
N HIS C 153 6.29 48.20 6.67
CA HIS C 153 6.57 47.68 5.35
C HIS C 153 6.82 48.81 4.38
N LEU C 154 7.59 48.52 3.33
CA LEU C 154 7.77 49.41 2.18
C LEU C 154 8.03 48.48 1.00
N ASP C 155 6.98 48.21 0.24
CA ASP C 155 7.02 47.17 -0.78
C ASP C 155 6.96 47.85 -2.15
N LEU C 156 8.13 48.05 -2.74
CA LEU C 156 8.27 48.66 -4.07
C LEU C 156 8.97 47.66 -4.98
N SER C 157 8.17 46.83 -5.63
CA SER C 157 8.67 45.74 -6.45
C SER C 157 8.15 45.86 -7.88
N SER C 158 8.89 45.24 -8.79
CA SER C 158 8.51 45.16 -10.20
C SER C 158 8.49 46.54 -10.87
N ASN C 159 9.50 47.36 -10.57
CA ASN C 159 9.63 48.69 -11.14
C ASN C 159 10.83 48.74 -12.08
N LYS C 160 11.06 49.90 -12.66
CA LYS C 160 12.22 50.11 -13.52
C LYS C 160 13.38 50.75 -12.76
N ILE C 161 13.82 50.11 -11.68
CA ILE C 161 14.96 50.56 -10.91
C ILE C 161 16.21 49.86 -11.45
N GLN C 162 17.32 50.58 -11.50
CA GLN C 162 18.52 50.07 -12.15
C GLN C 162 19.71 49.87 -11.23
N SER C 163 19.96 50.76 -10.27
CA SER C 163 21.14 50.62 -9.42
C SER C 163 20.95 51.42 -8.15
N ILE C 164 21.95 51.36 -7.28
CA ILE C 164 21.94 52.01 -5.98
C ILE C 164 23.23 52.78 -5.79
N TYR C 165 23.26 53.67 -4.80
CA TYR C 165 24.45 54.44 -4.47
C TYR C 165 24.48 54.72 -2.98
N CYS C 166 25.70 54.89 -2.45
CA CYS C 166 25.88 55.11 -1.02
C CYS C 166 25.15 56.36 -0.54
N THR C 167 24.97 57.35 -1.42
CA THR C 167 24.20 58.53 -1.05
C THR C 167 22.78 58.15 -0.65
N ASP C 168 22.20 57.16 -1.31
CA ASP C 168 20.92 56.63 -0.89
C ASP C 168 21.04 56.03 0.51
N LEU C 169 19.94 56.08 1.25
CA LEU C 169 19.89 55.58 2.63
C LEU C 169 20.89 56.30 3.54
N ARG C 170 21.31 57.50 3.14
CA ARG C 170 21.99 58.36 4.10
C ARG C 170 21.02 58.82 5.19
N VAL C 171 19.77 59.08 4.80
CA VAL C 171 18.66 59.16 5.74
C VAL C 171 18.46 57.76 6.28
N LEU C 172 17.75 57.62 7.39
CA LEU C 172 17.49 56.37 8.11
C LEU C 172 18.73 55.96 8.90
N HIS C 173 19.86 56.66 8.76
CA HIS C 173 20.96 56.48 9.70
C HIS C 173 20.56 56.96 11.09
N GLN C 174 19.77 58.02 11.15
CA GLN C 174 19.39 58.66 12.42
C GLN C 174 18.07 58.11 12.97
N MET C 175 17.99 56.79 13.08
CA MET C 175 16.81 56.10 13.63
C MET C 175 17.29 55.11 14.66
N PRO C 176 17.43 55.53 15.93
CA PRO C 176 17.88 54.58 16.97
C PRO C 176 16.98 53.36 17.08
N LEU C 177 15.67 53.53 16.95
CA LEU C 177 14.72 52.43 16.96
C LEU C 177 13.99 52.40 15.62
N LEU C 178 13.96 51.23 14.99
CA LEU C 178 13.33 51.10 13.68
C LEU C 178 13.15 49.63 13.34
N ASN C 179 11.96 49.27 12.88
CA ASN C 179 11.71 47.99 12.22
C ASN C 179 11.20 48.30 10.82
N LEU C 180 11.90 47.81 9.81
CA LEU C 180 11.51 48.02 8.41
C LEU C 180 11.66 46.69 7.68
N SER C 181 10.54 46.15 7.20
CA SER C 181 10.55 44.91 6.42
C SER C 181 10.58 45.29 4.95
N LEU C 182 11.72 45.85 4.53
CA LEU C 182 11.89 46.31 3.17
C LEU C 182 11.76 45.15 2.19
N ASP C 183 11.53 45.48 0.92
CA ASP C 183 11.34 44.45 -0.10
C ASP C 183 11.47 45.10 -1.46
N LEU C 184 12.06 44.38 -2.42
CA LEU C 184 12.13 44.81 -3.82
C LEU C 184 12.43 43.57 -4.66
N SER C 185 11.50 43.20 -5.53
CA SER C 185 11.65 42.02 -6.36
C SER C 185 11.46 42.37 -7.83
N LEU C 186 11.75 41.40 -8.69
CA LEU C 186 11.50 41.48 -10.13
C LEU C 186 12.10 42.74 -10.77
N ASN C 187 13.09 43.34 -10.11
CA ASN C 187 13.69 44.57 -10.60
C ASN C 187 14.82 44.23 -11.53
N PRO C 188 14.85 44.75 -12.76
CA PRO C 188 16.05 44.56 -13.59
C PRO C 188 17.17 45.47 -13.12
N MET C 189 18.15 44.90 -12.43
CA MET C 189 19.25 45.66 -11.85
C MET C 189 20.54 44.87 -12.03
N ASN C 190 21.66 45.59 -12.16
CA ASN C 190 22.91 44.93 -12.50
C ASN C 190 24.13 45.41 -11.73
N PHE C 191 24.03 46.40 -10.84
CA PHE C 191 25.22 46.93 -10.17
C PHE C 191 24.83 47.62 -8.87
N ILE C 192 25.66 47.43 -7.84
CA ILE C 192 25.55 48.15 -6.58
C ILE C 192 26.98 48.51 -6.18
N GLN C 193 27.25 49.80 -6.01
CA GLN C 193 28.57 50.19 -5.56
C GLN C 193 28.74 49.82 -4.08
N PRO C 194 29.93 49.40 -3.67
CA PRO C 194 30.10 48.89 -2.30
C PRO C 194 29.86 49.97 -1.27
N GLY C 195 29.52 49.54 -0.05
CA GLY C 195 29.29 50.44 1.05
C GLY C 195 27.88 50.98 1.17
N ALA C 196 27.01 50.70 0.20
CA ALA C 196 25.65 51.24 0.24
C ALA C 196 24.91 50.78 1.49
N PHE C 197 24.69 49.47 1.63
CA PHE C 197 24.10 48.93 2.84
C PHE C 197 25.19 48.80 3.89
N LYS C 198 25.14 49.66 4.91
CA LYS C 198 26.16 49.68 5.94
C LYS C 198 25.56 50.20 7.23
N GLU C 199 25.77 49.47 8.33
CA GLU C 199 25.24 49.78 9.64
C GLU C 199 23.72 49.90 9.66
N ILE C 200 23.05 49.29 8.69
CA ILE C 200 21.60 49.28 8.64
C ILE C 200 21.10 48.00 9.30
N ARG C 201 19.84 47.99 9.74
CA ARG C 201 19.23 46.82 10.35
C ARG C 201 17.81 46.68 9.81
N LEU C 202 17.57 45.62 9.06
CA LEU C 202 16.25 45.32 8.53
C LEU C 202 15.58 44.23 9.36
N HIS C 203 14.42 43.78 8.87
CA HIS C 203 13.75 42.63 9.44
C HIS C 203 13.28 41.63 8.40
N LYS C 204 13.50 41.92 7.12
CA LYS C 204 13.27 40.98 6.04
C LYS C 204 13.85 41.59 4.77
N LEU C 205 14.09 40.74 3.79
CA LEU C 205 14.57 41.21 2.50
C LEU C 205 14.37 40.09 1.48
N THR C 206 13.68 40.40 0.39
CA THR C 206 13.27 39.43 -0.60
C THR C 206 13.78 39.87 -1.96
N LEU C 207 14.57 39.01 -2.61
CA LEU C 207 15.11 39.30 -3.95
C LEU C 207 14.96 38.04 -4.79
N ARG C 208 13.85 37.94 -5.53
CA ARG C 208 13.55 36.77 -6.34
C ARG C 208 13.46 37.18 -7.80
N ASN C 209 14.26 36.54 -8.65
CA ASN C 209 14.23 36.74 -10.10
C ASN C 209 14.52 38.19 -10.47
N ASN C 210 15.61 38.72 -9.93
CA ASN C 210 16.03 40.08 -10.25
C ASN C 210 17.44 40.11 -10.81
N PHE C 211 17.97 38.95 -11.21
CA PHE C 211 19.29 38.87 -11.82
C PHE C 211 19.19 38.05 -13.09
N ASP C 212 20.11 38.30 -14.02
CA ASP C 212 20.04 37.66 -15.33
C ASP C 212 21.11 36.59 -15.55
N SER C 213 22.20 36.62 -14.80
CA SER C 213 23.25 35.61 -14.94
C SER C 213 23.99 35.50 -13.61
N LEU C 214 24.91 34.53 -13.55
CA LEU C 214 25.55 34.19 -12.28
C LEU C 214 26.53 35.26 -11.83
N ASN C 215 27.37 35.75 -12.75
CA ASN C 215 28.36 36.77 -12.39
C ASN C 215 27.69 38.03 -11.86
N VAL C 216 26.55 38.40 -12.43
CA VAL C 216 25.78 39.53 -11.90
C VAL C 216 25.40 39.26 -10.45
N MET C 217 24.95 38.05 -10.16
CA MET C 217 24.58 37.71 -8.79
C MET C 217 25.78 37.78 -7.86
N LYS C 218 26.95 37.32 -8.32
CA LYS C 218 28.15 37.41 -7.50
C LYS C 218 28.50 38.86 -7.18
N THR C 219 28.49 39.70 -8.20
CA THR C 219 28.75 41.12 -7.99
C THR C 219 27.75 41.73 -7.02
N CYS C 220 26.47 41.41 -7.20
CA CYS C 220 25.43 42.03 -6.36
C CYS C 220 25.57 41.58 -4.91
N ILE C 221 25.91 40.31 -4.69
CA ILE C 221 26.16 39.83 -3.33
C ILE C 221 27.38 40.53 -2.75
N GLN C 222 28.40 40.77 -3.59
CA GLN C 222 29.53 41.59 -3.14
C GLN C 222 29.08 42.99 -2.76
N GLY C 223 28.01 43.48 -3.39
CA GLY C 223 27.47 44.78 -3.08
C GLY C 223 26.90 44.90 -1.68
N LEU C 224 26.48 43.79 -1.08
CA LEU C 224 25.95 43.78 0.28
C LEU C 224 27.11 43.51 1.23
N ALA C 225 27.27 44.36 2.24
CA ALA C 225 28.35 44.22 3.20
C ALA C 225 27.90 44.78 4.53
N GLY C 226 27.59 43.89 5.49
CA GLY C 226 27.18 44.32 6.80
C GLY C 226 25.71 44.63 6.94
N LEU C 227 24.84 43.85 6.30
CA LEU C 227 23.42 44.18 6.28
C LEU C 227 22.76 43.85 7.62
N GLU C 228 23.06 42.69 8.19
CA GLU C 228 22.50 42.25 9.48
C GLU C 228 20.97 42.18 9.41
N VAL C 229 20.49 41.29 8.55
CA VAL C 229 19.07 41.06 8.36
C VAL C 229 18.63 39.91 9.25
N HIS C 230 17.34 39.88 9.61
CA HIS C 230 16.82 38.79 10.42
C HIS C 230 16.19 37.68 9.57
N ARG C 231 15.96 37.93 8.29
CA ARG C 231 15.35 36.93 7.42
C ARG C 231 15.60 37.33 5.97
N LEU C 232 16.13 36.42 5.18
CA LEU C 232 16.46 36.70 3.79
C LEU C 232 15.82 35.65 2.88
N VAL C 233 15.39 36.08 1.70
CA VAL C 233 14.67 35.22 0.77
C VAL C 233 15.22 35.45 -0.63
N LEU C 234 15.65 34.37 -1.29
CA LEU C 234 16.17 34.40 -2.65
C LEU C 234 15.50 33.32 -3.49
N GLY C 235 15.73 33.38 -4.78
CA GLY C 235 15.15 32.43 -5.70
C GLY C 235 14.72 33.06 -7.01
N GLU C 236 13.53 32.71 -7.48
CA GLU C 236 13.02 33.21 -8.75
C GLU C 236 11.55 32.83 -8.85
N PHE C 237 10.96 33.09 -10.01
CA PHE C 237 9.57 32.74 -10.29
C PHE C 237 9.52 31.88 -11.54
N ARG C 238 8.68 30.84 -11.50
CA ARG C 238 8.59 29.90 -12.62
C ARG C 238 8.05 30.56 -13.89
N ASN C 239 7.16 31.54 -13.75
CA ASN C 239 6.41 32.04 -14.89
C ASN C 239 7.30 32.71 -15.93
N GLU C 240 8.49 33.18 -15.54
CA GLU C 240 9.29 34.04 -16.41
C GLU C 240 10.63 33.40 -16.74
N GLY C 241 11.58 34.20 -17.24
CA GLY C 241 12.92 33.68 -17.48
C GLY C 241 13.70 33.57 -16.18
N ASN C 242 14.55 32.54 -16.11
CA ASN C 242 15.38 32.28 -14.94
C ASN C 242 16.83 32.06 -15.32
N LEU C 243 17.58 31.56 -14.35
CA LEU C 243 19.03 31.38 -14.48
C LEU C 243 19.37 30.08 -15.18
N GLU C 244 20.62 29.98 -15.65
CA GLU C 244 21.04 28.80 -16.40
C GLU C 244 22.00 27.90 -15.64
N LYS C 245 22.74 28.42 -14.67
CA LYS C 245 23.77 27.63 -14.01
C LYS C 245 23.88 28.09 -12.56
N PHE C 246 24.26 27.15 -11.69
CA PHE C 246 24.26 27.40 -10.25
C PHE C 246 25.19 26.39 -9.58
N ASP C 247 26.22 26.89 -8.90
CA ASP C 247 27.19 26.04 -8.23
C ASP C 247 27.68 26.71 -6.96
N LYS C 248 28.71 26.11 -6.34
CA LYS C 248 29.28 26.68 -5.13
C LYS C 248 29.91 28.04 -5.40
N SER C 249 30.35 28.29 -6.64
CA SER C 249 30.88 29.61 -6.98
C SER C 249 29.83 30.69 -6.80
N ALA C 250 28.59 30.44 -7.23
CA ALA C 250 27.50 31.33 -6.92
C ALA C 250 27.22 31.32 -5.42
N LEU C 251 26.58 32.39 -4.95
CA LEU C 251 26.06 32.48 -3.58
C LEU C 251 27.19 32.52 -2.56
N GLU C 252 28.44 32.43 -3.02
CA GLU C 252 29.56 32.52 -2.09
C GLU C 252 29.66 33.94 -1.54
N GLY C 253 30.40 34.08 -0.44
CA GLY C 253 30.53 35.36 0.21
C GLY C 253 29.28 35.88 0.88
N LEU C 254 28.13 35.21 0.73
CA LEU C 254 26.90 35.62 1.41
C LEU C 254 27.06 35.70 2.91
N CYS C 255 28.10 35.08 3.46
CA CYS C 255 28.38 35.13 4.88
C CYS C 255 29.33 36.25 5.29
N ASN C 256 29.34 37.36 4.55
CA ASN C 256 29.85 38.63 5.07
C ASN C 256 28.79 39.37 5.87
N LEU C 257 27.54 38.90 5.85
CA LEU C 257 26.44 39.50 6.58
C LEU C 257 26.32 38.86 7.94
N THR C 258 25.21 39.15 8.64
CA THR C 258 24.87 38.54 9.91
C THR C 258 23.41 38.11 9.81
N ILE C 259 23.19 36.90 9.33
CA ILE C 259 21.85 36.40 9.04
C ILE C 259 21.43 35.45 10.15
N GLU C 260 20.12 35.23 10.28
CA GLU C 260 19.58 34.25 11.21
C GLU C 260 18.47 33.39 10.63
N GLU C 261 18.03 33.65 9.41
CA GLU C 261 17.08 32.79 8.71
C GLU C 261 17.42 32.83 7.23
N PHE C 262 17.04 31.78 6.51
CA PHE C 262 17.27 31.72 5.08
C PHE C 262 16.07 31.08 4.40
N ARG C 263 15.83 31.45 3.13
CA ARG C 263 14.75 30.79 2.34
C ARG C 263 15.00 30.87 0.83
N LEU C 264 15.47 29.79 0.20
CA LEU C 264 15.61 29.73 -1.25
C LEU C 264 14.32 29.15 -1.81
N ALA C 265 13.87 29.66 -2.94
CA ALA C 265 12.59 29.25 -3.52
C ALA C 265 12.73 28.99 -5.01
N TYR C 266 12.39 27.77 -5.43
CA TYR C 266 12.22 27.40 -6.84
C TYR C 266 13.44 27.64 -7.71
N LEU C 267 14.50 26.92 -7.41
CA LEU C 267 15.54 26.76 -8.43
C LEU C 267 15.04 25.94 -9.61
N ASP C 268 15.48 26.32 -10.80
CA ASP C 268 15.13 25.60 -12.02
C ASP C 268 16.27 24.76 -12.56
N TYR C 269 17.37 24.65 -11.81
CA TYR C 269 18.52 23.88 -12.24
C TYR C 269 18.66 22.64 -11.36
N TYR C 270 19.35 21.63 -11.88
CA TYR C 270 19.50 20.36 -11.18
C TYR C 270 20.78 20.40 -10.35
N LEU C 271 20.70 21.09 -9.22
CA LEU C 271 21.82 21.15 -8.29
C LEU C 271 22.23 19.75 -7.86
N ASP C 272 23.52 19.57 -7.59
CA ASP C 272 24.06 18.22 -7.37
C ASP C 272 24.93 18.05 -6.14
N ASP C 273 25.23 19.10 -5.38
CA ASP C 273 25.99 18.95 -4.14
C ASP C 273 25.57 20.02 -3.16
N ILE C 274 25.28 19.63 -1.92
CA ILE C 274 24.87 20.61 -0.92
C ILE C 274 25.97 20.90 0.09
N ILE C 275 27.06 20.14 0.08
CA ILE C 275 28.17 20.39 0.98
C ILE C 275 29.22 21.22 0.25
N ASP C 276 29.79 22.18 0.97
CA ASP C 276 30.69 23.23 0.47
C ASP C 276 29.87 24.22 -0.34
N LEU C 277 28.61 23.90 -0.57
CA LEU C 277 27.56 24.85 -0.90
C LEU C 277 26.76 25.08 0.37
N PHE C 278 26.13 26.25 0.48
CA PHE C 278 25.50 26.65 1.73
C PHE C 278 26.50 26.60 2.87
N ASN C 279 27.79 26.69 2.54
CA ASN C 279 28.84 26.25 3.44
C ASN C 279 28.89 27.09 4.71
N CYS C 280 29.14 28.39 4.56
CA CYS C 280 29.15 29.25 5.73
C CYS C 280 27.76 29.77 6.07
N LEU C 281 26.71 29.10 5.60
CA LEU C 281 25.38 29.34 6.14
C LEU C 281 25.11 28.41 7.32
N THR C 282 26.08 28.37 8.23
CA THR C 282 25.92 27.73 9.52
C THR C 282 25.66 28.79 10.57
N ASN C 283 25.27 28.33 11.76
CA ASN C 283 24.79 29.16 12.87
C ASN C 283 23.46 29.84 12.52
N VAL C 284 22.93 29.60 11.32
CA VAL C 284 21.62 30.12 10.95
C VAL C 284 20.55 29.31 11.67
N SER C 285 19.83 29.97 12.58
CA SER C 285 18.94 29.25 13.49
C SER C 285 17.70 28.70 12.80
N SER C 286 17.63 28.76 11.46
CA SER C 286 16.52 28.17 10.73
C SER C 286 16.99 27.93 9.30
N PHE C 287 16.32 27.01 8.59
CA PHE C 287 16.67 26.71 7.22
C PHE C 287 15.46 26.08 6.52
N SER C 288 15.31 26.37 5.24
CA SER C 288 14.15 25.86 4.53
C SER C 288 14.44 25.81 3.03
N LEU C 289 13.76 24.90 2.34
CA LEU C 289 13.84 24.80 0.90
C LEU C 289 12.45 24.51 0.35
N VAL C 290 12.13 25.13 -0.78
CA VAL C 290 10.81 25.04 -1.40
C VAL C 290 10.97 24.84 -2.89
N SER C 291 10.49 23.70 -3.40
CA SER C 291 10.38 23.44 -4.83
C SER C 291 11.74 23.41 -5.53
N VAL C 292 12.77 22.90 -4.85
CA VAL C 292 14.09 22.70 -5.44
C VAL C 292 14.23 21.23 -5.79
N THR C 293 14.87 20.95 -6.92
CA THR C 293 15.03 19.58 -7.40
C THR C 293 16.50 19.20 -7.35
N ILE C 294 16.97 18.77 -6.18
CA ILE C 294 18.28 18.19 -6.05
C ILE C 294 18.14 16.66 -6.15
N GLU C 295 18.14 16.16 -7.37
CA GLU C 295 17.76 14.77 -7.63
C GLU C 295 18.93 13.80 -7.48
N ARG C 296 20.15 14.29 -7.28
CA ARG C 296 21.32 13.41 -7.14
C ARG C 296 22.35 14.12 -6.26
N VAL C 297 22.34 13.79 -4.96
CA VAL C 297 23.38 14.24 -4.04
C VAL C 297 23.65 13.07 -3.09
N LYS C 298 24.91 12.88 -2.73
CA LYS C 298 25.32 11.68 -2.01
C LYS C 298 25.44 11.87 -0.51
N ASP C 299 26.26 12.81 -0.05
CA ASP C 299 26.51 13.00 1.38
C ASP C 299 25.72 14.22 1.84
N PHE C 300 24.44 13.99 2.15
CA PHE C 300 23.62 14.97 2.86
C PHE C 300 24.10 15.21 4.28
N SER C 301 24.80 14.23 4.88
CA SER C 301 25.22 14.34 6.26
C SER C 301 26.40 15.29 6.39
N TYR C 302 26.38 16.10 7.45
CA TYR C 302 27.44 17.05 7.78
C TYR C 302 27.12 17.63 9.15
N ASN C 303 28.02 18.47 9.65
CA ASN C 303 27.88 19.09 10.96
C ASN C 303 27.57 20.57 10.79
N PHE C 304 26.28 20.87 10.63
CA PHE C 304 25.80 22.25 10.71
C PHE C 304 25.15 22.48 12.06
N GLY C 305 25.11 23.74 12.49
CA GLY C 305 24.27 24.10 13.60
C GLY C 305 22.96 24.70 13.12
N TRP C 306 21.92 23.88 13.05
CA TRP C 306 20.61 24.31 12.56
C TRP C 306 19.57 23.87 13.59
N GLN C 307 18.83 24.81 14.15
CA GLN C 307 17.83 24.49 15.15
C GLN C 307 16.44 24.33 14.57
N HIS C 308 16.28 24.40 13.25
CA HIS C 308 14.96 24.27 12.64
C HIS C 308 15.15 24.09 11.13
N LEU C 309 14.44 23.15 10.54
CA LEU C 309 14.65 22.77 9.15
C LEU C 309 13.32 22.44 8.48
N GLU C 310 13.19 22.85 7.22
CA GLU C 310 11.99 22.57 6.44
C GLU C 310 12.36 22.18 5.01
N LEU C 311 11.74 21.11 4.51
CA LEU C 311 11.93 20.63 3.14
C LEU C 311 10.55 20.46 2.54
N VAL C 312 10.02 21.51 1.90
CA VAL C 312 8.65 21.50 1.42
C VAL C 312 8.64 21.41 -0.11
N ASN C 313 7.86 20.43 -0.75
CA ASN C 313 7.62 20.26 -2.19
C ASN C 313 8.91 20.06 -2.99
N CYS C 314 9.97 19.54 -2.26
CA CYS C 314 11.20 19.27 -2.97
C CYS C 314 11.09 18.00 -3.80
N LYS C 315 12.20 17.60 -4.42
CA LYS C 315 12.35 16.32 -5.07
C LYS C 315 13.65 15.66 -4.62
N PHE C 316 13.69 14.33 -4.71
CA PHE C 316 14.83 13.61 -4.18
C PHE C 316 14.96 12.26 -4.88
N GLY C 317 16.18 11.72 -4.82
CA GLY C 317 16.42 10.35 -5.25
C GLY C 317 16.48 9.41 -4.08
N GLN C 318 17.21 9.81 -3.04
CA GLN C 318 17.31 9.05 -1.80
C GLN C 318 16.62 9.80 -0.68
N PHE C 319 16.25 9.08 0.36
CA PHE C 319 15.87 9.74 1.60
C PHE C 319 17.13 10.31 2.24
N PRO C 320 17.13 11.57 2.64
CA PRO C 320 18.37 12.17 3.15
C PRO C 320 18.83 11.55 4.44
N THR C 321 20.15 11.44 4.61
CA THR C 321 20.76 10.99 5.85
C THR C 321 21.19 12.23 6.64
N LEU C 322 20.83 12.27 7.91
CA LEU C 322 21.04 13.46 8.72
C LEU C 322 21.85 13.12 9.97
N LYS C 323 22.72 14.04 10.37
CA LYS C 323 23.47 13.95 11.63
C LYS C 323 23.64 15.39 12.13
N LEU C 324 22.71 15.82 12.98
CA LEU C 324 22.73 17.18 13.53
C LEU C 324 22.78 17.04 15.05
N LYS C 325 23.62 17.86 15.69
CA LYS C 325 23.82 17.71 17.12
C LYS C 325 22.80 18.52 17.93
N SER C 326 22.24 19.58 17.33
CA SER C 326 21.22 20.39 18.00
C SER C 326 20.19 20.79 16.94
N LEU C 327 19.15 19.97 16.81
CA LEU C 327 18.04 20.22 15.89
C LEU C 327 16.76 19.84 16.63
N LYS C 328 15.98 20.84 17.04
CA LYS C 328 14.86 20.56 17.92
C LYS C 328 13.56 20.27 17.16
N ARG C 329 13.46 20.70 15.90
CA ARG C 329 12.26 20.47 15.13
C ARG C 329 12.62 20.13 13.69
N LEU C 330 11.84 19.26 13.08
CA LEU C 330 12.00 18.89 11.68
C LEU C 330 10.62 18.85 11.03
N THR C 331 10.56 19.20 9.76
CA THR C 331 9.32 19.17 9.00
C THR C 331 9.64 18.74 7.59
N PHE C 332 9.19 17.55 7.21
CA PHE C 332 9.54 16.93 5.93
C PHE C 332 8.23 16.50 5.28
N THR C 333 7.58 17.42 4.57
CA THR C 333 6.23 17.20 4.09
C THR C 333 6.13 17.42 2.58
N SER C 334 5.08 16.86 2.00
CA SER C 334 4.65 17.09 0.63
C SER C 334 5.72 16.79 -0.43
N ASN C 335 6.79 16.09 -0.07
CA ASN C 335 7.80 15.75 -1.05
C ASN C 335 7.30 14.67 -2.00
N LYS C 336 8.03 14.47 -3.09
CA LYS C 336 7.55 13.63 -4.17
C LYS C 336 8.51 12.53 -4.60
N GLY C 337 9.83 12.76 -4.57
CA GLY C 337 10.75 11.95 -5.33
C GLY C 337 10.91 10.50 -4.92
N GLY C 338 11.48 10.26 -3.75
CA GLY C 338 11.80 8.90 -3.34
C GLY C 338 10.78 8.26 -2.43
N ASN C 339 10.73 6.93 -2.41
CA ASN C 339 9.80 6.18 -1.57
C ASN C 339 10.60 5.11 -0.83
N ALA C 340 11.26 5.51 0.25
CA ALA C 340 12.03 4.62 1.11
C ALA C 340 12.18 5.32 2.45
N PHE C 341 13.07 4.80 3.30
CA PHE C 341 13.38 5.46 4.56
C PHE C 341 14.67 4.85 5.09
N SER C 342 15.35 5.59 5.95
CA SER C 342 16.63 5.16 6.49
C SER C 342 16.78 5.67 7.91
N GLU C 343 17.90 5.30 8.53
CA GLU C 343 18.14 5.69 9.91
C GLU C 343 18.69 7.11 9.97
N VAL C 344 18.35 7.83 11.04
CA VAL C 344 18.88 9.15 11.31
C VAL C 344 19.36 9.17 12.75
N ASP C 345 20.18 10.17 13.07
CA ASP C 345 20.74 10.31 14.41
C ASP C 345 20.63 11.77 14.83
N LEU C 346 19.57 12.09 15.58
CA LEU C 346 19.28 13.45 16.03
C LEU C 346 19.22 13.43 17.55
N PRO C 347 20.36 13.56 18.23
CA PRO C 347 20.41 13.27 19.68
C PRO C 347 19.53 14.15 20.55
N SER C 348 19.09 15.30 20.06
CA SER C 348 18.25 16.20 20.84
C SER C 348 17.18 16.76 19.91
N LEU C 349 16.04 16.08 19.87
CA LEU C 349 14.97 16.37 18.93
C LEU C 349 13.63 16.20 19.63
N GLU C 350 12.66 17.05 19.31
CA GLU C 350 11.38 17.02 20.00
C GLU C 350 10.17 17.23 19.08
N PHE C 351 10.29 17.00 17.78
CA PHE C 351 9.15 17.17 16.88
C PHE C 351 9.46 16.51 15.55
N LEU C 352 8.55 15.69 15.06
CA LEU C 352 8.61 15.14 13.72
C LEU C 352 7.32 15.43 12.96
N ASP C 353 7.44 15.45 11.63
CA ASP C 353 6.25 15.52 10.77
C ASP C 353 6.68 14.98 9.41
N LEU C 354 6.25 13.77 9.08
CA LEU C 354 6.54 13.15 7.78
C LEU C 354 5.19 12.81 7.17
N SER C 355 4.60 13.79 6.48
CA SER C 355 3.24 13.66 6.00
C SER C 355 3.20 13.82 4.49
N ARG C 356 2.31 13.05 3.86
CA ARG C 356 1.95 13.18 2.45
C ARG C 356 3.10 12.86 1.49
N ASN C 357 4.23 12.38 2.01
CA ASN C 357 5.35 12.03 1.14
C ASN C 357 5.07 10.78 0.31
N GLY C 358 4.53 9.73 0.92
CA GLY C 358 4.25 8.50 0.20
C GLY C 358 5.35 7.46 0.28
N LEU C 359 6.23 7.55 1.27
CA LEU C 359 7.34 6.63 1.42
C LEU C 359 6.94 5.43 2.28
N SER C 360 7.87 4.48 2.40
CA SER C 360 7.60 3.19 3.02
C SER C 360 8.59 2.88 4.14
N PHE C 361 8.20 1.96 5.00
CA PHE C 361 8.96 1.61 6.19
C PHE C 361 9.20 0.10 6.26
N LYS C 362 10.03 -0.29 7.22
CA LYS C 362 10.23 -1.69 7.58
C LYS C 362 10.89 -1.72 8.95
N GLY C 363 10.30 -2.48 9.88
CA GLY C 363 10.73 -2.39 11.26
C GLY C 363 10.53 -0.97 11.74
N CYS C 364 9.26 -0.54 11.81
CA CYS C 364 8.93 0.87 11.83
C CYS C 364 9.59 1.62 12.99
N CYS C 365 9.26 1.21 14.21
CA CYS C 365 9.29 2.12 15.35
C CYS C 365 10.17 1.55 16.45
N SER C 366 11.22 2.29 16.79
CA SER C 366 12.11 1.98 17.90
C SER C 366 13.04 3.17 18.07
N GLN C 367 13.64 3.27 19.26
CA GLN C 367 14.51 4.41 19.54
C GLN C 367 15.81 4.37 18.75
N SER C 368 16.07 3.29 18.01
CA SER C 368 17.28 3.15 17.23
C SER C 368 17.13 3.69 15.81
N ASP C 369 15.91 4.02 15.40
CA ASP C 369 15.72 4.61 14.07
C ASP C 369 15.83 6.12 14.07
N PHE C 370 15.70 6.76 15.24
CA PHE C 370 15.83 8.20 15.35
C PHE C 370 16.90 8.64 16.32
N GLY C 371 17.59 7.70 16.98
CA GLY C 371 18.71 8.02 17.83
C GLY C 371 18.42 8.94 19.00
N THR C 372 17.19 9.35 19.20
CA THR C 372 16.85 10.29 20.26
C THR C 372 16.47 9.56 21.55
N THR C 373 16.09 10.36 22.55
CA THR C 373 15.64 9.80 23.82
C THR C 373 14.38 10.46 24.37
N SER C 374 13.98 11.62 23.83
CA SER C 374 12.79 12.35 24.30
C SER C 374 12.11 12.97 23.09
N LEU C 375 11.11 12.27 22.56
CA LEU C 375 10.39 12.70 21.36
C LEU C 375 8.92 12.89 21.75
N LYS C 376 8.44 14.12 21.68
CA LYS C 376 7.12 14.46 22.21
C LYS C 376 6.01 14.39 21.17
N TYR C 377 6.31 14.56 19.89
CA TYR C 377 5.28 14.62 18.86
C TYR C 377 5.75 13.77 17.69
N LEU C 378 4.79 13.23 16.94
CA LEU C 378 5.13 12.33 15.84
C LEU C 378 3.89 12.14 14.98
N ASP C 379 4.07 12.22 13.66
CA ASP C 379 2.96 12.10 12.72
C ASP C 379 3.46 11.39 11.48
N LEU C 380 2.70 10.40 11.01
CA LEU C 380 3.14 9.55 9.91
C LEU C 380 2.00 9.30 8.93
N SER C 381 1.11 10.28 8.75
CA SER C 381 -0.10 10.05 7.99
C SER C 381 0.15 10.17 6.50
N PHE C 382 -0.70 9.49 5.73
CA PHE C 382 -0.74 9.59 4.27
C PHE C 382 0.53 9.07 3.60
N ASN C 383 1.14 8.04 4.16
CA ASN C 383 2.29 7.39 3.55
C ASN C 383 1.86 6.10 2.87
N GLY C 384 2.82 5.36 2.32
CA GLY C 384 2.50 4.17 1.55
C GLY C 384 2.21 2.91 2.34
N VAL C 385 3.21 2.36 3.01
CA VAL C 385 3.10 1.07 3.70
C VAL C 385 4.01 1.05 4.93
N ILE C 386 3.46 0.71 6.08
CA ILE C 386 4.21 0.59 7.32
C ILE C 386 4.07 -0.83 7.84
N THR C 387 5.15 -1.37 8.38
CA THR C 387 5.16 -2.72 8.97
C THR C 387 5.63 -2.62 10.41
N MET C 388 4.86 -3.20 11.32
CA MET C 388 5.20 -3.20 12.74
C MET C 388 6.00 -4.44 13.06
N SER C 389 7.19 -4.25 13.62
CA SER C 389 7.99 -5.37 14.10
C SER C 389 8.65 -5.08 15.45
N SER C 390 8.27 -4.01 16.14
CA SER C 390 8.82 -3.71 17.45
C SER C 390 7.90 -2.73 18.14
N ASN C 391 7.37 -3.10 19.30
CA ASN C 391 6.65 -2.12 20.12
C ASN C 391 7.61 -1.02 20.56
N PHE C 392 7.08 0.18 20.74
CA PHE C 392 7.91 1.36 20.84
C PHE C 392 8.78 1.27 22.08
N LEU C 393 10.05 0.91 21.88
CA LEU C 393 10.96 0.59 22.97
C LEU C 393 12.01 1.69 23.06
N GLY C 394 12.08 2.35 24.22
CA GLY C 394 12.99 3.45 24.41
C GLY C 394 12.38 4.82 24.21
N LEU C 395 11.07 4.89 23.95
CA LEU C 395 10.36 6.15 23.71
C LEU C 395 9.32 6.42 24.79
N GLU C 396 9.67 6.21 26.05
CA GLU C 396 8.71 6.23 27.15
C GLU C 396 8.09 7.61 27.39
N GLN C 397 8.43 8.62 26.61
CA GLN C 397 7.82 9.95 26.72
C GLN C 397 7.37 10.38 25.34
N LEU C 398 6.15 10.00 24.99
CA LEU C 398 5.59 10.36 23.68
C LEU C 398 4.10 10.59 23.89
N GLU C 399 3.59 11.75 23.46
CA GLU C 399 2.24 12.16 23.82
C GLU C 399 1.32 12.34 22.62
N HIS C 400 1.83 12.35 21.40
CA HIS C 400 1.01 12.53 20.22
C HIS C 400 1.45 11.53 19.16
N LEU C 401 0.50 10.98 18.42
CA LEU C 401 0.79 9.92 17.48
C LEU C 401 -0.37 9.75 16.53
N ASP C 402 -0.09 9.67 15.24
CA ASP C 402 -1.13 9.54 14.23
C ASP C 402 -0.65 8.62 13.11
N PHE C 403 -1.59 7.89 12.51
CA PHE C 403 -1.28 6.96 11.43
C PHE C 403 -2.32 6.93 10.32
N GLN C 404 -3.25 7.89 10.30
CA GLN C 404 -4.44 7.75 9.47
C GLN C 404 -4.09 7.71 7.98
N HIS C 405 -4.90 6.96 7.23
CA HIS C 405 -4.81 6.83 5.78
C HIS C 405 -3.50 6.25 5.29
N SER C 406 -2.71 5.66 6.17
CA SER C 406 -1.56 4.86 5.79
C SER C 406 -2.04 3.45 5.44
N ASN C 407 -1.10 2.51 5.32
CA ASN C 407 -1.42 1.09 5.12
C ASN C 407 -0.59 0.28 6.11
N LEU C 408 -1.21 -0.17 7.18
CA LEU C 408 -0.51 -0.88 8.24
C LEU C 408 -0.47 -2.38 7.97
N LYS C 409 0.47 -3.05 8.62
CA LYS C 409 0.65 -4.49 8.48
C LYS C 409 1.04 -5.09 9.82
N GLN C 410 0.50 -6.28 10.09
CA GLN C 410 0.90 -7.09 11.25
C GLN C 410 0.56 -6.39 12.57
N MET C 411 -0.53 -5.62 12.58
CA MET C 411 -0.88 -4.83 13.74
C MET C 411 -1.48 -5.65 14.88
N SER C 412 -1.95 -6.87 14.61
CA SER C 412 -2.70 -7.64 15.59
C SER C 412 -1.96 -8.89 16.05
N GLU C 413 -0.63 -8.92 15.94
CA GLU C 413 0.13 -10.11 16.27
C GLU C 413 0.75 -10.07 17.66
N PHE C 414 0.75 -8.91 18.32
CA PHE C 414 1.33 -8.76 19.66
C PHE C 414 0.95 -7.37 20.17
N SER C 415 1.32 -7.09 21.41
CA SER C 415 1.03 -5.79 22.03
C SER C 415 1.92 -4.75 21.39
N VAL C 416 1.37 -3.97 20.46
CA VAL C 416 2.19 -3.02 19.72
C VAL C 416 2.43 -1.74 20.51
N PHE C 417 1.50 -1.37 21.38
CA PHE C 417 1.63 -0.18 22.22
C PHE C 417 1.79 -0.65 23.66
N LEU C 418 3.02 -0.98 24.04
CA LEU C 418 3.25 -1.59 25.34
C LEU C 418 4.15 -0.79 26.27
N SER C 419 5.04 0.05 25.74
CA SER C 419 5.90 0.85 26.59
C SER C 419 5.41 2.28 26.79
N LEU C 420 4.58 2.79 25.89
CA LEU C 420 4.06 4.15 25.99
C LEU C 420 3.05 4.21 27.13
N ARG C 421 3.52 4.64 28.30
CA ARG C 421 2.66 4.75 29.45
C ARG C 421 2.22 6.17 29.74
N ASN C 422 2.63 7.14 28.92
CA ASN C 422 2.12 8.51 29.00
C ASN C 422 1.71 8.95 27.61
N LEU C 423 0.50 8.60 27.20
CA LEU C 423 -0.01 8.95 25.88
C LEU C 423 -1.39 9.55 26.04
N ILE C 424 -1.71 10.54 25.21
CA ILE C 424 -3.00 11.24 25.31
C ILE C 424 -3.77 11.09 24.01
N TYR C 425 -3.09 11.28 22.88
CA TYR C 425 -3.72 11.28 21.58
C TYR C 425 -3.29 10.03 20.82
N LEU C 426 -4.19 9.50 19.99
CA LEU C 426 -3.89 8.33 19.18
C LEU C 426 -4.97 8.22 18.10
N ASP C 427 -4.55 8.06 16.85
CA ASP C 427 -5.47 8.00 15.72
C ASP C 427 -5.00 6.91 14.75
N ILE C 428 -5.84 5.90 14.56
CA ILE C 428 -5.63 4.88 13.54
C ILE C 428 -6.90 4.75 12.72
N SER C 429 -7.00 5.49 11.64
CA SER C 429 -8.24 5.60 10.87
C SER C 429 -7.97 5.28 9.41
N HIS C 430 -8.88 4.51 8.80
CA HIS C 430 -8.84 4.14 7.39
C HIS C 430 -7.56 3.41 7.01
N THR C 431 -6.84 2.84 7.97
CA THR C 431 -5.78 1.90 7.68
C THR C 431 -6.39 0.51 7.54
N HIS C 432 -6.01 -0.21 6.49
CA HIS C 432 -6.65 -1.48 6.20
C HIS C 432 -6.18 -2.55 7.19
N THR C 433 -6.73 -2.53 8.40
CA THR C 433 -6.35 -3.45 9.45
C THR C 433 -7.49 -4.41 9.77
N ARG C 434 -7.24 -5.34 10.71
CA ARG C 434 -8.26 -6.34 11.14
C ARG C 434 -8.01 -6.66 12.61
N VAL C 435 -8.82 -6.10 13.52
CA VAL C 435 -8.63 -6.34 14.95
C VAL C 435 -9.14 -7.74 15.27
N ALA C 436 -8.22 -8.63 15.67
CA ALA C 436 -8.56 -9.99 16.01
C ALA C 436 -7.82 -10.51 17.24
N PHE C 437 -7.31 -9.63 18.10
CA PHE C 437 -6.55 -10.05 19.27
C PHE C 437 -6.98 -9.20 20.45
N ASN C 438 -7.78 -9.77 21.34
CA ASN C 438 -8.15 -9.08 22.57
C ASN C 438 -6.91 -8.68 23.35
N GLY C 439 -6.89 -7.44 23.82
CA GLY C 439 -5.74 -6.92 24.52
C GLY C 439 -4.69 -6.25 23.65
N ILE C 440 -5.06 -5.84 22.44
CA ILE C 440 -4.11 -5.10 21.60
C ILE C 440 -3.83 -3.73 22.20
N PHE C 441 -4.78 -3.18 22.95
CA PHE C 441 -4.60 -1.92 23.66
C PHE C 441 -4.09 -2.15 25.07
N ASN C 442 -3.03 -2.94 25.22
CA ASN C 442 -2.49 -3.27 26.53
C ASN C 442 -1.33 -2.36 26.88
N GLY C 443 -1.43 -1.68 28.03
CA GLY C 443 -0.38 -0.82 28.52
C GLY C 443 -0.70 0.66 28.48
N LEU C 444 -1.57 1.10 27.56
CA LEU C 444 -1.94 2.50 27.45
C LEU C 444 -2.87 2.84 28.61
N SER C 445 -2.28 3.42 29.65
CA SER C 445 -3.02 3.73 30.87
C SER C 445 -3.34 5.21 31.05
N SER C 446 -3.21 6.02 30.00
CA SER C 446 -3.52 7.45 30.11
C SER C 446 -4.26 7.98 28.89
N LEU C 447 -4.62 7.13 27.94
CA LEU C 447 -5.25 7.59 26.72
C LEU C 447 -6.58 8.26 27.04
N GLU C 448 -6.89 9.33 26.31
CA GLU C 448 -8.15 10.05 26.45
C GLU C 448 -8.88 10.23 25.13
N VAL C 449 -8.15 10.33 24.02
CA VAL C 449 -8.73 10.44 22.69
C VAL C 449 -8.35 9.20 21.91
N LEU C 450 -9.33 8.59 21.24
CA LEU C 450 -9.12 7.37 20.48
C LEU C 450 -9.98 7.41 19.23
N LYS C 451 -9.35 7.27 18.07
CA LYS C 451 -10.03 7.37 16.79
C LYS C 451 -9.72 6.14 15.95
N MET C 452 -10.76 5.46 15.46
CA MET C 452 -10.61 4.38 14.49
C MET C 452 -11.91 4.25 13.72
N ALA C 453 -11.89 4.66 12.45
CA ALA C 453 -13.05 4.61 11.59
C ALA C 453 -12.65 3.99 10.26
N GLY C 454 -13.26 2.86 9.92
CA GLY C 454 -12.94 2.15 8.71
C GLY C 454 -12.11 0.90 8.92
N ASN C 455 -12.06 0.36 10.12
CA ASN C 455 -11.21 -0.79 10.46
C ASN C 455 -12.11 -1.97 10.79
N SER C 456 -12.03 -3.02 9.99
CA SER C 456 -12.90 -4.17 10.14
C SER C 456 -12.67 -4.86 11.48
N PHE C 457 -13.57 -5.79 11.80
CA PHE C 457 -13.47 -6.60 13.00
C PHE C 457 -13.65 -8.05 12.62
N GLN C 458 -13.06 -8.94 13.42
CA GLN C 458 -13.14 -10.37 13.14
C GLN C 458 -14.59 -10.83 13.25
N GLU C 459 -15.13 -11.31 12.13
CA GLU C 459 -16.49 -11.86 12.02
C GLU C 459 -17.55 -10.83 12.44
N ASN C 460 -17.13 -9.56 12.56
CA ASN C 460 -18.05 -8.45 12.82
C ASN C 460 -18.74 -8.57 14.17
N PHE C 461 -17.97 -8.89 15.20
CA PHE C 461 -18.47 -8.93 16.57
C PHE C 461 -17.47 -8.23 17.47
N LEU C 462 -17.94 -7.24 18.23
CA LEU C 462 -17.05 -6.44 19.06
C LEU C 462 -16.59 -7.23 20.27
N PRO C 463 -15.28 -7.44 20.42
CA PRO C 463 -14.78 -8.14 21.61
C PRO C 463 -14.59 -7.21 22.79
N ASP C 464 -14.07 -7.74 23.90
CA ASP C 464 -13.87 -6.97 25.12
C ASP C 464 -12.41 -6.55 25.19
N ILE C 465 -12.09 -5.44 24.51
CA ILE C 465 -10.74 -4.92 24.51
C ILE C 465 -10.58 -3.64 25.32
N PHE C 466 -11.67 -2.92 25.60
CA PHE C 466 -11.61 -1.65 26.31
C PHE C 466 -11.52 -1.85 27.82
N THR C 467 -10.34 -2.25 28.30
CA THR C 467 -10.07 -2.36 29.72
C THR C 467 -8.76 -1.65 30.04
N GLU C 468 -8.67 -1.11 31.26
CA GLU C 468 -7.58 -0.35 31.82
C GLU C 468 -7.50 1.06 31.24
N LEU C 469 -8.33 1.40 30.26
CA LEU C 469 -8.42 2.77 29.74
C LEU C 469 -9.40 3.55 30.61
N ARG C 470 -8.91 3.96 31.79
CA ARG C 470 -9.79 4.53 32.80
C ARG C 470 -9.95 6.05 32.69
N ASN C 471 -9.43 6.67 31.63
CA ASN C 471 -9.59 8.11 31.44
C ASN C 471 -10.27 8.46 30.12
N LEU C 472 -10.60 7.47 29.30
CA LEU C 472 -11.09 7.73 27.94
C LEU C 472 -12.36 8.56 28.02
N THR C 473 -12.44 9.58 27.17
CA THR C 473 -13.63 10.44 27.12
C THR C 473 -14.24 10.52 25.72
N PHE C 474 -13.41 10.58 24.68
CA PHE C 474 -13.88 10.72 23.31
C PHE C 474 -13.51 9.46 22.54
N LEU C 475 -14.48 8.58 22.34
CA LEU C 475 -14.26 7.29 21.68
C LEU C 475 -14.94 7.31 20.33
N ASP C 476 -14.18 7.04 19.28
CA ASP C 476 -14.69 7.08 17.91
C ASP C 476 -14.51 5.71 17.28
N LEU C 477 -15.64 5.11 16.86
CA LEU C 477 -15.60 3.88 16.06
C LEU C 477 -16.87 3.86 15.20
N SER C 478 -16.72 4.27 13.95
CA SER C 478 -17.82 4.31 12.99
C SER C 478 -17.30 3.84 11.64
N GLN C 479 -18.23 3.50 10.75
CA GLN C 479 -17.95 2.90 9.45
C GLN C 479 -17.27 1.54 9.55
N CYS C 480 -17.01 1.07 10.77
CA CYS C 480 -16.54 -0.29 10.99
C CYS C 480 -17.73 -1.22 10.89
N GLN C 481 -17.65 -2.22 10.01
CA GLN C 481 -18.83 -2.98 9.61
C GLN C 481 -19.20 -3.92 10.76
N LEU C 482 -19.65 -3.32 11.85
CA LEU C 482 -20.15 -4.06 12.99
C LEU C 482 -21.49 -4.67 12.64
N GLU C 483 -21.83 -5.77 13.33
CA GLU C 483 -23.14 -6.37 13.23
C GLU C 483 -23.73 -6.73 14.59
N GLN C 484 -22.96 -6.60 15.67
CA GLN C 484 -23.42 -6.95 17.01
C GLN C 484 -22.33 -6.52 18.00
N LEU C 485 -22.72 -6.37 19.26
CA LEU C 485 -21.80 -5.95 20.31
C LEU C 485 -21.77 -6.98 21.43
N SER C 486 -20.62 -7.08 22.08
CA SER C 486 -20.51 -7.90 23.27
C SER C 486 -21.45 -7.36 24.35
N PRO C 487 -21.96 -8.23 25.23
CA PRO C 487 -22.90 -7.74 26.26
C PRO C 487 -22.24 -6.82 27.28
N THR C 488 -20.99 -7.08 27.67
CA THR C 488 -20.27 -6.23 28.62
C THR C 488 -18.92 -5.83 28.01
N ALA C 489 -18.94 -4.75 27.23
CA ALA C 489 -17.74 -4.18 26.65
C ALA C 489 -17.37 -2.85 27.26
N PHE C 490 -18.32 -1.91 27.32
CA PHE C 490 -18.08 -0.60 27.90
C PHE C 490 -18.26 -0.61 29.41
N ASN C 491 -17.37 -1.31 30.11
CA ASN C 491 -17.34 -1.27 31.56
C ASN C 491 -16.07 -0.58 32.02
N SER C 492 -16.15 0.03 33.21
CA SER C 492 -15.08 0.79 33.86
C SER C 492 -14.69 2.04 33.08
N LEU C 493 -15.33 2.33 31.94
CA LEU C 493 -15.09 3.56 31.20
C LEU C 493 -16.03 4.63 31.76
N SER C 494 -15.81 5.00 33.00
CA SER C 494 -16.70 5.89 33.73
C SER C 494 -16.43 7.37 33.44
N SER C 495 -15.76 7.68 32.34
CA SER C 495 -15.48 9.06 31.98
C SER C 495 -15.74 9.38 30.53
N LEU C 496 -16.52 8.56 29.83
CA LEU C 496 -16.83 8.83 28.43
C LEU C 496 -17.92 9.88 28.33
N GLN C 497 -17.82 10.73 27.32
CA GLN C 497 -18.85 11.75 27.04
C GLN C 497 -19.34 11.72 25.61
N VAL C 498 -18.46 11.46 24.65
CA VAL C 498 -18.82 11.34 23.24
C VAL C 498 -18.70 9.88 22.84
N LEU C 499 -19.61 9.41 21.99
CA LEU C 499 -19.64 8.02 21.55
C LEU C 499 -20.24 7.94 20.16
N ASN C 500 -19.40 7.76 19.15
CA ASN C 500 -19.85 7.73 17.76
C ASN C 500 -20.01 6.28 17.30
N MET C 501 -21.22 5.89 16.95
CA MET C 501 -21.51 4.54 16.48
C MET C 501 -22.40 4.61 15.24
N SER C 502 -22.09 5.50 14.32
CA SER C 502 -22.91 5.72 13.14
C SER C 502 -22.37 4.94 11.95
N HIS C 503 -23.23 4.81 10.94
CA HIS C 503 -22.89 4.26 9.63
C HIS C 503 -22.57 2.77 9.67
N ASN C 504 -22.96 2.08 10.73
CA ASN C 504 -22.73 0.65 10.83
C ASN C 504 -23.94 -0.11 10.29
N ASN C 505 -23.99 -1.41 10.52
CA ASN C 505 -25.11 -2.26 10.11
C ASN C 505 -25.65 -2.97 11.35
N PHE C 506 -26.55 -2.30 12.08
CA PHE C 506 -27.26 -2.89 13.20
C PHE C 506 -28.70 -3.18 12.78
N PHE C 507 -29.38 -4.00 13.58
CA PHE C 507 -30.80 -4.26 13.34
C PHE C 507 -31.60 -4.07 14.62
N SER C 508 -30.98 -4.34 15.76
CA SER C 508 -31.64 -4.23 17.05
C SER C 508 -31.02 -3.10 17.86
N LEU C 509 -31.77 -2.59 18.82
CA LEU C 509 -31.31 -1.55 19.74
C LEU C 509 -31.57 -2.04 21.16
N ASP C 510 -30.57 -1.90 22.02
CA ASP C 510 -30.70 -2.27 23.42
C ASP C 510 -29.97 -1.27 24.30
N THR C 511 -30.50 -1.06 25.50
CA THR C 511 -29.93 -0.10 26.44
C THR C 511 -29.01 -0.74 27.47
N PHE C 512 -28.88 -2.07 27.45
CA PHE C 512 -28.13 -2.73 28.53
C PHE C 512 -26.64 -2.45 28.47
N PRO C 513 -25.96 -2.54 27.32
CA PRO C 513 -24.51 -2.29 27.32
C PRO C 513 -24.12 -0.92 27.86
N TYR C 514 -24.95 0.10 27.68
CA TYR C 514 -24.68 1.43 28.17
C TYR C 514 -25.34 1.71 29.50
N LYS C 515 -25.50 0.69 30.35
CA LYS C 515 -26.24 0.88 31.60
C LYS C 515 -25.54 1.87 32.52
N CYS C 516 -24.28 1.61 32.86
CA CYS C 516 -23.56 2.39 33.86
C CYS C 516 -22.44 3.19 33.20
N LEU C 517 -22.81 4.31 32.59
CA LEU C 517 -21.87 5.30 32.05
C LEU C 517 -22.37 6.66 32.52
N ASN C 518 -21.83 7.13 33.63
CA ASN C 518 -22.39 8.29 34.33
C ASN C 518 -21.95 9.62 33.76
N SER C 519 -21.39 9.67 32.54
CA SER C 519 -20.89 10.92 32.00
C SER C 519 -21.22 11.12 30.53
N LEU C 520 -22.18 10.39 29.98
CA LEU C 520 -22.47 10.52 28.56
C LEU C 520 -23.35 11.73 28.30
N GLN C 521 -23.10 12.40 27.17
CA GLN C 521 -23.95 13.50 26.74
C GLN C 521 -24.43 13.30 25.31
N VAL C 522 -23.56 12.74 24.46
CA VAL C 522 -23.85 12.57 23.05
C VAL C 522 -23.82 11.09 22.72
N LEU C 523 -24.76 10.65 21.89
CA LEU C 523 -24.86 9.25 21.47
C LEU C 523 -25.34 9.23 20.02
N ASP C 524 -24.62 8.52 19.16
CA ASP C 524 -24.78 8.65 17.72
C ASP C 524 -25.15 7.32 17.09
N TYR C 525 -26.37 7.24 16.53
CA TYR C 525 -26.82 6.11 15.72
C TYR C 525 -27.46 6.69 14.45
N SER C 526 -26.65 7.03 13.45
CA SER C 526 -27.25 7.73 12.33
C SER C 526 -27.50 6.87 11.10
N LEU C 527 -26.45 6.38 10.45
CA LEU C 527 -26.60 5.74 9.15
C LEU C 527 -26.65 4.22 9.25
N ASN C 528 -27.51 3.70 10.12
CA ASN C 528 -27.68 2.26 10.27
C ASN C 528 -28.99 1.85 9.58
N HIS C 529 -29.41 0.59 9.74
CA HIS C 529 -30.73 0.15 9.31
C HIS C 529 -31.37 -0.53 10.52
N ILE C 530 -31.95 0.27 11.41
CA ILE C 530 -32.56 -0.23 12.63
C ILE C 530 -34.05 -0.41 12.36
N MET C 531 -34.54 -1.63 12.56
CA MET C 531 -35.94 -1.94 12.33
C MET C 531 -36.73 -2.13 13.61
N THR C 532 -36.11 -2.68 14.66
CA THR C 532 -36.80 -2.88 15.93
C THR C 532 -35.74 -3.09 17.01
N SER C 533 -36.22 -3.41 18.21
CA SER C 533 -35.34 -3.79 19.31
C SER C 533 -35.44 -5.29 19.52
N LYS C 534 -34.53 -5.85 20.32
CA LYS C 534 -34.64 -7.27 20.66
C LYS C 534 -35.98 -7.56 21.32
N LYS C 535 -36.45 -6.65 22.15
CA LYS C 535 -37.79 -6.67 22.73
C LYS C 535 -38.03 -5.32 23.38
N GLN C 536 -39.11 -5.20 24.16
CA GLN C 536 -39.47 -3.95 24.81
C GLN C 536 -38.85 -3.82 26.20
N GLU C 537 -37.72 -4.49 26.43
CA GLU C 537 -36.95 -4.31 27.67
C GLU C 537 -36.08 -3.07 27.62
N LEU C 538 -36.38 -2.14 26.71
CA LEU C 538 -35.57 -0.94 26.56
C LEU C 538 -35.65 -0.09 27.82
N GLN C 539 -34.57 -0.09 28.59
CA GLN C 539 -34.51 0.55 29.90
C GLN C 539 -34.38 2.07 29.71
N HIS C 540 -34.20 2.77 30.83
CA HIS C 540 -33.81 4.17 30.80
C HIS C 540 -32.34 4.29 30.40
N PHE C 541 -32.01 5.38 29.74
CA PHE C 541 -30.62 5.67 29.52
C PHE C 541 -30.06 6.42 30.73
N PRO C 542 -28.72 6.41 30.92
CA PRO C 542 -28.14 7.20 32.01
C PRO C 542 -28.57 8.66 31.93
N SER C 543 -28.98 9.20 33.07
CA SER C 543 -29.59 10.53 33.16
C SER C 543 -28.81 11.60 32.40
N SER C 544 -27.48 11.57 32.51
CA SER C 544 -26.64 12.59 31.92
C SER C 544 -26.83 12.71 30.42
N LEU C 545 -27.35 11.68 29.75
CA LEU C 545 -27.53 11.75 28.31
C LEU C 545 -28.51 12.86 27.95
N ALA C 546 -28.10 13.72 27.01
CA ALA C 546 -28.94 14.82 26.56
C ALA C 546 -28.93 15.00 25.05
N PHE C 547 -28.36 14.07 24.31
CA PHE C 547 -28.25 14.20 22.86
C PHE C 547 -28.20 12.82 22.23
N LEU C 548 -29.01 12.60 21.20
CA LEU C 548 -29.21 11.27 20.64
C LEU C 548 -29.70 11.34 19.20
N ASN C 549 -28.83 11.02 18.25
CA ASN C 549 -29.25 10.81 16.86
C ASN C 549 -29.99 9.50 16.75
N LEU C 550 -31.11 9.50 16.04
CA LEU C 550 -31.79 8.29 15.63
C LEU C 550 -32.36 8.41 14.21
N THR C 551 -31.73 9.20 13.36
CA THR C 551 -32.30 9.60 12.09
C THR C 551 -31.73 8.78 10.93
N GLN C 552 -32.18 9.13 9.72
CA GLN C 552 -31.57 8.69 8.47
C GLN C 552 -31.58 7.19 8.26
N ASN C 553 -32.51 6.46 8.87
CA ASN C 553 -32.58 5.02 8.69
C ASN C 553 -34.01 4.59 8.42
N ASP C 554 -34.16 3.55 7.61
CA ASP C 554 -35.48 3.08 7.22
C ASP C 554 -36.16 2.33 8.37
N PHE C 555 -37.43 2.63 8.58
CA PHE C 555 -38.24 1.98 9.60
C PHE C 555 -39.33 1.15 8.93
N ALA C 556 -40.00 0.34 9.73
CA ALA C 556 -41.10 -0.50 9.28
C ALA C 556 -42.36 -0.11 10.03
N CYS C 557 -43.39 0.31 9.29
CA CYS C 557 -44.63 0.78 9.90
C CYS C 557 -45.73 -0.25 9.68
N THR C 558 -45.76 -1.25 10.57
CA THR C 558 -46.88 -2.16 10.70
C THR C 558 -47.18 -2.28 12.19
N CYS C 559 -48.42 -2.66 12.51
CA CYS C 559 -48.82 -2.66 13.92
C CYS C 559 -48.09 -3.74 14.72
N GLU C 560 -47.34 -4.61 14.04
CA GLU C 560 -46.36 -5.42 14.73
C GLU C 560 -45.35 -4.51 15.44
N HIS C 561 -44.95 -4.91 16.64
CA HIS C 561 -44.06 -4.15 17.52
C HIS C 561 -44.40 -2.66 17.55
N GLN C 562 -45.69 -2.33 17.59
CA GLN C 562 -46.09 -0.93 17.74
C GLN C 562 -45.62 -0.37 19.08
N SER C 563 -45.48 -1.24 20.08
CA SER C 563 -44.92 -0.84 21.37
C SER C 563 -43.55 -0.20 21.23
N PHE C 564 -42.77 -0.59 20.21
CA PHE C 564 -41.48 0.03 19.98
C PHE C 564 -41.63 1.50 19.63
N LEU C 565 -42.53 1.80 18.69
CA LEU C 565 -42.82 3.20 18.36
C LEU C 565 -43.40 3.94 19.55
N GLN C 566 -44.23 3.27 20.34
CA GLN C 566 -44.70 3.87 21.59
C GLN C 566 -43.53 4.26 22.49
N TRP C 567 -42.53 3.39 22.59
CA TRP C 567 -41.39 3.67 23.46
C TRP C 567 -40.54 4.80 22.90
N ILE C 568 -40.41 4.90 21.58
CA ILE C 568 -39.55 5.96 21.04
C ILE C 568 -40.26 7.31 21.12
N LYS C 569 -41.56 7.35 20.82
CA LYS C 569 -42.29 8.60 20.97
C LYS C 569 -42.53 8.97 22.43
N ASP C 570 -42.19 8.07 23.36
CA ASP C 570 -42.33 8.37 24.78
C ASP C 570 -41.33 9.41 25.26
N GLN C 571 -40.17 9.52 24.63
CA GLN C 571 -39.14 10.45 25.07
C GLN C 571 -38.63 11.20 23.84
N ARG C 572 -39.23 12.35 23.58
CA ARG C 572 -38.84 13.21 22.46
C ARG C 572 -37.84 14.28 22.87
N GLN C 573 -37.60 14.44 24.18
CA GLN C 573 -36.71 15.48 24.68
C GLN C 573 -35.24 15.20 24.43
N LEU C 574 -34.92 14.13 23.68
CA LEU C 574 -33.54 13.83 23.35
C LEU C 574 -33.29 13.66 21.86
N LEU C 575 -34.32 13.67 21.02
CA LEU C 575 -34.11 13.54 19.59
C LEU C 575 -33.50 14.84 19.03
N VAL C 576 -33.28 14.85 17.73
CA VAL C 576 -32.58 15.95 17.07
C VAL C 576 -33.42 16.60 15.98
N GLU C 577 -33.76 15.85 14.93
CA GLU C 577 -34.47 16.37 13.76
C GLU C 577 -35.65 15.44 13.53
N VAL C 578 -36.77 15.74 14.19
CA VAL C 578 -37.93 14.85 14.14
C VAL C 578 -38.50 14.76 12.74
N GLU C 579 -38.15 15.69 11.85
CA GLU C 579 -38.71 15.69 10.51
C GLU C 579 -38.03 14.68 9.58
N ARG C 580 -36.86 14.17 9.94
CA ARG C 580 -36.17 13.20 9.10
C ARG C 580 -36.19 11.79 9.65
N MET C 581 -37.17 11.46 10.51
CA MET C 581 -37.42 10.08 10.89
C MET C 581 -38.75 9.65 10.29
N GLU C 582 -38.69 8.80 9.27
CA GLU C 582 -39.88 8.38 8.55
C GLU C 582 -39.64 6.99 7.98
N CYS C 583 -40.71 6.20 7.90
CA CYS C 583 -40.60 4.82 7.47
C CYS C 583 -40.94 4.68 6.00
N ALA C 584 -40.38 3.65 5.38
CA ALA C 584 -40.65 3.36 3.98
C ALA C 584 -40.83 1.87 3.70
N THR C 585 -40.84 1.01 4.70
CA THR C 585 -40.94 -0.42 4.47
C THR C 585 -42.32 -0.79 3.92
N PRO C 586 -43.43 -0.42 4.59
CA PRO C 586 -44.74 -0.61 3.94
C PRO C 586 -44.95 0.40 2.83
N SER C 587 -45.45 -0.06 1.69
CA SER C 587 -45.57 0.81 0.52
C SER C 587 -46.45 2.02 0.79
N ASP C 588 -47.51 1.85 1.57
CA ASP C 588 -48.40 2.96 1.86
C ASP C 588 -47.72 4.00 2.75
N LYS C 589 -47.15 3.56 3.87
CA LYS C 589 -46.47 4.44 4.82
C LYS C 589 -45.08 4.73 4.27
N GLN C 590 -44.96 5.82 3.51
CA GLN C 590 -43.69 6.20 2.90
C GLN C 590 -43.50 7.70 3.03
N GLY C 591 -42.32 8.09 3.50
CA GLY C 591 -42.02 9.50 3.68
C GLY C 591 -42.79 10.18 4.78
N MET C 592 -43.67 9.46 5.48
CA MET C 592 -44.48 10.03 6.54
C MET C 592 -43.71 10.01 7.84
N PRO C 593 -43.54 11.15 8.52
CA PRO C 593 -42.77 11.15 9.77
C PRO C 593 -43.34 10.18 10.79
N VAL C 594 -42.45 9.64 11.62
CA VAL C 594 -42.83 8.55 12.51
C VAL C 594 -43.69 9.05 13.66
N LEU C 595 -43.16 9.98 14.45
CA LEU C 595 -43.88 10.47 15.63
C LEU C 595 -45.22 11.09 15.29
N SER C 596 -45.46 11.44 14.03
CA SER C 596 -46.75 12.00 13.63
C SER C 596 -47.81 10.91 13.53
N LEU C 597 -47.53 9.86 12.78
CA LEU C 597 -48.51 8.82 12.52
C LEU C 597 -48.96 8.12 13.79
N ASN C 598 -50.21 7.66 13.78
CA ASN C 598 -50.77 6.84 14.86
C ASN C 598 -51.33 5.56 14.23
N ILE C 599 -51.12 4.44 14.90
CA ILE C 599 -51.38 3.13 14.30
C ILE C 599 -52.52 2.42 15.01
N THR C 600 -53.25 1.61 14.25
CA THR C 600 -54.28 0.72 14.78
C THR C 600 -53.63 -0.60 15.19
N CYS C 601 -54.48 -1.56 15.59
CA CYS C 601 -54.05 -2.83 16.18
C CYS C 601 -53.55 -2.53 17.59
N GLN D 1 -26.94 32.29 -25.48
CA GLN D 1 -25.58 32.70 -25.16
C GLN D 1 -24.75 32.90 -26.42
N LYS D 2 -23.58 33.49 -26.26
CA LYS D 2 -22.67 33.71 -27.38
C LYS D 2 -21.62 32.61 -27.43
N GLN D 3 -21.09 32.37 -28.63
CA GLN D 3 -20.13 31.31 -28.86
C GLN D 3 -18.73 31.89 -28.99
N TYR D 4 -17.84 31.50 -28.08
CA TYR D 4 -16.45 31.96 -28.10
C TYR D 4 -15.57 30.85 -28.66
N TRP D 5 -15.08 31.04 -29.88
CA TRP D 5 -14.18 30.08 -30.50
C TRP D 5 -12.74 30.37 -30.11
N VAL D 6 -11.90 29.34 -30.16
CA VAL D 6 -10.50 29.51 -29.78
C VAL D 6 -9.57 29.10 -30.93
N CYS D 7 -9.59 27.83 -31.31
CA CYS D 7 -8.69 27.34 -32.35
C CYS D 7 -9.21 26.02 -32.89
N ASN D 8 -8.58 25.58 -33.98
CA ASN D 8 -8.91 24.32 -34.63
C ASN D 8 -7.64 23.55 -34.92
N SER D 9 -7.70 22.23 -34.77
CA SER D 9 -6.62 21.34 -35.16
C SER D 9 -7.17 20.23 -36.04
N SER D 10 -6.33 19.24 -36.31
CA SER D 10 -6.79 18.06 -37.05
C SER D 10 -7.82 17.28 -36.27
N ASP D 11 -7.74 17.27 -34.94
CA ASP D 11 -8.69 16.52 -34.12
C ASP D 11 -9.14 17.27 -32.88
N ALA D 12 -9.31 18.59 -32.95
CA ALA D 12 -9.79 19.36 -31.81
C ALA D 12 -10.55 20.58 -32.30
N SER D 13 -11.62 20.92 -31.58
CA SER D 13 -12.49 22.03 -31.93
C SER D 13 -12.89 22.80 -30.68
N ILE D 14 -11.91 23.10 -29.82
CA ILE D 14 -12.19 23.73 -28.53
C ILE D 14 -13.07 24.96 -28.69
N SER D 15 -13.98 25.15 -27.74
CA SER D 15 -14.80 26.35 -27.65
C SER D 15 -15.29 26.48 -26.21
N TYR D 16 -15.88 27.63 -25.90
CA TYR D 16 -16.34 27.84 -24.53
C TYR D 16 -17.37 28.95 -24.47
N THR D 17 -18.16 28.91 -23.40
CA THR D 17 -19.17 29.92 -23.09
C THR D 17 -19.18 30.16 -21.59
N TYR D 18 -20.05 31.07 -21.15
CA TYR D 18 -20.21 31.37 -19.73
C TYR D 18 -21.19 30.39 -19.10
N CYS D 19 -21.05 30.20 -17.78
CA CYS D 19 -21.96 29.33 -17.05
C CYS D 19 -22.93 30.13 -16.18
N ASP D 20 -22.41 31.02 -15.35
CA ASP D 20 -23.21 31.72 -14.36
C ASP D 20 -23.57 33.11 -14.89
N LYS D 21 -24.19 33.93 -14.02
CA LYS D 21 -24.74 35.20 -14.48
C LYS D 21 -23.66 36.25 -14.68
N MET D 22 -22.65 36.28 -13.82
CA MET D 22 -21.56 37.22 -14.00
C MET D 22 -20.84 36.96 -15.32
N GLN D 23 -20.52 38.03 -16.03
CA GLN D 23 -19.98 37.94 -17.38
C GLN D 23 -18.78 38.87 -17.54
N TYR D 24 -17.87 38.82 -16.59
CA TYR D 24 -16.64 39.60 -16.69
C TYR D 24 -15.77 39.04 -17.81
N PRO D 25 -15.41 39.83 -18.81
CA PRO D 25 -14.68 39.28 -19.95
C PRO D 25 -13.30 38.75 -19.57
N ILE D 26 -12.70 38.03 -20.50
CA ILE D 26 -11.42 37.37 -20.31
C ILE D 26 -10.87 37.03 -21.69
N SER D 27 -9.55 36.86 -21.78
CA SER D 27 -8.93 36.50 -23.06
C SER D 27 -7.94 35.37 -22.85
N ILE D 28 -8.13 34.29 -23.60
CA ILE D 28 -7.32 33.08 -23.50
C ILE D 28 -6.86 32.70 -24.90
N ASN D 29 -5.63 32.19 -25.01
CA ASN D 29 -5.11 31.66 -26.26
C ASN D 29 -4.11 30.55 -25.97
N VAL D 30 -4.00 29.61 -26.90
CA VAL D 30 -3.09 28.49 -26.79
C VAL D 30 -2.38 28.33 -28.12
N ASN D 31 -1.07 28.05 -28.06
CA ASN D 31 -0.31 27.82 -29.29
C ASN D 31 0.74 26.74 -29.07
N PRO D 32 0.76 25.69 -29.91
CA PRO D 32 -0.20 25.51 -31.00
C PRO D 32 -1.49 24.83 -30.54
N CYS D 33 -2.50 24.80 -31.40
CA CYS D 33 -3.78 24.23 -31.04
C CYS D 33 -3.61 22.77 -30.61
N ILE D 34 -4.27 22.43 -29.50
CA ILE D 34 -4.06 21.14 -28.85
C ILE D 34 -4.51 20.01 -29.77
N GLU D 35 -3.73 18.93 -29.79
CA GLU D 35 -4.15 17.66 -30.38
C GLU D 35 -4.35 16.70 -29.22
N LEU D 36 -5.50 16.04 -29.17
CA LEU D 36 -5.86 15.22 -28.01
C LEU D 36 -5.12 13.87 -28.07
N LYS D 37 -3.80 13.99 -28.19
CA LYS D 37 -2.93 12.83 -28.31
C LYS D 37 -1.63 13.02 -27.52
N GLY D 38 -1.49 14.13 -26.80
CA GLY D 38 -0.23 14.47 -26.17
C GLY D 38 0.48 15.56 -26.95
N SER D 39 0.53 16.76 -26.40
CA SER D 39 1.12 17.89 -27.09
C SER D 39 1.98 18.68 -26.13
N LYS D 40 2.41 19.86 -26.60
CA LYS D 40 3.26 20.75 -25.83
C LYS D 40 3.15 22.15 -26.43
N GLY D 41 3.05 23.16 -25.58
CA GLY D 41 2.93 24.51 -26.10
C GLY D 41 2.80 25.53 -24.99
N LEU D 42 2.37 26.73 -25.38
CA LEU D 42 2.25 27.88 -24.51
C LEU D 42 0.80 28.33 -24.43
N LEU D 43 0.46 28.99 -23.32
CA LEU D 43 -0.89 29.43 -23.02
C LEU D 43 -0.82 30.86 -22.54
N HIS D 44 -1.44 31.77 -23.30
CA HIS D 44 -1.43 33.19 -23.00
C HIS D 44 -2.78 33.59 -22.42
N ILE D 45 -2.74 34.35 -21.32
CA ILE D 45 -3.94 34.70 -20.58
C ILE D 45 -3.87 36.19 -20.24
N PHE D 46 -4.97 36.90 -20.48
CA PHE D 46 -5.11 38.30 -20.09
C PHE D 46 -6.47 38.50 -19.44
N TYR D 47 -6.47 39.13 -18.26
CA TYR D 47 -7.64 39.17 -17.39
C TYR D 47 -7.51 40.35 -16.45
N ILE D 48 -8.63 40.74 -15.85
CA ILE D 48 -8.68 41.79 -14.84
C ILE D 48 -9.57 41.32 -13.70
N PRO D 49 -9.00 40.82 -12.61
CA PRO D 49 -9.83 40.20 -11.57
C PRO D 49 -10.74 41.19 -10.87
N ARG D 50 -11.60 40.64 -10.02
CA ARG D 50 -12.48 41.43 -9.17
C ARG D 50 -12.37 41.06 -7.71
N ARG D 51 -11.59 40.03 -7.38
CA ARG D 51 -11.29 39.67 -6.01
C ARG D 51 -9.82 39.32 -5.92
N ASP D 52 -9.33 39.25 -4.69
CA ASP D 52 -7.92 38.93 -4.47
C ASP D 52 -7.65 37.49 -4.86
N LEU D 53 -6.99 37.29 -5.99
CA LEU D 53 -6.65 35.94 -6.42
C LEU D 53 -5.48 35.43 -5.58
N LYS D 54 -5.76 35.18 -4.31
CA LYS D 54 -4.81 34.64 -3.35
C LYS D 54 -5.35 33.32 -2.82
N GLN D 55 -4.44 32.38 -2.57
CA GLN D 55 -4.76 30.97 -2.31
C GLN D 55 -5.93 30.51 -3.18
N LEU D 56 -5.75 30.72 -4.49
CA LEU D 56 -6.75 30.31 -5.48
C LEU D 56 -6.73 28.80 -5.63
N TYR D 57 -7.85 28.25 -6.09
CA TYR D 57 -7.86 26.86 -6.53
C TYR D 57 -9.06 26.63 -7.44
N PHE D 58 -9.14 25.40 -7.93
CA PHE D 58 -10.04 25.04 -9.01
C PHE D 58 -10.84 23.80 -8.65
N ASN D 59 -12.12 23.80 -9.01
CA ASN D 59 -12.97 22.63 -9.00
C ASN D 59 -13.39 22.30 -10.43
N LEU D 60 -13.40 21.02 -10.74
CA LEU D 60 -13.60 20.56 -12.11
C LEU D 60 -14.65 19.47 -12.14
N TYR D 61 -15.68 19.68 -12.97
CA TYR D 61 -16.76 18.72 -13.18
C TYR D 61 -16.68 18.25 -14.63
N ILE D 62 -16.32 16.99 -14.84
CA ILE D 62 -16.05 16.50 -16.18
C ILE D 62 -17.25 15.69 -16.66
N THR D 63 -17.35 15.52 -17.98
CA THR D 63 -18.44 14.78 -18.60
C THR D 63 -17.94 14.15 -19.89
N VAL D 64 -17.94 12.83 -19.93
CA VAL D 64 -17.51 12.08 -21.11
C VAL D 64 -18.73 11.54 -21.83
N ASN D 65 -19.23 12.28 -22.80
CA ASN D 65 -20.40 11.95 -23.61
C ASN D 65 -21.51 11.34 -22.76
N THR D 66 -21.98 12.14 -21.80
CA THR D 66 -23.10 11.91 -20.89
C THR D 66 -22.76 10.97 -19.73
N MET D 67 -21.49 10.66 -19.49
CA MET D 67 -21.09 9.93 -18.29
C MET D 67 -20.25 10.84 -17.41
N ASN D 68 -20.79 11.17 -16.23
CA ASN D 68 -20.08 12.04 -15.31
C ASN D 68 -18.83 11.36 -14.77
N LEU D 69 -18.07 12.11 -13.98
CA LEU D 69 -16.85 11.66 -13.34
C LEU D 69 -16.83 12.26 -11.94
N PRO D 70 -15.90 11.82 -11.09
CA PRO D 70 -15.73 12.50 -9.80
C PRO D 70 -15.29 13.94 -9.98
N LYS D 71 -15.29 14.69 -8.88
CA LYS D 71 -14.95 16.10 -8.92
C LYS D 71 -13.48 16.29 -8.64
N ARG D 72 -12.80 17.03 -9.51
CA ARG D 72 -11.36 17.24 -9.38
C ARG D 72 -11.08 18.56 -8.67
N LYS D 73 -10.06 18.57 -7.84
CA LYS D 73 -9.70 19.74 -7.04
C LYS D 73 -8.21 20.02 -7.23
N GLU D 74 -7.89 21.18 -7.79
CA GLU D 74 -6.51 21.56 -8.10
C GLU D 74 -6.13 22.80 -7.30
N VAL D 75 -5.07 22.70 -6.51
CA VAL D 75 -4.55 23.84 -5.77
C VAL D 75 -3.49 24.50 -6.64
N ILE D 76 -3.77 25.73 -7.09
CA ILE D 76 -2.84 26.45 -7.97
C ILE D 76 -1.67 27.00 -7.18
N CYS D 77 -1.95 27.92 -6.24
CA CYS D 77 -0.92 28.44 -5.37
C CYS D 77 -1.51 28.62 -3.98
N ARG D 78 -0.70 28.39 -2.96
CA ARG D 78 -1.19 28.27 -1.59
C ARG D 78 -0.20 28.90 -0.63
N GLY D 79 -0.73 29.36 0.49
CA GLY D 79 0.13 29.84 1.57
C GLY D 79 1.03 30.98 1.14
N SER D 80 2.29 30.88 1.52
CA SER D 80 3.30 31.87 1.21
C SER D 80 4.36 31.28 0.28
N ASP D 81 5.07 32.17 -0.41
CA ASP D 81 6.19 31.80 -1.29
C ASP D 81 5.73 30.81 -2.36
N ASP D 82 4.83 31.31 -3.20
CA ASP D 82 4.21 30.49 -4.23
C ASP D 82 5.09 30.41 -5.48
N ASP D 83 4.82 29.40 -6.29
CA ASP D 83 5.62 29.19 -7.50
C ASP D 83 5.29 30.22 -8.58
N TYR D 84 4.01 30.56 -8.73
CA TYR D 84 3.57 31.46 -9.78
C TYR D 84 3.69 32.91 -9.32
N SER D 85 3.94 33.80 -10.29
CA SER D 85 4.11 35.21 -9.96
C SER D 85 2.79 35.95 -9.83
N PHE D 86 1.81 35.61 -10.67
CA PHE D 86 0.61 36.44 -10.78
C PHE D 86 -0.30 36.36 -9.57
N CYS D 87 -0.18 35.33 -8.74
CA CYS D 87 -1.20 35.06 -7.73
C CYS D 87 -0.94 35.80 -6.43
N ARG D 88 -0.24 36.93 -6.50
CA ARG D 88 -0.18 37.89 -5.41
C ARG D 88 -0.81 39.23 -5.78
N ALA D 89 -1.59 39.27 -6.85
CA ALA D 89 -2.19 40.52 -7.32
C ALA D 89 -3.40 40.89 -6.45
N LEU D 90 -3.97 42.04 -6.76
CA LEU D 90 -5.13 42.58 -6.06
C LEU D 90 -6.23 42.92 -7.04
N LYS D 91 -7.34 43.44 -6.52
CA LYS D 91 -8.45 43.85 -7.37
C LYS D 91 -8.01 44.98 -8.29
N GLY D 92 -8.64 45.05 -9.46
CA GLY D 92 -8.36 46.09 -10.43
C GLY D 92 -7.03 46.00 -11.14
N GLU D 93 -6.10 45.16 -10.66
CA GLU D 93 -4.78 45.06 -11.25
C GLU D 93 -4.80 44.06 -12.40
N THR D 94 -4.37 44.50 -13.57
CA THR D 94 -4.39 43.64 -14.75
C THR D 94 -3.42 42.48 -14.60
N VAL D 95 -3.86 41.28 -14.96
CA VAL D 95 -3.01 40.10 -14.99
C VAL D 95 -2.82 39.74 -16.47
N ASN D 96 -1.58 39.47 -16.85
CA ASN D 96 -1.19 39.25 -18.24
C ASN D 96 0.01 38.33 -18.23
N THR D 97 -0.21 37.04 -18.49
CA THR D 97 0.87 36.07 -18.33
C THR D 97 0.82 35.00 -19.41
N THR D 98 1.85 34.16 -19.45
CA THR D 98 1.95 33.01 -20.34
C THR D 98 2.61 31.86 -19.59
N ILE D 99 2.07 30.66 -19.78
CA ILE D 99 2.52 29.48 -19.06
C ILE D 99 2.67 28.32 -20.03
N SER D 100 3.66 27.47 -19.80
CA SER D 100 3.93 26.34 -20.69
C SER D 100 3.26 25.07 -20.16
N PHE D 101 2.88 24.19 -21.09
CA PHE D 101 2.18 22.97 -20.74
C PHE D 101 2.54 21.86 -21.73
N SER D 102 2.38 20.62 -21.28
CA SER D 102 2.65 19.45 -22.11
C SER D 102 2.10 18.18 -21.46
N PHE D 103 1.64 17.25 -22.30
CA PHE D 103 1.10 16.00 -21.82
C PHE D 103 1.18 14.93 -22.90
N LYS D 104 1.18 13.72 -22.48
CA LYS D 104 1.14 12.59 -23.40
C LYS D 104 0.87 11.33 -22.59
N GLY D 105 0.29 10.26 -23.25
CA GLY D 105 0.20 8.95 -22.63
C GLY D 105 -1.15 8.32 -22.38
N ILE D 106 -2.20 8.83 -23.01
CA ILE D 106 -3.56 8.31 -22.82
C ILE D 106 -4.29 8.34 -24.15
N LYS D 107 -5.11 7.33 -24.40
CA LYS D 107 -5.96 7.28 -25.58
C LYS D 107 -7.38 7.66 -25.22
N PHE D 108 -7.94 8.62 -25.95
CA PHE D 108 -9.32 9.04 -25.79
C PHE D 108 -10.12 8.67 -27.02
N SER D 109 -11.32 8.13 -26.81
CA SER D 109 -12.18 7.73 -27.91
C SER D 109 -12.97 8.92 -28.41
N LYS D 110 -13.77 8.67 -29.46
CA LYS D 110 -14.62 9.72 -30.01
C LYS D 110 -15.66 10.14 -28.99
N GLY D 111 -16.14 11.37 -29.12
CA GLY D 111 -17.14 11.88 -28.20
C GLY D 111 -17.29 13.39 -28.21
N LYS D 112 -17.86 13.91 -27.13
CA LYS D 112 -18.22 15.32 -27.01
C LYS D 112 -17.82 15.82 -25.63
N TYR D 113 -16.59 15.53 -25.22
CA TYR D 113 -16.13 15.81 -23.86
C TYR D 113 -16.46 17.23 -23.45
N LYS D 114 -16.93 17.39 -22.21
CA LYS D 114 -17.35 18.70 -21.72
C LYS D 114 -16.88 18.89 -20.29
N CYS D 115 -16.52 20.11 -19.94
CA CYS D 115 -15.92 20.38 -18.64
C CYS D 115 -16.57 21.59 -18.00
N VAL D 116 -16.56 21.61 -16.67
CA VAL D 116 -17.09 22.70 -15.87
C VAL D 116 -16.01 23.17 -14.92
N VAL D 117 -15.70 24.47 -14.98
CA VAL D 117 -14.59 25.06 -14.23
C VAL D 117 -15.17 25.96 -13.16
N GLU D 118 -14.61 25.89 -11.96
CA GLU D 118 -14.99 26.79 -10.87
C GLU D 118 -13.72 27.28 -10.19
N ALA D 119 -13.47 28.58 -10.25
CA ALA D 119 -12.33 29.18 -9.58
C ALA D 119 -12.77 29.75 -8.24
N ILE D 120 -12.08 29.39 -7.18
CA ILE D 120 -12.37 29.89 -5.85
C ILE D 120 -11.13 30.60 -5.33
N SER D 121 -11.34 31.70 -4.60
CA SER D 121 -10.22 32.49 -4.11
C SER D 121 -10.68 33.35 -2.94
N GLY D 122 -9.77 34.20 -2.47
CA GLY D 122 -10.07 35.14 -1.41
C GLY D 122 -9.96 34.53 -0.03
N SER D 123 -9.77 35.41 0.95
CA SER D 123 -9.71 35.03 2.36
C SER D 123 -11.08 34.59 2.88
N PRO D 124 -12.19 35.17 2.41
CA PRO D 124 -13.50 34.56 2.68
C PRO D 124 -13.91 33.49 1.68
N GLU D 125 -13.07 33.17 0.69
CA GLU D 125 -13.27 32.05 -0.22
C GLU D 125 -14.58 32.15 -0.99
N GLU D 126 -14.66 33.16 -1.85
CA GLU D 126 -15.76 33.28 -2.80
C GLU D 126 -15.30 32.84 -4.19
N MET D 127 -16.29 32.60 -5.04
CA MET D 127 -16.01 32.24 -6.43
C MET D 127 -15.52 33.46 -7.19
N LEU D 128 -14.74 33.22 -8.23
CA LEU D 128 -14.14 34.28 -9.02
C LEU D 128 -14.76 34.36 -10.41
N PHE D 129 -14.89 33.22 -11.08
CA PHE D 129 -15.54 33.15 -12.38
C PHE D 129 -15.85 31.68 -12.67
N CYS D 130 -16.42 31.43 -13.84
CA CYS D 130 -16.90 30.11 -14.21
C CYS D 130 -17.12 30.05 -15.71
N LEU D 131 -16.72 28.95 -16.33
CA LEU D 131 -16.80 28.79 -17.77
C LEU D 131 -17.20 27.37 -18.13
N GLU D 132 -17.63 27.18 -19.38
CA GLU D 132 -18.05 25.89 -19.89
C GLU D 132 -17.33 25.61 -21.20
N PHE D 133 -16.58 24.50 -21.24
CA PHE D 133 -15.76 24.14 -22.38
C PHE D 133 -16.44 23.05 -23.20
N VAL D 134 -16.14 23.02 -24.49
CA VAL D 134 -16.63 22.01 -25.40
C VAL D 134 -15.48 21.61 -26.31
N ILE D 135 -15.22 20.30 -26.38
CA ILE D 135 -14.11 19.74 -27.14
C ILE D 135 -14.63 18.56 -27.94
N LEU D 136 -14.69 18.70 -29.25
CA LEU D 136 -14.96 17.54 -30.08
C LEU D 136 -13.68 16.74 -30.26
N HIS D 137 -13.81 15.54 -30.81
CA HIS D 137 -12.65 14.69 -31.06
C HIS D 137 -13.03 13.63 -32.08
N GLN D 138 -12.38 13.68 -33.25
CA GLN D 138 -12.58 12.68 -34.30
C GLN D 138 -11.22 12.26 -34.81
N PRO D 139 -10.64 11.19 -34.25
CA PRO D 139 -9.31 10.75 -34.69
C PRO D 139 -9.26 10.50 -36.19
N ASN D 140 -8.46 11.31 -36.88
CA ASN D 140 -8.37 11.36 -38.35
C ASN D 140 -9.65 10.94 -39.07
C1 NAG E . -19.36 -17.64 -4.29
C2 NAG E . -19.26 -19.15 -4.48
C3 NAG E . -18.98 -19.84 -3.15
C4 NAG E . -17.74 -19.23 -2.50
C5 NAG E . -17.90 -17.72 -2.38
C6 NAG E . -16.66 -17.04 -1.87
C7 NAG E . -20.50 -20.29 -6.28
C8 NAG E . -21.83 -20.77 -6.75
N2 NAG E . -20.48 -19.68 -5.08
O3 NAG E . -18.78 -21.22 -3.38
O4 NAG E . -17.54 -19.79 -1.21
O5 NAG E . -18.16 -17.16 -3.68
O6 NAG E . -16.88 -16.48 -0.57
O7 NAG E . -19.48 -20.45 -6.93
C1 NAG E . -16.99 -20.67 -0.30
C2 NAG E . -16.41 -20.30 1.07
C3 NAG E . -15.61 -21.45 1.63
C4 NAG E . -16.44 -22.74 1.63
C5 NAG E . -16.99 -22.99 0.24
C6 NAG E . -17.91 -24.19 0.19
C7 NAG E . -14.52 -18.95 0.25
C8 NAG E . -13.83 -17.62 0.34
N2 NAG E . -15.61 -19.08 1.00
O3 NAG E . -15.20 -21.15 2.97
O4 NAG E . -15.63 -23.84 2.03
O5 NAG E . -17.75 -21.87 -0.21
O6 NAG E . -18.78 -24.21 1.31
O7 NAG E . -14.10 -19.84 -0.48
C1 BMA E . -15.93 -24.34 3.28
C2 BMA E . -16.23 -25.79 2.91
C3 BMA E . -16.62 -26.58 4.15
C4 BMA E . -15.61 -26.36 5.29
C5 BMA E . -15.44 -24.87 5.55
C6 BMA E . -14.41 -24.58 6.63
O2 BMA E . -15.08 -26.42 2.37
O3 BMA E . -16.74 -27.97 3.87
O4 BMA E . -16.07 -27.01 6.47
O5 BMA E . -14.99 -24.24 4.33
O6 BMA E . -13.17 -25.13 6.22
C1 NAG F . -24.07 -22.75 -2.51
C2 NAG F . -23.84 -23.34 -3.89
C3 NAG F . -22.73 -24.38 -3.84
C4 NAG F . -21.48 -23.78 -3.23
C5 NAG F . -21.83 -23.23 -1.85
C6 NAG F . -20.67 -22.53 -1.18
C7 NAG F . -25.23 -24.18 -5.72
C8 NAG F . -26.53 -24.78 -6.11
N2 NAG F . -25.06 -23.93 -4.42
O3 NAG F . -22.47 -24.85 -5.15
O4 NAG F . -20.45 -24.75 -3.16
O5 NAG F . -22.86 -22.25 -1.99
O6 NAG F . -21.11 -21.65 -0.15
O7 NAG F . -24.35 -23.94 -6.56
C1 NAG F . -19.56 -25.21 -4.12
C2 NAG F . -19.43 -25.26 -5.65
C3 NAG F . -18.24 -26.12 -6.05
C4 NAG F . -16.98 -25.66 -5.34
C5 NAG F . -17.21 -25.64 -3.84
C6 NAG F . -16.03 -25.09 -3.07
C7 NAG F . -20.91 -25.57 -7.58
C8 NAG F . -22.22 -26.12 -8.06
N2 NAG F . -20.65 -25.73 -6.27
O3 NAG F . -18.06 -26.06 -7.45
O4 NAG F . -15.90 -26.54 -5.65
O5 NAG F . -18.32 -24.79 -3.52
O6 NAG F . -15.42 -24.01 -3.76
O7 NAG F . -20.13 -24.99 -8.33
C1 BMA F . -15.06 -27.03 -6.63
C2 BMA F . -15.06 -26.60 -8.12
C3 BMA F . -13.64 -26.59 -8.69
C4 BMA F . -12.64 -25.94 -7.72
C5 BMA F . -12.74 -26.63 -6.36
C6 BMA F . -11.74 -26.09 -5.35
O2 BMA F . -15.54 -25.27 -8.26
O3 BMA F . -13.58 -25.95 -9.95
O4 BMA F . -11.32 -26.07 -8.22
O5 BMA F . -14.06 -26.40 -5.86
O6 BMA F . -10.43 -26.22 -5.88
C1 NAG G . 13.24 -24.56 36.83
C2 NAG G . 13.54 -25.25 38.15
C3 NAG G . 12.25 -25.76 38.78
C4 NAG G . 11.25 -24.62 38.93
C5 NAG G . 11.03 -23.94 37.58
C6 NAG G . 10.14 -22.73 37.66
C7 NAG G . 15.53 -26.55 38.77
C8 NAG G . 16.40 -27.72 38.43
N2 NAG G . 14.49 -26.34 37.96
O3 NAG G . 12.54 -26.33 40.05
O4 NAG G . 10.01 -25.11 39.43
O5 NAG G . 12.30 -23.50 37.05
O6 NAG G . 10.69 -21.74 38.53
O7 NAG G . 15.75 -25.83 39.74
C1 NAG G . 9.47 -24.75 40.63
C2 NAG G . 8.20 -25.19 41.34
C3 NAG G . 8.14 -24.62 42.76
C4 NAG G . 9.41 -24.97 43.52
C5 NAG G . 10.64 -24.54 42.73
C6 NAG G . 11.94 -24.96 43.37
C7 NAG G . 6.58 -25.42 39.50
C8 NAG G . 5.36 -24.85 38.84
N2 NAG G . 7.02 -24.78 40.58
O3 NAG G . 7.01 -25.15 43.43
O4 NAG G . 9.42 -24.32 44.78
O5 NAG G . 10.61 -25.13 41.42
O6 NAG G . 12.09 -26.37 43.36
O7 NAG G . 7.16 -26.40 39.05
C1 NAG H . -13.35 24.21 -36.65
C2 NAG H . -13.92 24.85 -37.91
C3 NAG H . -15.44 24.86 -37.85
C4 NAG H . -15.96 23.45 -37.62
C5 NAG H . -15.32 22.85 -36.37
C6 NAG H . -15.71 21.42 -36.14
C7 NAG H . -12.97 26.67 -39.25
C8 NAG H . -12.47 28.08 -39.24
N2 NAG H . -13.40 26.20 -38.08
O3 NAG H . -15.95 25.38 -39.07
O4 NAG H . -17.38 23.46 -37.48
O5 NAG H . -13.90 22.89 -36.50
O6 NAG H . -15.32 20.59 -37.23
O7 NAG H . -12.97 25.99 -40.27
C1 NAG H . -18.25 22.85 -38.34
C2 NAG H . -19.77 22.79 -38.37
C3 NAG H . -20.27 22.12 -39.65
C4 NAG H . -19.66 22.80 -40.87
C5 NAG H . -18.14 22.85 -40.74
C6 NAG H . -17.48 23.62 -41.86
C7 NAG H . -20.37 22.64 -35.99
C8 NAG H . -20.91 21.76 -34.90
N2 NAG H . -20.28 22.07 -37.19
O3 NAG H . -21.69 22.19 -39.70
O4 NAG H . -20.00 22.08 -42.04
O5 NAG H . -17.78 23.51 -39.52
O6 NAG H . -17.82 24.99 -41.81
O7 NAG H . -20.02 23.79 -35.77
C1 NAG I . -19.61 10.69 13.91
C2 NAG I . -19.96 12.16 14.14
C3 NAG I . -20.54 12.77 12.87
C4 NAG I . -19.59 12.54 11.69
C5 NAG I . -19.26 11.06 11.57
C6 NAG I . -18.23 10.77 10.51
C7 NAG I . -20.58 13.00 16.36
C8 NAG I . -21.64 13.07 17.39
N2 NAG I . -20.87 12.32 15.25
O3 NAG I . -20.73 14.17 13.06
O4 NAG I . -20.18 13.00 10.49
O5 NAG I . -18.72 10.57 12.80
O6 NAG I . -18.80 10.05 9.42
O7 NAG I . -19.49 13.55 16.50
C1 NAG I . -20.40 13.92 9.49
C2 NAG I . -20.40 13.63 7.99
C3 NAG I . -20.38 14.93 7.19
C4 NAG I . -21.49 15.85 7.64
C5 NAG I . -21.42 16.06 9.15
C6 NAG I . -22.57 16.88 9.68
C7 NAG I . -18.01 13.05 7.78
C8 NAG I . -17.04 12.01 7.32
N2 NAG I . -19.31 12.75 7.61
O3 NAG I . -20.52 14.64 5.81
O4 NAG I . -21.37 17.12 6.99
O5 NAG I . -21.49 14.79 9.81
O6 NAG I . -23.80 16.51 9.07
O7 NAG I . -17.65 14.11 8.30
C1 BMA I . -22.32 17.37 6.04
C2 BMA I . -22.90 18.67 6.60
C3 BMA I . -24.04 19.16 5.71
C4 BMA I . -23.62 19.18 4.23
C5 BMA I . -23.09 17.80 3.83
C6 BMA I . -22.62 17.76 2.39
O2 BMA I . -21.92 19.69 6.60
O3 BMA I . -24.48 20.46 6.10
O4 BMA I . -24.74 19.52 3.42
O5 BMA I . -21.99 17.48 4.68
O6 BMA I . -21.58 18.72 2.24
C1 NAG J . -26.04 13.78 14.75
C2 NAG J . -25.44 14.55 15.91
C3 NAG J . -24.88 15.88 15.43
C4 NAG J . -23.90 15.67 14.29
C5 NAG J . -24.61 14.90 13.19
C6 NAG J . -23.71 14.55 12.03
C7 NAG J . -26.06 15.06 18.22
C8 NAG J . -27.18 15.25 19.19
N2 NAG J . -26.40 14.75 16.97
O3 NAG J . -24.25 16.54 16.52
O4 NAG J . -23.41 16.91 13.83
O5 NAG J . -25.09 13.66 13.72
O6 NAG J . -24.23 13.48 11.25
O7 NAG J . -24.88 15.21 18.56
C1 NAG J . -22.41 17.72 14.33
C2 NAG J . -21.63 17.96 15.63
C3 NAG J . -20.75 19.21 15.51
C4 NAG J . -19.86 19.11 14.28
C5 NAG J . -20.70 18.86 13.04
C6 NAG J . -19.87 18.66 11.80
C7 NAG J . -22.12 17.96 18.03
C8 NAG J . -23.18 18.10 19.08
N2 NAG J . -22.53 18.07 16.76
O3 NAG J . -19.97 19.34 16.68
O4 NAG J . -19.12 20.32 14.13
O5 NAG J . -21.49 17.68 13.21
O6 NAG J . -18.70 17.91 12.08
O7 NAG J . -20.95 17.74 18.32
C1 BMA J . -18.16 21.15 14.67
C2 BMA J . -17.35 20.89 15.97
C3 BMA J . -15.92 21.41 15.84
C4 BMA J . -15.29 21.02 14.49
C5 BMA J . -16.20 21.51 13.36
C6 BMA J . -15.64 21.21 11.98
O2 BMA J . -17.24 19.50 16.23
O3 BMA J . -15.10 20.94 16.91
O4 BMA J . -14.01 21.62 14.36
O5 BMA J . -17.44 20.81 13.50
O6 BMA J . -14.36 21.83 11.88
C1 GP4 K . 14.65 -12.11 10.02
C2 GP4 K . 13.78 -13.36 9.80
C3 GP4 K . 14.52 -14.43 9.01
C4 GP4 K . 15.15 -13.84 7.79
C5 GP4 K . 16.05 -12.69 8.17
C6 GP4 K . 16.75 -12.12 6.94
N2 GP4 K . 13.37 -13.93 11.15
O3 GP4 K . 13.62 -15.47 8.65
O4 GP4 K . 15.90 -14.84 7.12
O6 GP4 K . 17.60 -11.04 7.35
O5 GP4 K . 15.26 -11.67 8.78
O7A GP4 K . 13.79 -15.89 5.73
P4A GP4 K . 15.29 -15.10 5.59
O8A GP4 K . 16.31 -16.08 4.76
O9A GP4 K . 15.13 -13.65 4.75
C1 NAG L . 15.78 -40.17 -20.80
C2 NAG L . 14.48 -39.41 -20.53
C3 NAG L . 13.51 -39.58 -21.71
C4 NAG L . 14.20 -39.18 -23.01
C5 NAG L . 15.49 -39.96 -23.18
C6 NAG L . 16.29 -39.55 -24.40
C7 NAG L . 13.02 -39.10 -18.58
C8 NAG L . 12.47 -39.74 -17.33
N2 NAG L . 13.86 -39.86 -19.30
O3 NAG L . 12.37 -38.76 -21.49
O4 NAG L . 13.34 -39.46 -24.11
O5 NAG L . 16.35 -39.74 -22.04
O6 NAG L . 15.46 -39.48 -25.55
O7 NAG L . 12.71 -37.98 -18.93
C1 NAG M . -17.26 -13.26 -28.44
C2 NAG M . -18.29 -14.04 -29.24
C3 NAG M . -18.02 -13.92 -30.74
C4 NAG M . -17.90 -12.45 -31.14
C5 NAG M . -16.89 -11.73 -30.24
C6 NAG M . -16.83 -10.24 -30.50
C7 NAG M . -17.32 -16.29 -28.96
C8 NAG M . -17.58 -17.70 -28.48
N2 NAG M . -18.34 -15.44 -28.84
O3 NAG M . -19.06 -14.54 -31.47
O4 NAG M . -17.48 -12.35 -32.49
O5 NAG M . -17.25 -11.90 -28.87
O6 NAG M . -17.56 -9.53 -29.51
O7 NAG M . -16.23 -15.96 -29.43
C1 NAG N . 24.10 -37.36 16.28
C2 NAG N . 24.28 -38.44 17.33
C3 NAG N . 25.41 -38.08 18.30
C4 NAG N . 26.68 -37.78 17.52
C5 NAG N . 26.42 -36.73 16.45
C6 NAG N . 27.61 -36.48 15.56
C7 NAG N . 22.73 -39.82 18.67
C8 NAG N . 21.42 -39.85 19.38
N2 NAG N . 23.03 -38.66 18.06
O3 NAG N . 25.63 -39.15 19.20
O4 NAG N . 27.69 -37.30 18.40
O5 NAG N . 25.34 -37.17 15.60
O6 NAG N . 28.83 -36.59 16.29
O7 NAG N . 23.50 -40.77 18.66
C1 2IL O . 14.36 -10.70 16.20
C2 2IL O . 12.94 -10.51 16.71
O2 2IL O . 15.29 -10.85 17.05
C3 2IL O . 11.91 -11.07 15.73
O3 2IL O . 10.97 -10.07 15.47
C4 2IL O . 11.20 -12.26 16.33
O4 2IL O . 10.30 -10.89 13.51
C5 2IL O . 10.48 -11.87 17.60
C6 2IL O . 9.62 -13.04 18.06
C7 2IL O . 10.51 -14.21 18.43
C8 2IL O . 9.67 -15.28 19.13
C9 2IL O . 10.61 -16.11 19.98
C10 2IL O . 9.82 -17.20 20.71
C11 2IL O . 10.64 -17.71 21.88
C12 2IL O . 10.47 -19.22 21.95
C13 2IL O . 9.94 -19.59 23.34
C14 2IL O . 9.30 -20.96 23.25
C15 2IL O . 9.98 -10.46 14.57
C16 2IL O . 8.51 -10.31 14.93
C17 2IL O . 7.62 -11.10 13.97
C18 2IL O . 6.34 -11.46 14.69
C19 2IL O . 6.68 -12.37 15.86
C20 2IL O . 5.41 -12.89 16.53
C21 2IL O . 5.79 -13.94 17.57
C22 2IL O . 5.12 -13.64 18.91
C23 2IL O . 4.86 -14.95 19.62
C24 2IL O . 5.14 -14.82 21.12
C25 2IL O . 5.05 -16.19 21.77
C26 2IL O . 5.58 -16.14 23.19
C0S 0IL P . 9.34 -24.54 15.25
C0T 0IL P . 12.05 -28.47 13.40
C1E 0IL P . 13.49 -16.65 9.77
O1E 0IL P . 14.16 -16.36 10.80
C1F 0IL P . 14.54 -19.26 12.24
O1F 0IL P . 15.10 -18.27 12.53
C1S 0IL P . 9.85 -24.94 16.63
C1T 0IL P . 12.79 -29.67 12.81
C28 0IL P . 12.35 -33.49 13.10
C2E 0IL P . 12.88 -18.02 9.42
O2E 0IL P . 14.07 -19.44 10.93
C2F 0IL P . 14.31 -20.33 13.29
C2S 0IL P . 9.99 -26.45 16.69
C2T 0IL P . 11.95 -30.92 13.00
C3E 0IL P . 12.81 -18.88 10.68
C3F 0IL P . 14.99 -21.62 12.86
C3S 0IL P . 10.06 -26.88 18.15
C3T 0IL P . 12.42 -32.19 12.28
C4E 0IL P . 11.81 -20.00 10.45
C4F 0IL P . 13.97 -22.49 12.14
C4S 0IL P . 10.13 -28.41 18.22
C5E 0IL P . 10.87 -19.94 11.41
C5F 0IL P . 14.00 -23.92 12.68
C6E 0IL P . 10.25 -21.29 11.71
C6F 0IL P . 13.99 -23.91 14.21
C7E 0IL P . 9.97 -21.38 13.21
C7F 0IL P . 13.06 -25.15 14.79
C8E 0IL P . 9.42 -22.77 13.53
C8F 0IL P . 12.77 -26.10 13.63
C9E 0IL P . 9.56 -23.04 15.02
C9F 0IL P . 13.04 -27.54 14.08
C3 XIQ Q . 16.30 -11.66 13.85
C1 XIQ Q . 16.42 -11.21 11.38
C4 XIQ Q . 15.30 -10.52 13.97
C6 XIQ Q . 13.72 -9.01 12.71
C5 XIQ Q . 14.62 -10.25 12.63
C2 XIQ Q . 17.22 -11.49 12.65
C48 XIQ Q . 19.46 -10.87 12.96
O3 XIQ Q . 17.09 -11.72 15.05
O4 XIQ Q . 14.29 -10.85 14.94
O47 XIQ Q . 18.12 -10.42 12.89
O5 XIQ Q . 15.58 -10.07 11.59
O50 XIQ Q . 12.98 -9.03 13.92
OXT XIQ Q . 15.64 -12.38 11.03
C1 2IL R . 12.54 -13.36 11.96
C2 2IL R . 12.19 -13.99 13.29
O2 2IL R . 12.00 -12.30 11.63
C3 2IL R . 12.68 -15.34 13.35
O3 2IL R . 11.81 -16.20 12.62
C4 2IL R . 12.79 -15.78 14.81
O4 2IL R . 9.80 -15.41 11.74
C5 2IL R . 12.91 -17.30 14.86
C6 2IL R . 12.02 -17.82 15.97
C7 2IL R . 12.91 -18.38 17.08
C8 2IL R . 12.99 -19.90 16.96
C9 2IL R . 12.15 -20.55 18.07
C10 2IL R . 12.92 -21.71 18.68
C11 2IL R . 11.91 -22.73 19.23
C12 2IL R . 12.66 -23.91 19.85
C13 2IL R . 13.50 -23.41 21.04
C14 2IL R . 12.86 -23.90 22.34
C15 2IL R . 10.39 -16.01 12.63
C16 2IL R . 9.48 -16.37 13.80
C17 2IL R . 8.09 -16.70 13.24
C18 2IL R . 7.50 -17.84 14.06
C19 2IL R . 7.30 -17.37 15.50
C20 2IL R . 7.78 -18.45 16.45
C21 2IL R . 7.26 -18.13 17.85
C22 2IL R . 7.43 -19.35 18.75
C23 2IL R . 6.97 -20.61 18.00
C24 2IL R . 6.40 -21.60 19.01
C25 2IL R . 7.52 -22.05 19.95
C26 2IL R . 8.20 -23.29 19.36
C1 GP4 S . 3.84 15.20 -14.31
C2 GP4 S . 2.80 16.12 -13.64
C3 GP4 S . 3.42 17.43 -13.18
C4 GP4 S . 4.69 17.18 -12.41
C5 GP4 S . 5.64 16.35 -13.24
C6 GP4 S . 6.95 16.14 -12.50
N2 GP4 S . 1.67 16.40 -14.62
O3 GP4 S . 2.48 18.14 -12.38
O4 GP4 S . 5.29 18.42 -12.07
O6 GP4 S . 7.84 15.38 -13.34
O5 GP4 S . 5.04 15.09 -13.52
O7A GP4 S . 3.80 18.84 -9.82
P4A GP4 S . 5.35 18.61 -10.42
O8A GP4 S . 6.26 19.92 -10.07
O9A GP4 S . 6.09 17.25 -9.72
C1 NAG T . 9.37 44.96 14.36
C2 NAG T . 8.42 43.80 14.67
C3 NAG T . 8.08 43.75 16.16
C4 NAG T . 9.35 43.73 16.98
C5 NAG T . 10.25 44.91 16.61
C6 NAG T . 11.58 44.90 17.32
C7 NAG T . 6.45 42.85 13.56
C8 NAG T . 5.24 43.13 12.72
N2 NAG T . 7.21 43.90 13.87
O3 NAG T . 7.31 42.59 16.43
O4 NAG T . 9.03 43.82 18.38
O5 NAG T . 10.53 44.87 15.20
O6 NAG T . 11.42 44.68 18.71
O7 NAG T . 6.72 41.72 13.93
C1 NAG U . -5.78 9.63 34.26
C2 NAG U . -6.56 10.11 35.49
C3 NAG U . -5.62 10.22 36.70
C4 NAG U . -4.85 8.92 36.90
C5 NAG U . -4.17 8.49 35.61
C6 NAG U . -3.50 7.13 35.72
C7 NAG U . -6.62 12.51 34.94
C8 NAG U . -7.51 13.70 34.72
N2 NAG U . -7.23 11.36 35.24
O3 NAG U . -6.38 10.53 37.86
O4 NAG U . -3.87 9.09 37.92
O5 NAG U . -5.13 8.39 34.55
O6 NAG U . -4.30 6.12 35.12
O7 NAG U . -5.40 12.60 34.86
C1 NAG V . 0.66 41.53 -22.22
C2 NAG V . -0.03 42.53 -23.16
C3 NAG V . 0.60 42.46 -24.55
C4 NAG V . 2.11 42.67 -24.46
C5 NAG V . 2.71 41.67 -23.46
C6 NAG V . 4.19 41.90 -23.21
C7 NAG V . -2.36 43.20 -23.56
C8 NAG V . -3.79 42.75 -23.60
N2 NAG V . -1.46 42.26 -23.24
O3 NAG V . 0.03 43.47 -25.38
O4 NAG V . 2.71 42.46 -25.72
O5 NAG V . 2.06 41.81 -22.18
O6 NAG V . 4.84 42.34 -24.40
O7 NAG V . -2.03 44.34 -23.82
C1 2IL W . 1.31 13.26 -19.80
C2 2IL W . -0.05 12.58 -19.63
O2 2IL W . 1.65 13.63 -20.96
C3 2IL W . -0.64 12.84 -18.25
O3 2IL W . -0.98 11.62 -17.68
C4 2IL W . -1.90 13.70 -18.39
O4 2IL W . -0.94 12.34 -15.57
C5 2IL W . -2.94 12.99 -19.23
C6 2IL W . -4.24 13.76 -19.15
C7 2IL W . -4.04 15.12 -19.80
C8 2IL W . -5.40 15.79 -19.97
C9 2IL W . -5.28 16.82 -21.09
C10 2IL W . -6.61 17.53 -21.29
C11 2IL W . -6.62 18.17 -22.67
C12 2IL W . -7.29 19.54 -22.55
C13 2IL W . -8.46 19.59 -23.51
C14 2IL W . -9.42 20.69 -23.05
C15 2IL W . -1.53 11.74 -16.40
C16 2IL W . -2.88 11.10 -16.08
C17 2IL W . -3.44 11.64 -14.76
C18 2IL W . -4.96 11.49 -14.81
C19 2IL W . -5.49 12.36 -15.94
C20 2IL W . -7.02 12.39 -15.92
C21 2IL W . -7.50 13.41 -16.94
C22 2IL W . -8.56 12.79 -17.85
C23 2IL W . -9.52 13.88 -18.28
C24 2IL W . -9.91 13.72 -19.74
C25 2IL W . -10.73 14.93 -20.19
C26 2IL W . -10.90 14.93 -21.70
C0S 0IL X . -6.99 24.73 -15.66
C0T 0IL X . -5.19 29.48 -14.93
C1E 0IL X . 1.50 19.12 -13.23
O1E 0IL X . 1.69 18.98 -14.47
C1F 0IL X . 0.41 21.71 -15.70
O1F 0IL X . 1.07 20.93 -16.30
C1S 0IL X . -7.31 25.16 -17.09
C1T 0IL X . -4.71 30.89 -14.65
C28 0IL X . -6.45 34.33 -14.42
C2E 0IL X . 0.69 20.24 -12.54
O2E 0IL X . 0.55 21.84 -14.32
C2F 0IL X . -0.60 22.56 -16.46
C2S 0IL X . -7.72 26.63 -17.10
C2T 0IL X . -5.91 31.78 -14.35
C3E 0IL X . -0.20 20.92 -13.57
C3F 0IL X . -0.26 24.04 -16.29
C3S 0IL X . -8.45 26.94 -18.41
C3T 0IL X . -5.60 33.19 -13.82
C4E 0IL X . -1.31 21.68 -12.83
C4F 0IL X . -1.07 24.57 -15.12
C4S 0IL X . -8.92 28.39 -18.37
C5E 0IL X . -2.50 21.22 -13.27
C5F 0IL X . -1.74 25.90 -15.50
C6E 0IL X . -3.59 22.27 -13.16
C6F 0IL X . -2.45 25.75 -16.86
C7E 0IL X . -4.52 22.14 -14.36
C7F 0IL X . -3.87 26.55 -16.87
C8E 0IL X . -5.57 23.24 -14.30
C8F 0IL X . -3.91 27.46 -15.65
C9E 0IL X . -6.22 23.42 -15.67
C9F 0IL X . -4.36 28.86 -16.06
C3 XIQ Y . 3.65 14.99 -18.50
C1 XIQ Y . 5.01 14.82 -16.38
C4 XIQ Y . 3.14 13.58 -18.24
C6 XIQ Y . 2.89 11.75 -16.53
C5 XIQ Y . 3.26 13.21 -16.76
C2 XIQ Y . 5.01 15.23 -17.85
C48 XIQ Y . 6.95 15.36 -19.18
O3 XIQ Y . 3.77 15.21 -19.91
O4 XIQ Y . 1.76 13.48 -18.62
O47 XIQ Y . 6.01 14.49 -18.54
O5 XIQ Y . 4.59 13.44 -16.27
O50 XIQ Y . 1.72 11.43 -17.28
OXT XIQ Y . 4.13 15.69 -15.64
C1 2IL Z . 0.81 15.52 -15.00
C2 2IL Z . -0.29 15.90 -15.99
O2 2IL Z . 0.85 14.39 -14.55
C3 2IL Z . -0.34 17.31 -16.16
O3 2IL Z . -1.03 17.91 -15.06
C4 2IL Z . -1.05 17.64 -17.47
O4 2IL Z . -2.05 16.59 -13.44
C5 2IL Z . -1.46 19.11 -17.45
C6 2IL Z . -2.88 19.23 -18.02
C7 2IL Z . -2.81 19.95 -19.36
C8 2IL Z . -3.19 21.42 -19.17
C9 2IL Z . -4.59 21.66 -19.73
C10 2IL Z . -4.60 22.96 -20.54
C11 2IL Z . -6.02 23.54 -20.50
C12 2IL Z . -6.07 24.83 -21.30
C13 2IL Z . -5.74 24.55 -22.77
C14 2IL Z . -7.01 24.69 -23.60
C15 2IL Z . -2.16 17.27 -14.44
C16 2IL Z . -3.55 17.22 -15.05
C17 2IL Z . -4.56 17.12 -13.91
C18 2IL Z . -5.79 17.93 -14.29
C19 2IL Z . -6.45 17.29 -15.51
C20 2IL Z . -6.83 18.39 -16.49
C21 2IL Z . -7.77 17.81 -17.55
C22 2IL Z . -8.43 18.94 -18.32
C23 2IL Z . -8.90 20.03 -17.35
C24 2IL Z . -10.14 20.70 -17.92
C25 2IL Z . -9.78 21.40 -19.23
C26 2IL Z . -9.36 22.84 -18.92
#